data_7CFI
# 
_entry.id   7CFI 
# 
_audit_conform.dict_name       mmcif_pdbx.dic 
_audit_conform.dict_version    5.398 
_audit_conform.dict_location   http://mmcif.pdb.org/dictionaries/ascii/mmcif_pdbx.dic 
# 
loop_
_database_2.database_id 
_database_2.database_code 
_database_2.pdbx_database_accession 
_database_2.pdbx_DOI 
PDB   7CFI         pdb_00007cfi 10.2210/pdb7cfi/pdb 
WWPDB D_1300017517 ?            ?                   
# 
loop_
_pdbx_audit_revision_history.ordinal 
_pdbx_audit_revision_history.data_content_type 
_pdbx_audit_revision_history.major_revision 
_pdbx_audit_revision_history.minor_revision 
_pdbx_audit_revision_history.revision_date 
1 'Structure model' 1 0 2021-02-24 
2 'Structure model' 1 1 2021-03-10 
3 'Structure model' 1 2 2023-11-29 
4 'Structure model' 1 3 2024-11-06 
# 
_pdbx_audit_revision_details.ordinal             1 
_pdbx_audit_revision_details.revision_ordinal    1 
_pdbx_audit_revision_details.data_content_type   'Structure model' 
_pdbx_audit_revision_details.provider            repository 
_pdbx_audit_revision_details.type                'Initial release' 
_pdbx_audit_revision_details.description         ? 
_pdbx_audit_revision_details.details             ? 
# 
loop_
_pdbx_audit_revision_group.ordinal 
_pdbx_audit_revision_group.revision_ordinal 
_pdbx_audit_revision_group.data_content_type 
_pdbx_audit_revision_group.group 
1 2 'Structure model' 'Structure summary'      
2 3 'Structure model' 'Data collection'        
3 3 'Structure model' 'Database references'    
4 3 'Structure model' 'Refinement description' 
5 4 'Structure model' 'Structure summary'      
# 
loop_
_pdbx_audit_revision_category.ordinal 
_pdbx_audit_revision_category.revision_ordinal 
_pdbx_audit_revision_category.data_content_type 
_pdbx_audit_revision_category.category 
1 2 'Structure model' struct                        
2 3 'Structure model' chem_comp_atom                
3 3 'Structure model' chem_comp_bond                
4 3 'Structure model' database_2                    
5 3 'Structure model' pdbx_initial_refinement_model 
6 4 'Structure model' pdbx_entry_details            
7 4 'Structure model' pdbx_modification_feature     
# 
loop_
_pdbx_audit_revision_item.ordinal 
_pdbx_audit_revision_item.revision_ordinal 
_pdbx_audit_revision_item.data_content_type 
_pdbx_audit_revision_item.item 
1 2 'Structure model' '_struct.title'                                
2 3 'Structure model' '_database_2.pdbx_DOI'                         
3 3 'Structure model' '_database_2.pdbx_database_accession'          
4 4 'Structure model' '_pdbx_entry_details.has_protein_modification' 
# 
_pdbx_database_status.status_code                     REL 
_pdbx_database_status.status_code_sf                  REL 
_pdbx_database_status.status_code_mr                  ? 
_pdbx_database_status.entry_id                        7CFI 
_pdbx_database_status.recvd_initial_deposition_date   2020-06-25 
_pdbx_database_status.SG_entry                        N 
_pdbx_database_status.deposit_site                    PDBJ 
_pdbx_database_status.process_site                    PDBJ 
_pdbx_database_status.status_code_cs                  ? 
_pdbx_database_status.status_code_nmr_data            ? 
_pdbx_database_status.methods_development_category    ? 
_pdbx_database_status.pdb_format_compatible           Y 
# 
loop_
_audit_author.name 
_audit_author.pdbx_ordinal 
_audit_author.identifier_ORCID 
'Huang, Y.'   1 ? 
'Jin, F.'     2 ? 
'Hattori, M.' 3 ? 
# 
_citation.abstract                  ? 
_citation.abstract_id_CAS           ? 
_citation.book_id_ISBN              ? 
_citation.book_publisher            ? 
_citation.book_publisher_city       ? 
_citation.book_title                ? 
_citation.coordinate_linkage        ? 
_citation.country                   US 
_citation.database_id_Medline       ? 
_citation.details                   ? 
_citation.id                        primary 
_citation.journal_abbrev            'Sci Adv' 
_citation.journal_id_ASTM           ? 
_citation.journal_id_CSD            ? 
_citation.journal_id_ISSN           2375-2548 
_citation.journal_full              ? 
_citation.journal_issue             ? 
_citation.journal_volume            7 
_citation.language                  ? 
_citation.page_first                ? 
_citation.page_last                 ? 
_citation.title                     'Structural basis for the Mg 2+ recognition and regulation of the CorC Mg 2+ transporter.' 
_citation.year                      2021 
_citation.database_id_CSD           ? 
_citation.pdbx_database_id_DOI      10.1126/sciadv.abe6140 
_citation.pdbx_database_id_PubMed   33568487 
_citation.unpublished_flag          ? 
# 
loop_
_citation_author.citation_id 
_citation_author.name 
_citation_author.ordinal 
_citation_author.identifier_ORCID 
primary 'Huang, Y.'   1  0000-0001-6964-3993 
primary 'Jin, F.'     2  0000-0001-9961-1423 
primary 'Funato, Y.'  3  0000-0002-4288-7717 
primary 'Xu, Z.'      4  0000-0002-3063-8473 
primary 'Zhu, W.'     5  0000-0001-6699-5299 
primary 'Wang, J.'    6  ?                   
primary 'Sun, M.'     7  ?                   
primary 'Zhao, Y.'    8  0000-0002-8913-3568 
primary 'Yu, Y.'      9  ?                   
primary 'Miki, H.'    10 0000-0003-0454-7006 
primary 'Hattori, M.' 11 0000-0002-5327-5337 
# 
loop_
_entity.id 
_entity.type 
_entity.src_method 
_entity.pdbx_description 
_entity.formula_weight 
_entity.pdbx_number_of_molecules 
_entity.pdbx_ec 
_entity.pdbx_mutation 
_entity.pdbx_fragment 
_entity.details 
1 polymer     man Hemolysin                   16404.643 1 ? ? ? ? 
2 non-polymer syn "ADENOSINE-5'-TRIPHOSPHATE" 507.181   1 ? ? ? ? 
3 non-polymer syn 'MAGNESIUM ION'             24.305    2 ? ? ? ? 
4 water       nat water                       18.015    9 ? ? ? ? 
# 
_entity_poly.entity_id                      1 
_entity_poly.type                           'polypeptide(L)' 
_entity_poly.nstd_linkage                   no 
_entity_poly.nstd_monomer                   no 
_entity_poly.pdbx_seq_one_letter_code       
;PQEEEMIHSILELEETPVREIMTPRVEMVAIEDEATLEDLLALYREHRYSRVPVYRESVDHIVGVAYAKDLLDYYCEEDL
KGRTVASITHPPYFVPENMDAWSLLKELRRRKVHMAIVVDEFGGTAGLVTLEDVIEEIVGEI
;
_entity_poly.pdbx_seq_one_letter_code_can   
;PQEEEMIHSILELEETPVREIMTPRVEMVAIEDEATLEDLLALYREHRYSRVPVYRESVDHIVGVAYAKDLLDYYCEEDL
KGRTVASITHPPYFVPENMDAWSLLKELRRRKVHMAIVVDEFGGTAGLVTLEDVIEEIVGEI
;
_entity_poly.pdbx_strand_id                 A 
_entity_poly.pdbx_target_identifier         ? 
# 
loop_
_pdbx_entity_nonpoly.entity_id 
_pdbx_entity_nonpoly.name 
_pdbx_entity_nonpoly.comp_id 
2 "ADENOSINE-5'-TRIPHOSPHATE" ATP 
3 'MAGNESIUM ION'             MG  
4 water                       HOH 
# 
loop_
_entity_poly_seq.entity_id 
_entity_poly_seq.num 
_entity_poly_seq.mon_id 
_entity_poly_seq.hetero 
1 1   PRO n 
1 2   GLN n 
1 3   GLU n 
1 4   GLU n 
1 5   GLU n 
1 6   MET n 
1 7   ILE n 
1 8   HIS n 
1 9   SER n 
1 10  ILE n 
1 11  LEU n 
1 12  GLU n 
1 13  LEU n 
1 14  GLU n 
1 15  GLU n 
1 16  THR n 
1 17  PRO n 
1 18  VAL n 
1 19  ARG n 
1 20  GLU n 
1 21  ILE n 
1 22  MET n 
1 23  THR n 
1 24  PRO n 
1 25  ARG n 
1 26  VAL n 
1 27  GLU n 
1 28  MET n 
1 29  VAL n 
1 30  ALA n 
1 31  ILE n 
1 32  GLU n 
1 33  ASP n 
1 34  GLU n 
1 35  ALA n 
1 36  THR n 
1 37  LEU n 
1 38  GLU n 
1 39  ASP n 
1 40  LEU n 
1 41  LEU n 
1 42  ALA n 
1 43  LEU n 
1 44  TYR n 
1 45  ARG n 
1 46  GLU n 
1 47  HIS n 
1 48  ARG n 
1 49  TYR n 
1 50  SER n 
1 51  ARG n 
1 52  VAL n 
1 53  PRO n 
1 54  VAL n 
1 55  TYR n 
1 56  ARG n 
1 57  GLU n 
1 58  SER n 
1 59  VAL n 
1 60  ASP n 
1 61  HIS n 
1 62  ILE n 
1 63  VAL n 
1 64  GLY n 
1 65  VAL n 
1 66  ALA n 
1 67  TYR n 
1 68  ALA n 
1 69  LYS n 
1 70  ASP n 
1 71  LEU n 
1 72  LEU n 
1 73  ASP n 
1 74  TYR n 
1 75  TYR n 
1 76  CYS n 
1 77  GLU n 
1 78  GLU n 
1 79  ASP n 
1 80  LEU n 
1 81  LYS n 
1 82  GLY n 
1 83  ARG n 
1 84  THR n 
1 85  VAL n 
1 86  ALA n 
1 87  SER n 
1 88  ILE n 
1 89  THR n 
1 90  HIS n 
1 91  PRO n 
1 92  PRO n 
1 93  TYR n 
1 94  PHE n 
1 95  VAL n 
1 96  PRO n 
1 97  GLU n 
1 98  ASN n 
1 99  MET n 
1 100 ASP n 
1 101 ALA n 
1 102 TRP n 
1 103 SER n 
1 104 LEU n 
1 105 LEU n 
1 106 LYS n 
1 107 GLU n 
1 108 LEU n 
1 109 ARG n 
1 110 ARG n 
1 111 ARG n 
1 112 LYS n 
1 113 VAL n 
1 114 HIS n 
1 115 MET n 
1 116 ALA n 
1 117 ILE n 
1 118 VAL n 
1 119 VAL n 
1 120 ASP n 
1 121 GLU n 
1 122 PHE n 
1 123 GLY n 
1 124 GLY n 
1 125 THR n 
1 126 ALA n 
1 127 GLY n 
1 128 LEU n 
1 129 VAL n 
1 130 THR n 
1 131 LEU n 
1 132 GLU n 
1 133 ASP n 
1 134 VAL n 
1 135 ILE n 
1 136 GLU n 
1 137 GLU n 
1 138 ILE n 
1 139 VAL n 
1 140 GLY n 
1 141 GLU n 
1 142 ILE n 
# 
_entity_src_gen.entity_id                          1 
_entity_src_gen.pdbx_src_id                        1 
_entity_src_gen.pdbx_alt_source_flag               sample 
_entity_src_gen.pdbx_seq_type                      'Biological sequence' 
_entity_src_gen.pdbx_beg_seq_num                   1 
_entity_src_gen.pdbx_end_seq_num                   142 
_entity_src_gen.gene_src_common_name               ? 
_entity_src_gen.gene_src_genus                     ? 
_entity_src_gen.pdbx_gene_src_gene                 AV541_07030 
_entity_src_gen.gene_src_species                   ? 
_entity_src_gen.gene_src_strain                    ? 
_entity_src_gen.gene_src_tissue                    ? 
_entity_src_gen.gene_src_tissue_fraction           ? 
_entity_src_gen.gene_src_details                   ? 
_entity_src_gen.pdbx_gene_src_fragment             ? 
_entity_src_gen.pdbx_gene_src_scientific_name      'Thermus parvatiensis' 
_entity_src_gen.pdbx_gene_src_ncbi_taxonomy_id     456163 
_entity_src_gen.pdbx_gene_src_variant              ? 
_entity_src_gen.pdbx_gene_src_cell_line            ? 
_entity_src_gen.pdbx_gene_src_atcc                 ? 
_entity_src_gen.pdbx_gene_src_organ                ? 
_entity_src_gen.pdbx_gene_src_organelle            ? 
_entity_src_gen.pdbx_gene_src_cell                 ? 
_entity_src_gen.pdbx_gene_src_cellular_location    ? 
_entity_src_gen.host_org_common_name               ? 
_entity_src_gen.pdbx_host_org_scientific_name      'Escherichia coli' 
_entity_src_gen.pdbx_host_org_ncbi_taxonomy_id     562 
_entity_src_gen.host_org_genus                     ? 
_entity_src_gen.pdbx_host_org_gene                 ? 
_entity_src_gen.pdbx_host_org_organ                ? 
_entity_src_gen.host_org_species                   ? 
_entity_src_gen.pdbx_host_org_tissue               ? 
_entity_src_gen.pdbx_host_org_tissue_fraction      ? 
_entity_src_gen.pdbx_host_org_strain               ? 
_entity_src_gen.pdbx_host_org_variant              ? 
_entity_src_gen.pdbx_host_org_cell_line            ? 
_entity_src_gen.pdbx_host_org_atcc                 ? 
_entity_src_gen.pdbx_host_org_culture_collection   ? 
_entity_src_gen.pdbx_host_org_cell                 ? 
_entity_src_gen.pdbx_host_org_organelle            ? 
_entity_src_gen.pdbx_host_org_cellular_location    ? 
_entity_src_gen.pdbx_host_org_vector_type          ? 
_entity_src_gen.pdbx_host_org_vector               ? 
_entity_src_gen.host_org_details                   ? 
_entity_src_gen.expression_system_id               ? 
_entity_src_gen.plasmid_name                       ? 
_entity_src_gen.plasmid_details                    ? 
_entity_src_gen.pdbx_description                   ? 
# 
loop_
_chem_comp.id 
_chem_comp.type 
_chem_comp.mon_nstd_flag 
_chem_comp.name 
_chem_comp.pdbx_synonyms 
_chem_comp.formula 
_chem_comp.formula_weight 
ALA 'L-peptide linking' y ALANINE                     ? 'C3 H7 N O2'        89.093  
ARG 'L-peptide linking' y ARGININE                    ? 'C6 H15 N4 O2 1'    175.209 
ASN 'L-peptide linking' y ASPARAGINE                  ? 'C4 H8 N2 O3'       132.118 
ASP 'L-peptide linking' y 'ASPARTIC ACID'             ? 'C4 H7 N O4'        133.103 
ATP non-polymer         . "ADENOSINE-5'-TRIPHOSPHATE" ? 'C10 H16 N5 O13 P3' 507.181 
CYS 'L-peptide linking' y CYSTEINE                    ? 'C3 H7 N O2 S'      121.158 
GLN 'L-peptide linking' y GLUTAMINE                   ? 'C5 H10 N2 O3'      146.144 
GLU 'L-peptide linking' y 'GLUTAMIC ACID'             ? 'C5 H9 N O4'        147.129 
GLY 'peptide linking'   y GLYCINE                     ? 'C2 H5 N O2'        75.067  
HIS 'L-peptide linking' y HISTIDINE                   ? 'C6 H10 N3 O2 1'    156.162 
HOH non-polymer         . WATER                       ? 'H2 O'              18.015  
ILE 'L-peptide linking' y ISOLEUCINE                  ? 'C6 H13 N O2'       131.173 
LEU 'L-peptide linking' y LEUCINE                     ? 'C6 H13 N O2'       131.173 
LYS 'L-peptide linking' y LYSINE                      ? 'C6 H15 N2 O2 1'    147.195 
MET 'L-peptide linking' y METHIONINE                  ? 'C5 H11 N O2 S'     149.211 
MG  non-polymer         . 'MAGNESIUM ION'             ? 'Mg 2'              24.305  
PHE 'L-peptide linking' y PHENYLALANINE               ? 'C9 H11 N O2'       165.189 
PRO 'L-peptide linking' y PROLINE                     ? 'C5 H9 N O2'        115.130 
SER 'L-peptide linking' y SERINE                      ? 'C3 H7 N O3'        105.093 
THR 'L-peptide linking' y THREONINE                   ? 'C4 H9 N O3'        119.119 
TRP 'L-peptide linking' y TRYPTOPHAN                  ? 'C11 H12 N2 O2'     204.225 
TYR 'L-peptide linking' y TYROSINE                    ? 'C9 H11 N O3'       181.189 
VAL 'L-peptide linking' y VALINE                      ? 'C5 H11 N O2'       117.146 
# 
loop_
_pdbx_poly_seq_scheme.asym_id 
_pdbx_poly_seq_scheme.entity_id 
_pdbx_poly_seq_scheme.seq_id 
_pdbx_poly_seq_scheme.mon_id 
_pdbx_poly_seq_scheme.ndb_seq_num 
_pdbx_poly_seq_scheme.pdb_seq_num 
_pdbx_poly_seq_scheme.auth_seq_num 
_pdbx_poly_seq_scheme.pdb_mon_id 
_pdbx_poly_seq_scheme.auth_mon_id 
_pdbx_poly_seq_scheme.pdb_strand_id 
_pdbx_poly_seq_scheme.pdb_ins_code 
_pdbx_poly_seq_scheme.hetero 
A 1 1   PRO 1   207 207 PRO PRO A . n 
A 1 2   GLN 2   208 208 GLN GLN A . n 
A 1 3   GLU 3   209 209 GLU GLU A . n 
A 1 4   GLU 4   210 210 GLU GLU A . n 
A 1 5   GLU 5   211 211 GLU GLU A . n 
A 1 6   MET 6   212 212 MET MET A . n 
A 1 7   ILE 7   213 213 ILE ILE A . n 
A 1 8   HIS 8   214 214 HIS HIS A . n 
A 1 9   SER 9   215 215 SER SER A . n 
A 1 10  ILE 10  216 216 ILE ILE A . n 
A 1 11  LEU 11  217 217 LEU LEU A . n 
A 1 12  GLU 12  218 218 GLU GLU A . n 
A 1 13  LEU 13  219 219 LEU LEU A . n 
A 1 14  GLU 14  220 220 GLU GLU A . n 
A 1 15  GLU 15  221 221 GLU GLU A . n 
A 1 16  THR 16  222 222 THR THR A . n 
A 1 17  PRO 17  223 223 PRO PRO A . n 
A 1 18  VAL 18  224 224 VAL VAL A . n 
A 1 19  ARG 19  225 225 ARG ARG A . n 
A 1 20  GLU 20  226 226 GLU GLU A . n 
A 1 21  ILE 21  227 227 ILE ILE A . n 
A 1 22  MET 22  228 228 MET MET A . n 
A 1 23  THR 23  229 229 THR THR A . n 
A 1 24  PRO 24  230 230 PRO PRO A . n 
A 1 25  ARG 25  231 231 ARG ARG A . n 
A 1 26  VAL 26  232 232 VAL VAL A . n 
A 1 27  GLU 27  233 233 GLU GLU A . n 
A 1 28  MET 28  234 234 MET MET A . n 
A 1 29  VAL 29  235 235 VAL VAL A . n 
A 1 30  ALA 30  236 236 ALA ALA A . n 
A 1 31  ILE 31  237 237 ILE ILE A . n 
A 1 32  GLU 32  238 238 GLU GLU A . n 
A 1 33  ASP 33  239 239 ASP ASP A . n 
A 1 34  GLU 34  240 240 GLU GLU A . n 
A 1 35  ALA 35  241 241 ALA ALA A . n 
A 1 36  THR 36  242 242 THR THR A . n 
A 1 37  LEU 37  243 243 LEU LEU A . n 
A 1 38  GLU 38  244 244 GLU GLU A . n 
A 1 39  ASP 39  245 245 ASP ASP A . n 
A 1 40  LEU 40  246 246 LEU LEU A . n 
A 1 41  LEU 41  247 247 LEU LEU A . n 
A 1 42  ALA 42  248 248 ALA ALA A . n 
A 1 43  LEU 43  249 249 LEU LEU A . n 
A 1 44  TYR 44  250 250 TYR TYR A . n 
A 1 45  ARG 45  251 251 ARG ARG A . n 
A 1 46  GLU 46  252 252 GLU GLU A . n 
A 1 47  HIS 47  253 253 HIS HIS A . n 
A 1 48  ARG 48  254 254 ARG ARG A . n 
A 1 49  TYR 49  255 255 TYR TYR A . n 
A 1 50  SER 50  256 256 SER SER A . n 
A 1 51  ARG 51  257 257 ARG ARG A . n 
A 1 52  VAL 52  258 258 VAL VAL A . n 
A 1 53  PRO 53  259 259 PRO PRO A . n 
A 1 54  VAL 54  260 260 VAL VAL A . n 
A 1 55  TYR 55  261 261 TYR TYR A . n 
A 1 56  ARG 56  262 262 ARG ARG A . n 
A 1 57  GLU 57  263 263 GLU GLU A . n 
A 1 58  SER 58  264 264 SER SER A . n 
A 1 59  VAL 59  265 265 VAL VAL A . n 
A 1 60  ASP 60  266 266 ASP ASP A . n 
A 1 61  HIS 61  267 267 HIS HIS A . n 
A 1 62  ILE 62  268 268 ILE ILE A . n 
A 1 63  VAL 63  269 269 VAL VAL A . n 
A 1 64  GLY 64  270 270 GLY GLY A . n 
A 1 65  VAL 65  271 271 VAL VAL A . n 
A 1 66  ALA 66  272 272 ALA ALA A . n 
A 1 67  TYR 67  273 273 TYR TYR A . n 
A 1 68  ALA 68  274 274 ALA ALA A . n 
A 1 69  LYS 69  275 275 LYS LYS A . n 
A 1 70  ASP 70  276 276 ASP ASP A . n 
A 1 71  LEU 71  277 277 LEU LEU A . n 
A 1 72  LEU 72  278 278 LEU LEU A . n 
A 1 73  ASP 73  279 279 ASP ASP A . n 
A 1 74  TYR 74  280 280 TYR TYR A . n 
A 1 75  TYR 75  281 281 TYR TYR A . n 
A 1 76  CYS 76  282 282 CYS CYS A . n 
A 1 77  GLU 77  283 283 GLU GLU A . n 
A 1 78  GLU 78  284 284 GLU GLU A . n 
A 1 79  ASP 79  285 285 ASP ASP A . n 
A 1 80  LEU 80  286 286 LEU LEU A . n 
A 1 81  LYS 81  287 287 LYS LYS A . n 
A 1 82  GLY 82  288 288 GLY GLY A . n 
A 1 83  ARG 83  289 289 ARG ARG A . n 
A 1 84  THR 84  290 290 THR THR A . n 
A 1 85  VAL 85  291 291 VAL VAL A . n 
A 1 86  ALA 86  292 292 ALA ALA A . n 
A 1 87  SER 87  293 293 SER SER A . n 
A 1 88  ILE 88  294 294 ILE ILE A . n 
A 1 89  THR 89  295 295 THR THR A . n 
A 1 90  HIS 90  296 296 HIS HIS A . n 
A 1 91  PRO 91  297 297 PRO PRO A . n 
A 1 92  PRO 92  298 298 PRO PRO A . n 
A 1 93  TYR 93  299 299 TYR TYR A . n 
A 1 94  PHE 94  300 300 PHE PHE A . n 
A 1 95  VAL 95  301 301 VAL VAL A . n 
A 1 96  PRO 96  302 302 PRO PRO A . n 
A 1 97  GLU 97  303 303 GLU GLU A . n 
A 1 98  ASN 98  304 304 ASN ASN A . n 
A 1 99  MET 99  305 305 MET MET A . n 
A 1 100 ASP 100 306 306 ASP ASP A . n 
A 1 101 ALA 101 307 307 ALA ALA A . n 
A 1 102 TRP 102 308 308 TRP TRP A . n 
A 1 103 SER 103 309 309 SER SER A . n 
A 1 104 LEU 104 310 310 LEU LEU A . n 
A 1 105 LEU 105 311 311 LEU LEU A . n 
A 1 106 LYS 106 312 312 LYS LYS A . n 
A 1 107 GLU 107 313 313 GLU GLU A . n 
A 1 108 LEU 108 314 314 LEU LEU A . n 
A 1 109 ARG 109 315 315 ARG ARG A . n 
A 1 110 ARG 110 316 316 ARG ARG A . n 
A 1 111 ARG 111 317 317 ARG ARG A . n 
A 1 112 LYS 112 318 318 LYS LYS A . n 
A 1 113 VAL 113 319 319 VAL VAL A . n 
A 1 114 HIS 114 320 320 HIS HIS A . n 
A 1 115 MET 115 321 321 MET MET A . n 
A 1 116 ALA 116 322 322 ALA ALA A . n 
A 1 117 ILE 117 323 323 ILE ILE A . n 
A 1 118 VAL 118 324 324 VAL VAL A . n 
A 1 119 VAL 119 325 325 VAL VAL A . n 
A 1 120 ASP 120 326 326 ASP ASP A . n 
A 1 121 GLU 121 327 327 GLU GLU A . n 
A 1 122 PHE 122 328 328 PHE PHE A . n 
A 1 123 GLY 123 329 329 GLY GLY A . n 
A 1 124 GLY 124 330 330 GLY GLY A . n 
A 1 125 THR 125 331 331 THR THR A . n 
A 1 126 ALA 126 332 332 ALA ALA A . n 
A 1 127 GLY 127 333 333 GLY GLY A . n 
A 1 128 LEU 128 334 334 LEU LEU A . n 
A 1 129 VAL 129 335 335 VAL VAL A . n 
A 1 130 THR 130 336 336 THR THR A . n 
A 1 131 LEU 131 337 337 LEU LEU A . n 
A 1 132 GLU 132 338 338 GLU GLU A . n 
A 1 133 ASP 133 339 339 ASP ASP A . n 
A 1 134 VAL 134 340 340 VAL VAL A . n 
A 1 135 ILE 135 341 341 ILE ILE A . n 
A 1 136 GLU 136 342 342 GLU GLU A . n 
A 1 137 GLU 137 343 343 GLU GLU A . n 
A 1 138 ILE 138 344 344 ILE ILE A . n 
A 1 139 VAL 139 345 345 VAL VAL A . n 
A 1 140 GLY 140 346 346 GLY GLY A . n 
A 1 141 GLU 141 347 347 GLU GLU A . n 
A 1 142 ILE 142 348 348 ILE ILE A . n 
# 
_pdbx_entity_instance_feature.ordinal        1 
_pdbx_entity_instance_feature.comp_id        ATP 
_pdbx_entity_instance_feature.asym_id        ? 
_pdbx_entity_instance_feature.seq_num        ? 
_pdbx_entity_instance_feature.auth_comp_id   ATP 
_pdbx_entity_instance_feature.auth_asym_id   ? 
_pdbx_entity_instance_feature.auth_seq_num   ? 
_pdbx_entity_instance_feature.feature_type   'SUBJECT OF INVESTIGATION' 
_pdbx_entity_instance_feature.details        ? 
# 
loop_
_pdbx_nonpoly_scheme.asym_id 
_pdbx_nonpoly_scheme.entity_id 
_pdbx_nonpoly_scheme.mon_id 
_pdbx_nonpoly_scheme.ndb_seq_num 
_pdbx_nonpoly_scheme.pdb_seq_num 
_pdbx_nonpoly_scheme.auth_seq_num 
_pdbx_nonpoly_scheme.pdb_mon_id 
_pdbx_nonpoly_scheme.auth_mon_id 
_pdbx_nonpoly_scheme.pdb_strand_id 
_pdbx_nonpoly_scheme.pdb_ins_code 
B 2 ATP 1 401 1 ATP ATP A . 
C 3 MG  1 402 2 MG  MG  A . 
D 3 MG  1 403 1 MG  MO6 A . 
E 4 HOH 1 501 1 HOH MO6 A . 
E 4 HOH 2 502 1 HOH HOH A . 
E 4 HOH 3 503 6 HOH HOH A . 
E 4 HOH 4 504 3 HOH HOH A . 
E 4 HOH 5 505 2 HOH HOH A . 
E 4 HOH 6 506 5 HOH HOH A . 
E 4 HOH 7 507 7 HOH HOH A . 
E 4 HOH 8 508 1 HOH MO6 A . 
E 4 HOH 9 509 4 HOH HOH A . 
# 
loop_
_pdbx_unobs_or_zero_occ_atoms.id 
_pdbx_unobs_or_zero_occ_atoms.PDB_model_num 
_pdbx_unobs_or_zero_occ_atoms.polymer_flag 
_pdbx_unobs_or_zero_occ_atoms.occupancy_flag 
_pdbx_unobs_or_zero_occ_atoms.auth_asym_id 
_pdbx_unobs_or_zero_occ_atoms.auth_comp_id 
_pdbx_unobs_or_zero_occ_atoms.auth_seq_id 
_pdbx_unobs_or_zero_occ_atoms.PDB_ins_code 
_pdbx_unobs_or_zero_occ_atoms.auth_atom_id 
_pdbx_unobs_or_zero_occ_atoms.label_alt_id 
_pdbx_unobs_or_zero_occ_atoms.label_asym_id 
_pdbx_unobs_or_zero_occ_atoms.label_comp_id 
_pdbx_unobs_or_zero_occ_atoms.label_seq_id 
_pdbx_unobs_or_zero_occ_atoms.label_atom_id 
1  1 Y 1 A GLN 208 ? CD  ? A GLN 2   CD  
2  1 Y 1 A GLN 208 ? OE1 ? A GLN 2   OE1 
3  1 Y 1 A GLN 208 ? NE2 ? A GLN 2   NE2 
4  1 Y 1 A GLU 210 ? CG  ? A GLU 4   CG  
5  1 Y 1 A GLU 210 ? CD  ? A GLU 4   CD  
6  1 Y 1 A GLU 210 ? OE1 ? A GLU 4   OE1 
7  1 Y 1 A GLU 210 ? OE2 ? A GLU 4   OE2 
8  1 Y 1 A GLU 211 ? CG  ? A GLU 5   CG  
9  1 Y 1 A GLU 211 ? CD  ? A GLU 5   CD  
10 1 Y 1 A GLU 211 ? OE1 ? A GLU 5   OE1 
11 1 Y 1 A GLU 211 ? OE2 ? A GLU 5   OE2 
12 1 Y 1 A ILE 213 ? CG1 ? A ILE 7   CG1 
13 1 Y 1 A ILE 213 ? CG2 ? A ILE 7   CG2 
14 1 Y 1 A ILE 213 ? CD1 ? A ILE 7   CD1 
15 1 Y 1 A HIS 214 ? CG  ? A HIS 8   CG  
16 1 Y 1 A HIS 214 ? ND1 ? A HIS 8   ND1 
17 1 Y 1 A HIS 214 ? CD2 ? A HIS 8   CD2 
18 1 Y 1 A HIS 214 ? CE1 ? A HIS 8   CE1 
19 1 Y 1 A HIS 214 ? NE2 ? A HIS 8   NE2 
20 1 Y 1 A ILE 216 ? CG1 ? A ILE 10  CG1 
21 1 Y 1 A ILE 216 ? CG2 ? A ILE 10  CG2 
22 1 Y 1 A ILE 216 ? CD1 ? A ILE 10  CD1 
23 1 Y 1 A LEU 217 ? CG  ? A LEU 11  CG  
24 1 Y 1 A LEU 217 ? CD1 ? A LEU 11  CD1 
25 1 Y 1 A LEU 217 ? CD2 ? A LEU 11  CD2 
26 1 Y 1 A LEU 219 ? CD1 ? A LEU 13  CD1 
27 1 Y 1 A LEU 219 ? CD2 ? A LEU 13  CD2 
28 1 Y 1 A GLU 220 ? CG  ? A GLU 14  CG  
29 1 Y 1 A GLU 220 ? CD  ? A GLU 14  CD  
30 1 Y 1 A GLU 220 ? OE1 ? A GLU 14  OE1 
31 1 Y 1 A GLU 220 ? OE2 ? A GLU 14  OE2 
32 1 Y 1 A PRO 223 ? CG  ? A PRO 17  CG  
33 1 Y 1 A PRO 223 ? CD  ? A PRO 17  CD  
34 1 Y 1 A GLU 226 ? CG  ? A GLU 20  CG  
35 1 Y 1 A GLU 226 ? CD  ? A GLU 20  CD  
36 1 Y 1 A GLU 226 ? OE1 ? A GLU 20  OE1 
37 1 Y 1 A GLU 226 ? OE2 ? A GLU 20  OE2 
38 1 Y 1 A GLU 244 ? CG  ? A GLU 38  CG  
39 1 Y 1 A GLU 244 ? CD  ? A GLU 38  CD  
40 1 Y 1 A GLU 244 ? OE1 ? A GLU 38  OE1 
41 1 Y 1 A GLU 244 ? OE2 ? A GLU 38  OE2 
42 1 Y 1 A GLU 252 ? CG  ? A GLU 46  CG  
43 1 Y 1 A GLU 252 ? CD  ? A GLU 46  CD  
44 1 Y 1 A GLU 252 ? OE1 ? A GLU 46  OE1 
45 1 Y 1 A GLU 252 ? OE2 ? A GLU 46  OE2 
46 1 Y 1 A GLU 263 ? CG  ? A GLU 57  CG  
47 1 Y 1 A GLU 263 ? CD  ? A GLU 57  CD  
48 1 Y 1 A GLU 263 ? OE1 ? A GLU 57  OE1 
49 1 Y 1 A GLU 263 ? OE2 ? A GLU 57  OE2 
50 1 Y 1 A LYS 275 ? CG  ? A LYS 69  CG  
51 1 Y 1 A LYS 275 ? CD  ? A LYS 69  CD  
52 1 Y 1 A LYS 275 ? CE  ? A LYS 69  CE  
53 1 Y 1 A LYS 275 ? NZ  ? A LYS 69  NZ  
54 1 Y 1 A GLU 283 ? CG  ? A GLU 77  CG  
55 1 Y 1 A GLU 283 ? CD  ? A GLU 77  CD  
56 1 Y 1 A GLU 283 ? OE1 ? A GLU 77  OE1 
57 1 Y 1 A GLU 283 ? OE2 ? A GLU 77  OE2 
58 1 Y 1 A GLU 284 ? CG  ? A GLU 78  CG  
59 1 Y 1 A GLU 284 ? CD  ? A GLU 78  CD  
60 1 Y 1 A GLU 284 ? OE1 ? A GLU 78  OE1 
61 1 Y 1 A GLU 284 ? OE2 ? A GLU 78  OE2 
62 1 Y 1 A LYS 287 ? CG  ? A LYS 81  CG  
63 1 Y 1 A LYS 287 ? CD  ? A LYS 81  CD  
64 1 Y 1 A LYS 287 ? CE  ? A LYS 81  CE  
65 1 Y 1 A LYS 287 ? NZ  ? A LYS 81  NZ  
66 1 Y 1 A ARG 289 ? CG  ? A ARG 83  CG  
67 1 Y 1 A ARG 289 ? CD  ? A ARG 83  CD  
68 1 Y 1 A ARG 289 ? NE  ? A ARG 83  NE  
69 1 Y 1 A ARG 289 ? CZ  ? A ARG 83  CZ  
70 1 Y 1 A ARG 289 ? NH1 ? A ARG 83  NH1 
71 1 Y 1 A ARG 289 ? NH2 ? A ARG 83  NH2 
72 1 Y 1 A LYS 312 ? CG  ? A LYS 106 CG  
73 1 Y 1 A LYS 312 ? CD  ? A LYS 106 CD  
74 1 Y 1 A LYS 312 ? CE  ? A LYS 106 CE  
75 1 Y 1 A LYS 312 ? NZ  ? A LYS 106 NZ  
76 1 Y 1 A ARG 315 ? CG  ? A ARG 109 CG  
77 1 Y 1 A ARG 315 ? CD  ? A ARG 109 CD  
78 1 Y 1 A ARG 315 ? NE  ? A ARG 109 NE  
79 1 Y 1 A ARG 315 ? CZ  ? A ARG 109 CZ  
80 1 Y 1 A ARG 315 ? NH1 ? A ARG 109 NH1 
81 1 Y 1 A ARG 315 ? NH2 ? A ARG 109 NH2 
82 1 Y 1 A LYS 318 ? CG  ? A LYS 112 CG  
83 1 Y 1 A LYS 318 ? CD  ? A LYS 112 CD  
84 1 Y 1 A LYS 318 ? CE  ? A LYS 112 CE  
85 1 Y 1 A LYS 318 ? NZ  ? A LYS 112 NZ  
86 1 Y 1 A VAL 319 ? CG1 ? A VAL 113 CG1 
87 1 Y 1 A VAL 319 ? CG2 ? A VAL 113 CG2 
88 1 Y 1 A VAL 324 ? CG1 ? A VAL 118 CG1 
89 1 Y 1 A VAL 324 ? CG2 ? A VAL 118 CG2 
90 1 Y 1 A LEU 337 ? CG  ? A LEU 131 CG  
91 1 Y 1 A LEU 337 ? CD1 ? A LEU 131 CD1 
92 1 Y 1 A LEU 337 ? CD2 ? A LEU 131 CD2 
93 1 Y 1 A GLU 347 ? CG  ? A GLU 141 CG  
94 1 Y 1 A GLU 347 ? CD  ? A GLU 141 CD  
95 1 Y 1 A GLU 347 ? OE1 ? A GLU 141 OE1 
96 1 Y 1 A GLU 347 ? OE2 ? A GLU 141 OE2 
# 
loop_
_software.citation_id 
_software.classification 
_software.compiler_name 
_software.compiler_version 
_software.contact_author 
_software.contact_author_email 
_software.date 
_software.description 
_software.dependencies 
_software.hardware 
_software.language 
_software.location 
_software.mods 
_software.name 
_software.os 
_software.os_version 
_software.type 
_software.version 
_software.pdbx_ordinal 
? refinement       ? ? ? ? ? ? ? ? ? ? ? PHENIX ? ? ? '(1.18.2_3874: ???)' 1 
? 'data reduction' ? ? ? ? ? ? ? ? ? ? ? XDS    ? ? ? .                    2 
? 'data scaling'   ? ? ? ? ? ? ? ? ? ? ? XDS    ? ? ? .                    3 
? phasing          ? ? ? ? ? ? ? ? ? ? ? PHASER ? ? ? .                    4 
# 
_cell.angle_alpha                  90.00 
_cell.angle_alpha_esd              ? 
_cell.angle_beta                   90.00 
_cell.angle_beta_esd               ? 
_cell.angle_gamma                  90.00 
_cell.angle_gamma_esd              ? 
_cell.entry_id                     7CFI 
_cell.details                      ? 
_cell.formula_units_Z              ? 
_cell.length_a                     61.890 
_cell.length_a_esd                 ? 
_cell.length_b                     87.300 
_cell.length_b_esd                 ? 
_cell.length_c                     201.970 
_cell.length_c_esd                 ? 
_cell.volume                       ? 
_cell.volume_esd                   ? 
_cell.Z_PDB                        16 
_cell.reciprocal_angle_alpha       ? 
_cell.reciprocal_angle_beta        ? 
_cell.reciprocal_angle_gamma       ? 
_cell.reciprocal_angle_alpha_esd   ? 
_cell.reciprocal_angle_beta_esd    ? 
_cell.reciprocal_angle_gamma_esd   ? 
_cell.reciprocal_length_a          ? 
_cell.reciprocal_length_b          ? 
_cell.reciprocal_length_c          ? 
_cell.reciprocal_length_a_esd      ? 
_cell.reciprocal_length_b_esd      ? 
_cell.reciprocal_length_c_esd      ? 
_cell.pdbx_unique_axis             ? 
# 
_symmetry.entry_id                         7CFI 
_symmetry.cell_setting                     ? 
_symmetry.Int_Tables_number                22 
_symmetry.space_group_name_Hall            ? 
_symmetry.space_group_name_H-M             'F 2 2 2' 
_symmetry.pdbx_full_space_group_name_H-M   ? 
# 
_exptl.absorpt_coefficient_mu     ? 
_exptl.absorpt_correction_T_max   ? 
_exptl.absorpt_correction_T_min   ? 
_exptl.absorpt_correction_type    ? 
_exptl.absorpt_process_details    ? 
_exptl.entry_id                   7CFI 
_exptl.crystals_number            1 
_exptl.details                    ? 
_exptl.method                     'X-RAY DIFFRACTION' 
_exptl.method_details             ? 
# 
_exptl_crystal.colour                      ? 
_exptl_crystal.density_diffrn              ? 
_exptl_crystal.density_Matthews            4.16 
_exptl_crystal.density_method              ? 
_exptl_crystal.density_percent_sol         66.87 
_exptl_crystal.description                 ? 
_exptl_crystal.F_000                       ? 
_exptl_crystal.id                          1 
_exptl_crystal.preparation                 ? 
_exptl_crystal.size_max                    ? 
_exptl_crystal.size_mid                    ? 
_exptl_crystal.size_min                    ? 
_exptl_crystal.size_rad                    ? 
_exptl_crystal.colour_lustre               ? 
_exptl_crystal.colour_modifier             ? 
_exptl_crystal.colour_primary              ? 
_exptl_crystal.density_meas                ? 
_exptl_crystal.density_meas_esd            ? 
_exptl_crystal.density_meas_gt             ? 
_exptl_crystal.density_meas_lt             ? 
_exptl_crystal.density_meas_temp           ? 
_exptl_crystal.density_meas_temp_esd       ? 
_exptl_crystal.density_meas_temp_gt        ? 
_exptl_crystal.density_meas_temp_lt        ? 
_exptl_crystal.pdbx_crystal_image_url      ? 
_exptl_crystal.pdbx_crystal_image_format   ? 
_exptl_crystal.pdbx_mosaicity              ? 
_exptl_crystal.pdbx_mosaicity_esd          ? 
# 
_exptl_crystal_grow.apparatus       ? 
_exptl_crystal_grow.atmosphere      ? 
_exptl_crystal_grow.crystal_id      1 
_exptl_crystal_grow.details         ? 
_exptl_crystal_grow.method          'VAPOR DIFFUSION' 
_exptl_crystal_grow.method_ref      ? 
_exptl_crystal_grow.pH              ? 
_exptl_crystal_grow.pressure        ? 
_exptl_crystal_grow.pressure_esd    ? 
_exptl_crystal_grow.seeding         ? 
_exptl_crystal_grow.seeding_ref     ? 
_exptl_crystal_grow.temp            291 
_exptl_crystal_grow.temp_details    ? 
_exptl_crystal_grow.temp_esd        ? 
_exptl_crystal_grow.time            ? 
_exptl_crystal_grow.pdbx_details    '0.1 M CaCl2, 0.1 M HEPES pH 7.5 and 5% PEG 8000' 
_exptl_crystal_grow.pdbx_pH_range   ? 
# 
_diffrn.ambient_environment              ? 
_diffrn.ambient_temp                     100 
_diffrn.ambient_temp_details             ? 
_diffrn.ambient_temp_esd                 ? 
_diffrn.crystal_id                       1 
_diffrn.crystal_support                  ? 
_diffrn.crystal_treatment                ? 
_diffrn.details                          ? 
_diffrn.id                               1 
_diffrn.ambient_pressure                 ? 
_diffrn.ambient_pressure_esd             ? 
_diffrn.ambient_pressure_gt              ? 
_diffrn.ambient_pressure_lt              ? 
_diffrn.ambient_temp_gt                  ? 
_diffrn.ambient_temp_lt                  ? 
_diffrn.pdbx_serial_crystal_experiment   N 
# 
_diffrn_detector.details                      ? 
_diffrn_detector.detector                     PIXEL 
_diffrn_detector.diffrn_id                    1 
_diffrn_detector.type                         'DECTRIS EIGER X 9M' 
_diffrn_detector.area_resol_mean              ? 
_diffrn_detector.dtime                        ? 
_diffrn_detector.pdbx_frames_total            ? 
_diffrn_detector.pdbx_collection_time_total   ? 
_diffrn_detector.pdbx_collection_date         2019-10-02 
_diffrn_detector.pdbx_frequency               ? 
# 
_diffrn_radiation.collimation                      ? 
_diffrn_radiation.diffrn_id                        1 
_diffrn_radiation.filter_edge                      ? 
_diffrn_radiation.inhomogeneity                    ? 
_diffrn_radiation.monochromator                    ? 
_diffrn_radiation.polarisn_norm                    ? 
_diffrn_radiation.polarisn_ratio                   ? 
_diffrn_radiation.probe                            ? 
_diffrn_radiation.type                             ? 
_diffrn_radiation.xray_symbol                      ? 
_diffrn_radiation.wavelength_id                    1 
_diffrn_radiation.pdbx_monochromatic_or_laue_m_l   M 
_diffrn_radiation.pdbx_wavelength_list             ? 
_diffrn_radiation.pdbx_wavelength                  ? 
_diffrn_radiation.pdbx_diffrn_protocol             'SINGLE WAVELENGTH' 
_diffrn_radiation.pdbx_analyzer                    ? 
_diffrn_radiation.pdbx_scattering_type             x-ray 
# 
_diffrn_radiation_wavelength.id           1 
_diffrn_radiation_wavelength.wavelength   1 
_diffrn_radiation_wavelength.wt           1.0 
# 
_diffrn_source.current                     ? 
_diffrn_source.details                     ? 
_diffrn_source.diffrn_id                   1 
_diffrn_source.power                       ? 
_diffrn_source.size                        ? 
_diffrn_source.source                      SYNCHROTRON 
_diffrn_source.target                      ? 
_diffrn_source.type                        'SPRING-8 BEAMLINE BL32XU' 
_diffrn_source.voltage                     ? 
_diffrn_source.take-off_angle              ? 
_diffrn_source.pdbx_wavelength_list        1 
_diffrn_source.pdbx_wavelength             ? 
_diffrn_source.pdbx_synchrotron_beamline   BL32XU 
_diffrn_source.pdbx_synchrotron_site       SPring-8 
# 
_reflns.B_iso_Wilson_estimate            66.48 
_reflns.entry_id                         7CFI 
_reflns.data_reduction_details           ? 
_reflns.data_reduction_method            ? 
_reflns.d_resolution_high                2.45 
_reflns.d_resolution_low                 43.65 
_reflns.details                          ? 
_reflns.limit_h_max                      ? 
_reflns.limit_h_min                      ? 
_reflns.limit_k_max                      ? 
_reflns.limit_k_min                      ? 
_reflns.limit_l_max                      ? 
_reflns.limit_l_min                      ? 
_reflns.number_all                       ? 
_reflns.number_obs                       10115 
_reflns.observed_criterion               ? 
_reflns.observed_criterion_F_max         ? 
_reflns.observed_criterion_F_min         ? 
_reflns.observed_criterion_I_max         ? 
_reflns.observed_criterion_I_min         ? 
_reflns.observed_criterion_sigma_F       ? 
_reflns.observed_criterion_sigma_I       ? 
_reflns.percent_possible_obs             98.2 
_reflns.R_free_details                   ? 
_reflns.Rmerge_F_all                     ? 
_reflns.Rmerge_F_obs                     ? 
_reflns.Friedel_coverage                 ? 
_reflns.number_gt                        ? 
_reflns.threshold_expression             ? 
_reflns.pdbx_redundancy                  9.5 
_reflns.pdbx_Rmerge_I_obs                ? 
_reflns.pdbx_Rmerge_I_all                ? 
_reflns.pdbx_Rsym_value                  ? 
_reflns.pdbx_netI_over_av_sigmaI         ? 
_reflns.pdbx_netI_over_sigmaI            14.2 
_reflns.pdbx_res_netI_over_av_sigmaI_2   ? 
_reflns.pdbx_res_netI_over_sigmaI_2      ? 
_reflns.pdbx_chi_squared                 ? 
_reflns.pdbx_scaling_rejects             ? 
_reflns.pdbx_d_res_high_opt              ? 
_reflns.pdbx_d_res_low_opt               ? 
_reflns.pdbx_d_res_opt_method            ? 
_reflns.phase_calculation_details        ? 
_reflns.pdbx_Rrim_I_all                  ? 
_reflns.pdbx_Rpim_I_all                  ? 
_reflns.pdbx_d_opt                       ? 
_reflns.pdbx_number_measured_all         ? 
_reflns.pdbx_diffrn_id                   1 
_reflns.pdbx_ordinal                     1 
_reflns.pdbx_CC_half                     0.998 
_reflns.pdbx_CC_star                     ? 
_reflns.pdbx_R_split                     ? 
# 
_reflns_shell.d_res_high                  2.45 
_reflns_shell.d_res_low                   2.65 
_reflns_shell.meanI_over_sigI_all         ? 
_reflns_shell.meanI_over_sigI_obs         ? 
_reflns_shell.number_measured_all         ? 
_reflns_shell.number_measured_obs         ? 
_reflns_shell.number_possible             ? 
_reflns_shell.number_unique_all           ? 
_reflns_shell.number_unique_obs           1293 
_reflns_shell.percent_possible_all        ? 
_reflns_shell.percent_possible_obs        ? 
_reflns_shell.Rmerge_F_all                ? 
_reflns_shell.Rmerge_F_obs                ? 
_reflns_shell.Rmerge_I_all                ? 
_reflns_shell.Rmerge_I_obs                ? 
_reflns_shell.meanI_over_sigI_gt          ? 
_reflns_shell.meanI_over_uI_all           ? 
_reflns_shell.meanI_over_uI_gt            ? 
_reflns_shell.number_measured_gt          ? 
_reflns_shell.number_unique_gt            ? 
_reflns_shell.percent_possible_gt         ? 
_reflns_shell.Rmerge_F_gt                 ? 
_reflns_shell.Rmerge_I_gt                 ? 
_reflns_shell.pdbx_redundancy             ? 
_reflns_shell.pdbx_Rsym_value             ? 
_reflns_shell.pdbx_chi_squared            ? 
_reflns_shell.pdbx_netI_over_sigmaI_all   ? 
_reflns_shell.pdbx_netI_over_sigmaI_obs   ? 
_reflns_shell.pdbx_Rrim_I_all             ? 
_reflns_shell.pdbx_Rpim_I_all             ? 
_reflns_shell.pdbx_rejects                ? 
_reflns_shell.pdbx_ordinal                1 
_reflns_shell.pdbx_diffrn_id              1 
_reflns_shell.pdbx_CC_half                0.515 
_reflns_shell.pdbx_CC_star                ? 
_reflns_shell.pdbx_R_split                ? 
# 
_refine.aniso_B[1][1]                            ? 
_refine.aniso_B[1][2]                            ? 
_refine.aniso_B[1][3]                            ? 
_refine.aniso_B[2][2]                            ? 
_refine.aniso_B[2][3]                            ? 
_refine.aniso_B[3][3]                            ? 
_refine.B_iso_max                                ? 
_refine.B_iso_mean                               ? 
_refine.B_iso_min                                ? 
_refine.correlation_coeff_Fo_to_Fc               ? 
_refine.correlation_coeff_Fo_to_Fc_free          ? 
_refine.details                                  ? 
_refine.diff_density_max                         ? 
_refine.diff_density_max_esd                     ? 
_refine.diff_density_min                         ? 
_refine.diff_density_min_esd                     ? 
_refine.diff_density_rms                         ? 
_refine.diff_density_rms_esd                     ? 
_refine.entry_id                                 7CFI 
_refine.pdbx_refine_id                           'X-RAY DIFFRACTION' 
_refine.ls_abs_structure_details                 ? 
_refine.ls_abs_structure_Flack                   ? 
_refine.ls_abs_structure_Flack_esd               ? 
_refine.ls_abs_structure_Rogers                  ? 
_refine.ls_abs_structure_Rogers_esd              ? 
_refine.ls_d_res_high                            2.45 
_refine.ls_d_res_low                             43.65 
_refine.ls_extinction_coef                       ? 
_refine.ls_extinction_coef_esd                   ? 
_refine.ls_extinction_expression                 ? 
_refine.ls_extinction_method                     ? 
_refine.ls_goodness_of_fit_all                   ? 
_refine.ls_goodness_of_fit_all_esd               ? 
_refine.ls_goodness_of_fit_obs                   ? 
_refine.ls_goodness_of_fit_obs_esd               ? 
_refine.ls_hydrogen_treatment                    ? 
_refine.ls_matrix_type                           ? 
_refine.ls_number_constraints                    ? 
_refine.ls_number_parameters                     ? 
_refine.ls_number_reflns_all                     ? 
_refine.ls_number_reflns_obs                     10115 
_refine.ls_number_reflns_R_free                  1012 
_refine.ls_number_reflns_R_work                  ? 
_refine.ls_number_restraints                     ? 
_refine.ls_percent_reflns_obs                    98.18 
_refine.ls_percent_reflns_R_free                 10.00 
_refine.ls_R_factor_all                          ? 
_refine.ls_R_factor_obs                          0.2466 
_refine.ls_R_factor_R_free                       0.2591 
_refine.ls_R_factor_R_free_error                 ? 
_refine.ls_R_factor_R_free_error_details         ? 
_refine.ls_R_factor_R_work                       0.2453 
_refine.ls_R_Fsqd_factor_obs                     ? 
_refine.ls_R_I_factor_obs                        ? 
_refine.ls_redundancy_reflns_all                 ? 
_refine.ls_redundancy_reflns_obs                 ? 
_refine.ls_restrained_S_all                      ? 
_refine.ls_restrained_S_obs                      ? 
_refine.ls_shift_over_esd_max                    ? 
_refine.ls_shift_over_esd_mean                   ? 
_refine.ls_structure_factor_coef                 ? 
_refine.ls_weighting_details                     ? 
_refine.ls_weighting_scheme                      ? 
_refine.ls_wR_factor_all                         ? 
_refine.ls_wR_factor_obs                         ? 
_refine.ls_wR_factor_R_free                      ? 
_refine.ls_wR_factor_R_work                      ? 
_refine.occupancy_max                            ? 
_refine.occupancy_min                            ? 
_refine.solvent_model_details                    'FLAT BULK SOLVENT MODEL' 
_refine.solvent_model_param_bsol                 ? 
_refine.solvent_model_param_ksol                 ? 
_refine.pdbx_R_complete                          ? 
_refine.ls_R_factor_gt                           ? 
_refine.ls_goodness_of_fit_gt                    ? 
_refine.ls_goodness_of_fit_ref                   ? 
_refine.ls_shift_over_su_max                     ? 
_refine.ls_shift_over_su_max_lt                  ? 
_refine.ls_shift_over_su_mean                    ? 
_refine.ls_shift_over_su_mean_lt                 ? 
_refine.pdbx_ls_sigma_I                          ? 
_refine.pdbx_ls_sigma_F                          1.33 
_refine.pdbx_ls_sigma_Fsqd                       ? 
_refine.pdbx_data_cutoff_high_absF               ? 
_refine.pdbx_data_cutoff_high_rms_absF           ? 
_refine.pdbx_data_cutoff_low_absF                ? 
_refine.pdbx_isotropic_thermal_model             ? 
_refine.pdbx_ls_cross_valid_method               'FREE R-VALUE' 
_refine.pdbx_method_to_determine_struct          'MOLECULAR REPLACEMENT' 
_refine.pdbx_starting_model                      7CFH 
_refine.pdbx_stereochemistry_target_values       ML 
_refine.pdbx_R_Free_selection_details            ? 
_refine.pdbx_stereochem_target_val_spec_case     ? 
_refine.pdbx_overall_ESU_R                       ? 
_refine.pdbx_overall_ESU_R_Free                  ? 
_refine.pdbx_solvent_vdw_probe_radii             1.11 
_refine.pdbx_solvent_ion_probe_radii             ? 
_refine.pdbx_solvent_shrinkage_radii             0.90 
_refine.pdbx_real_space_R                        ? 
_refine.pdbx_density_correlation                 ? 
_refine.pdbx_pd_number_of_powder_patterns        ? 
_refine.pdbx_pd_number_of_points                 ? 
_refine.pdbx_pd_meas_number_of_points            ? 
_refine.pdbx_pd_proc_ls_prof_R_factor            ? 
_refine.pdbx_pd_proc_ls_prof_wR_factor           ? 
_refine.pdbx_pd_Marquardt_correlation_coeff      ? 
_refine.pdbx_pd_Fsqrd_R_factor                   ? 
_refine.pdbx_pd_ls_matrix_band_width             ? 
_refine.pdbx_overall_phase_error                 28.40 
_refine.pdbx_overall_SU_R_free_Cruickshank_DPI   ? 
_refine.pdbx_overall_SU_R_free_Blow_DPI          ? 
_refine.pdbx_overall_SU_R_Blow_DPI               ? 
_refine.pdbx_TLS_residual_ADP_flag               ? 
_refine.pdbx_diffrn_id                           1 
_refine.overall_SU_B                             ? 
_refine.overall_SU_ML                            0.32 
_refine.overall_SU_R_Cruickshank_DPI             ? 
_refine.overall_SU_R_free                        ? 
_refine.overall_FOM_free_R_set                   ? 
_refine.overall_FOM_work_R_set                   ? 
_refine.pdbx_average_fsc_overall                 ? 
_refine.pdbx_average_fsc_work                    ? 
_refine.pdbx_average_fsc_free                    ? 
# 
_refine_hist.pdbx_refine_id                   'X-RAY DIFFRACTION' 
_refine_hist.cycle_id                         LAST 
_refine_hist.details                          ? 
_refine_hist.d_res_high                       2.45 
_refine_hist.d_res_low                        43.65 
_refine_hist.number_atoms_solvent             7 
_refine_hist.number_atoms_total               1096 
_refine_hist.number_reflns_all                ? 
_refine_hist.number_reflns_obs                ? 
_refine_hist.number_reflns_R_free             ? 
_refine_hist.number_reflns_R_work             ? 
_refine_hist.R_factor_all                     ? 
_refine_hist.R_factor_obs                     ? 
_refine_hist.R_factor_R_free                  ? 
_refine_hist.R_factor_R_work                  ? 
_refine_hist.pdbx_number_residues_total       ? 
_refine_hist.pdbx_B_iso_mean_ligand           ? 
_refine_hist.pdbx_B_iso_mean_solvent          ? 
_refine_hist.pdbx_number_atoms_protein        1054 
_refine_hist.pdbx_number_atoms_nucleic_acid   0 
_refine_hist.pdbx_number_atoms_ligand         35 
_refine_hist.pdbx_number_atoms_lipid          ? 
_refine_hist.pdbx_number_atoms_carb           ? 
_refine_hist.pdbx_pseudo_atom_details         ? 
# 
loop_
_refine_ls_restr.pdbx_refine_id 
_refine_ls_restr.criterion 
_refine_ls_restr.dev_ideal 
_refine_ls_restr.dev_ideal_target 
_refine_ls_restr.number 
_refine_ls_restr.rejects 
_refine_ls_restr.type 
_refine_ls_restr.weight 
_refine_ls_restr.pdbx_restraint_function 
'X-RAY DIFFRACTION' ? 0.004  ? 1109 ? f_bond_d           ? ? 
'X-RAY DIFFRACTION' ? 0.903  ? 1522 ? f_angle_d          ? ? 
'X-RAY DIFFRACTION' ? 18.196 ? 169  ? f_dihedral_angle_d ? ? 
'X-RAY DIFFRACTION' ? 0.049  ? 180  ? f_chiral_restr     ? ? 
'X-RAY DIFFRACTION' ? 0.003  ? 191  ? f_plane_restr      ? ? 
# 
loop_
_refine_ls_shell.pdbx_refine_id 
_refine_ls_shell.d_res_high 
_refine_ls_shell.d_res_low 
_refine_ls_shell.number_reflns_all 
_refine_ls_shell.number_reflns_obs 
_refine_ls_shell.number_reflns_R_free 
_refine_ls_shell.number_reflns_R_work 
_refine_ls_shell.percent_reflns_obs 
_refine_ls_shell.percent_reflns_R_free 
_refine_ls_shell.R_factor_all 
_refine_ls_shell.R_factor_obs 
_refine_ls_shell.R_factor_R_free 
_refine_ls_shell.R_factor_R_free_error 
_refine_ls_shell.R_factor_R_work 
_refine_ls_shell.redundancy_reflns_all 
_refine_ls_shell.redundancy_reflns_obs 
_refine_ls_shell.wR_factor_all 
_refine_ls_shell.wR_factor_obs 
_refine_ls_shell.wR_factor_R_free 
_refine_ls_shell.wR_factor_R_work 
_refine_ls_shell.pdbx_R_complete 
_refine_ls_shell.pdbx_total_number_of_bins_used 
_refine_ls_shell.pdbx_phase_error 
_refine_ls_shell.pdbx_fsc_work 
_refine_ls_shell.pdbx_fsc_free 
'X-RAY DIFFRACTION' 2.45 2.58  . . 144 1293 99.00 . . . 0.3254 . 0.2898 . . . . . . . . . . . 
'X-RAY DIFFRACTION' 2.58 2.74  . . 141 1285 99.00 . . . 0.3320 . 0.2909 . . . . . . . . . . . 
'X-RAY DIFFRACTION' 2.74 2.95  . . 145 1301 99.00 . . . 0.3092 . 0.2951 . . . . . . . . . . . 
'X-RAY DIFFRACTION' 2.95 3.25  . . 143 1286 98.00 . . . 0.3107 . 0.2628 . . . . . . . . . . . 
'X-RAY DIFFRACTION' 3.25 3.72  . . 143 1282 97.00 . . . 0.2999 . 0.2590 . . . . . . . . . . . 
'X-RAY DIFFRACTION' 3.72 4.68  . . 145 1303 98.00 . . . 0.2441 . 0.2229 . . . . . . . . . . . 
'X-RAY DIFFRACTION' 4.69 43.65 . . 151 1353 96.00 . . . 0.2212 . 0.2341 . . . . . . . . . . . 
# 
_struct.entry_id                     7CFI 
_struct.title                        
'Structure of the CBS domain of the bacterial CNNM/CorC family Mg2+ transporter in complex with ATP' 
_struct.pdbx_model_details           ? 
_struct.pdbx_formula_weight          ? 
_struct.pdbx_formula_weight_method   ? 
_struct.pdbx_model_type_details      ? 
_struct.pdbx_CASP_flag               N 
# 
_struct_keywords.entry_id        7CFI 
_struct_keywords.text            'transporter, TRANSPORT PROTEIN' 
_struct_keywords.pdbx_keywords   'TRANSPORT PROTEIN' 
# 
loop_
_struct_asym.id 
_struct_asym.pdbx_blank_PDB_chainid_flag 
_struct_asym.pdbx_modified 
_struct_asym.entity_id 
_struct_asym.details 
A N N 1 ? 
B N N 2 ? 
C N N 3 ? 
D N N 3 ? 
E N N 4 ? 
# 
_struct_ref.id                         1 
_struct_ref.db_name                    UNP 
_struct_ref.db_code                    A0A109QFA5_9DEIN 
_struct_ref.pdbx_db_accession          A0A109QFA5 
_struct_ref.pdbx_db_isoform            ? 
_struct_ref.entity_id                  1 
_struct_ref.pdbx_seq_one_letter_code   
;PQEEEMIHSILELEETPVREIMTPRVEMVAIEDEATLEDLLALYREHRYSRVPVYRESVDHIVGVAYAKDLLDYYCEEDL
KGRTVASITHPPYFVPENMDAWSLLKELRRRKVHMAIVVDEFGGTAGLVTLEDVIEEIVGEI
;
_struct_ref.pdbx_align_begin           207 
# 
_struct_ref_seq.align_id                      1 
_struct_ref_seq.ref_id                        1 
_struct_ref_seq.pdbx_PDB_id_code              7CFI 
_struct_ref_seq.pdbx_strand_id                A 
_struct_ref_seq.seq_align_beg                 1 
_struct_ref_seq.pdbx_seq_align_beg_ins_code   ? 
_struct_ref_seq.seq_align_end                 142 
_struct_ref_seq.pdbx_seq_align_end_ins_code   ? 
_struct_ref_seq.pdbx_db_accession             A0A109QFA5 
_struct_ref_seq.db_align_beg                  207 
_struct_ref_seq.pdbx_db_align_beg_ins_code    ? 
_struct_ref_seq.db_align_end                  348 
_struct_ref_seq.pdbx_db_align_end_ins_code    ? 
_struct_ref_seq.pdbx_auth_seq_align_beg       207 
_struct_ref_seq.pdbx_auth_seq_align_end       348 
# 
_pdbx_struct_assembly.id                   1 
_pdbx_struct_assembly.details              author_and_software_defined_assembly 
_pdbx_struct_assembly.method_details       PISA 
_pdbx_struct_assembly.oligomeric_details   dimeric 
_pdbx_struct_assembly.oligomeric_count     2 
# 
loop_
_pdbx_struct_assembly_prop.biol_id 
_pdbx_struct_assembly_prop.type 
_pdbx_struct_assembly_prop.value 
_pdbx_struct_assembly_prop.details 
1 'ABSA (A^2)' 4410  ? 
1 MORE         -54   ? 
1 'SSA (A^2)'  13310 ? 
# 
_pdbx_struct_assembly_gen.assembly_id       1 
_pdbx_struct_assembly_gen.oper_expression   1,2 
_pdbx_struct_assembly_gen.asym_id_list      A,B,C,D,E 
# 
loop_
_pdbx_struct_assembly_auth_evidence.id 
_pdbx_struct_assembly_auth_evidence.assembly_id 
_pdbx_struct_assembly_auth_evidence.experimental_support 
_pdbx_struct_assembly_auth_evidence.details 
1 1 cross-linking    ? 
2 1 'gel filtration' ? 
# 
loop_
_pdbx_struct_oper_list.id 
_pdbx_struct_oper_list.type 
_pdbx_struct_oper_list.name 
_pdbx_struct_oper_list.symmetry_operation 
_pdbx_struct_oper_list.matrix[1][1] 
_pdbx_struct_oper_list.matrix[1][2] 
_pdbx_struct_oper_list.matrix[1][3] 
_pdbx_struct_oper_list.vector[1] 
_pdbx_struct_oper_list.matrix[2][1] 
_pdbx_struct_oper_list.matrix[2][2] 
_pdbx_struct_oper_list.matrix[2][3] 
_pdbx_struct_oper_list.vector[2] 
_pdbx_struct_oper_list.matrix[3][1] 
_pdbx_struct_oper_list.matrix[3][2] 
_pdbx_struct_oper_list.matrix[3][3] 
_pdbx_struct_oper_list.vector[3] 
1 'identity operation'         1_555  x,y,z           1.0000000000  0.0000000000 0.0000000000 0.0000000000  0.0000000000 1.0000000000 0.0000000000 0.0000000000  0.0000000000 0.0000000000 1.0000000000  0.0000000000   
2 'crystal symmetry operation' 14_455 -x-1/2,-y+1/2,z -0.7277010318 0.6774604604 0.1072312129 19.3945917431 0.6774604604 0.6854734277 0.2667836287 -5.9703474179 0.1072312129 0.2667836287 -0.9577723960 -11.5307192528 
# 
loop_
_struct_conf.conf_type_id 
_struct_conf.id 
_struct_conf.pdbx_PDB_helix_id 
_struct_conf.beg_label_comp_id 
_struct_conf.beg_label_asym_id 
_struct_conf.beg_label_seq_id 
_struct_conf.pdbx_beg_PDB_ins_code 
_struct_conf.end_label_comp_id 
_struct_conf.end_label_asym_id 
_struct_conf.end_label_seq_id 
_struct_conf.pdbx_end_PDB_ins_code 
_struct_conf.beg_auth_comp_id 
_struct_conf.beg_auth_asym_id 
_struct_conf.beg_auth_seq_id 
_struct_conf.end_auth_comp_id 
_struct_conf.end_auth_asym_id 
_struct_conf.end_auth_seq_id 
_struct_conf.pdbx_PDB_helix_class 
_struct_conf.details 
_struct_conf.pdbx_PDB_helix_length 
HELX_P HELX_P1  AA1 GLN A 2   ? GLU A 12  ? GLN A 208 GLU A 218 1 ? 11 
HELX_P HELX_P2  AA2 LEU A 13  ? THR A 16  ? LEU A 219 THR A 222 5 ? 4  
HELX_P HELX_P3  AA3 PRO A 17  ? ILE A 21  ? PRO A 223 ILE A 227 5 ? 5  
HELX_P HELX_P4  AA4 VAL A 26  ? MET A 28  ? VAL A 232 MET A 234 5 ? 3  
HELX_P HELX_P5  AA5 THR A 36  ? ARG A 48  ? THR A 242 ARG A 254 1 ? 13 
HELX_P HELX_P6  AA6 LYS A 69  ? TYR A 74  ? LYS A 275 TYR A 280 5 ? 6  
HELX_P HELX_P7  AA7 GLU A 78  ? ARG A 83  ? GLU A 284 ARG A 289 1 ? 6  
HELX_P HELX_P8  AA8 THR A 84  ? THR A 89  ? THR A 290 THR A 295 5 ? 6  
HELX_P HELX_P9  AA9 ASP A 100 ? LYS A 112 ? ASP A 306 LYS A 318 1 ? 13 
HELX_P HELX_P10 AB1 LEU A 131 ? GLY A 140 ? LEU A 337 GLY A 346 1 ? 10 
# 
_struct_conf_type.id          HELX_P 
_struct_conf_type.criteria    ? 
_struct_conf_type.reference   ? 
# 
loop_
_struct_conn.id 
_struct_conn.conn_type_id 
_struct_conn.pdbx_leaving_atom_flag 
_struct_conn.pdbx_PDB_id 
_struct_conn.ptnr1_label_asym_id 
_struct_conn.ptnr1_label_comp_id 
_struct_conn.ptnr1_label_seq_id 
_struct_conn.ptnr1_label_atom_id 
_struct_conn.pdbx_ptnr1_label_alt_id 
_struct_conn.pdbx_ptnr1_PDB_ins_code 
_struct_conn.pdbx_ptnr1_standard_comp_id 
_struct_conn.ptnr1_symmetry 
_struct_conn.ptnr2_label_asym_id 
_struct_conn.ptnr2_label_comp_id 
_struct_conn.ptnr2_label_seq_id 
_struct_conn.ptnr2_label_atom_id 
_struct_conn.pdbx_ptnr2_label_alt_id 
_struct_conn.pdbx_ptnr2_PDB_ins_code 
_struct_conn.ptnr1_auth_asym_id 
_struct_conn.ptnr1_auth_comp_id 
_struct_conn.ptnr1_auth_seq_id 
_struct_conn.ptnr2_auth_asym_id 
_struct_conn.ptnr2_auth_comp_id 
_struct_conn.ptnr2_auth_seq_id 
_struct_conn.ptnr2_symmetry 
_struct_conn.pdbx_ptnr3_label_atom_id 
_struct_conn.pdbx_ptnr3_label_seq_id 
_struct_conn.pdbx_ptnr3_label_comp_id 
_struct_conn.pdbx_ptnr3_label_asym_id 
_struct_conn.pdbx_ptnr3_label_alt_id 
_struct_conn.pdbx_ptnr3_PDB_ins_code 
_struct_conn.details 
_struct_conn.pdbx_dist_value 
_struct_conn.pdbx_value_order 
_struct_conn.pdbx_role 
disulf1 disulf ? ? A CYS 76  SG  ? ? ? 1_555 A CYS 76 SG ? ? A CYS 282 A CYS 282 14_455 ? ? ? ? ? ? ? 2.036 ? ? 
metalc1 metalc ? ? A GLU 132 OE2 ? ? ? 1_555 C MG  .  MG ? ? A GLU 338 A MG  402 1_555  ? ? ? ? ? ? ? 2.203 ? ? 
metalc2 metalc ? ? A GLU 136 OE2 ? ? ? 1_555 C MG  .  MG ? ? A GLU 342 A MG  402 1_555  ? ? ? ? ? ? ? 2.232 ? ? 
metalc3 metalc ? ? A ILE 142 O   ? ? ? 1_555 C MG  .  MG ? ? A ILE 348 A MG  402 1_555  ? ? ? ? ? ? ? 2.930 ? ? 
metalc4 metalc ? ? B ATP .   O2G ? ? ? 1_555 D MG  .  MG ? ? A ATP 401 A MG  403 1_555  ? ? ? ? ? ? ? 2.763 ? ? 
metalc5 metalc ? ? B ATP .   O1B ? ? ? 1_555 D MG  .  MG ? ? A ATP 401 A MG  403 1_555  ? ? ? ? ? ? ? 2.854 ? ? 
metalc6 metalc ? ? B ATP .   O1A ? ? ? 1_555 D MG  .  MG ? ? A ATP 401 A MG  403 1_555  ? ? ? ? ? ? ? 2.985 ? ? 
metalc7 metalc ? ? D MG  .   MG  ? ? ? 1_555 E HOH .  O  ? ? A MG  403 A HOH 501 1_555  ? ? ? ? ? ? ? 2.180 ? ? 
metalc8 metalc ? ? D MG  .   MG  ? ? ? 1_555 E HOH .  O  ? ? A MG  403 A HOH 508 1_555  ? ? ? ? ? ? ? 2.181 ? ? 
# 
loop_
_struct_conn_type.id 
_struct_conn_type.criteria 
_struct_conn_type.reference 
disulf ? ? 
metalc ? ? 
# 
loop_
_pdbx_struct_conn_angle.id 
_pdbx_struct_conn_angle.ptnr1_label_atom_id 
_pdbx_struct_conn_angle.ptnr1_label_alt_id 
_pdbx_struct_conn_angle.ptnr1_label_asym_id 
_pdbx_struct_conn_angle.ptnr1_label_comp_id 
_pdbx_struct_conn_angle.ptnr1_label_seq_id 
_pdbx_struct_conn_angle.ptnr1_auth_atom_id 
_pdbx_struct_conn_angle.ptnr1_auth_asym_id 
_pdbx_struct_conn_angle.ptnr1_auth_comp_id 
_pdbx_struct_conn_angle.ptnr1_auth_seq_id 
_pdbx_struct_conn_angle.ptnr1_PDB_ins_code 
_pdbx_struct_conn_angle.ptnr1_symmetry 
_pdbx_struct_conn_angle.ptnr2_label_atom_id 
_pdbx_struct_conn_angle.ptnr2_label_alt_id 
_pdbx_struct_conn_angle.ptnr2_label_asym_id 
_pdbx_struct_conn_angle.ptnr2_label_comp_id 
_pdbx_struct_conn_angle.ptnr2_label_seq_id 
_pdbx_struct_conn_angle.ptnr2_auth_atom_id 
_pdbx_struct_conn_angle.ptnr2_auth_asym_id 
_pdbx_struct_conn_angle.ptnr2_auth_comp_id 
_pdbx_struct_conn_angle.ptnr2_auth_seq_id 
_pdbx_struct_conn_angle.ptnr2_PDB_ins_code 
_pdbx_struct_conn_angle.ptnr2_symmetry 
_pdbx_struct_conn_angle.ptnr3_label_atom_id 
_pdbx_struct_conn_angle.ptnr3_label_alt_id 
_pdbx_struct_conn_angle.ptnr3_label_asym_id 
_pdbx_struct_conn_angle.ptnr3_label_comp_id 
_pdbx_struct_conn_angle.ptnr3_label_seq_id 
_pdbx_struct_conn_angle.ptnr3_auth_atom_id 
_pdbx_struct_conn_angle.ptnr3_auth_asym_id 
_pdbx_struct_conn_angle.ptnr3_auth_comp_id 
_pdbx_struct_conn_angle.ptnr3_auth_seq_id 
_pdbx_struct_conn_angle.ptnr3_PDB_ins_code 
_pdbx_struct_conn_angle.ptnr3_symmetry 
_pdbx_struct_conn_angle.value 
_pdbx_struct_conn_angle.value_esd 
1  OE2 ? A GLU 132 ? A GLU 338 ? 1_555 MG ? C MG . ? A MG 402 ? 1_555 OE2 ? A GLU 136 ? A GLU 342 ? 1_555 79.3  ? 
2  OE2 ? A GLU 132 ? A GLU 338 ? 1_555 MG ? C MG . ? A MG 402 ? 1_555 O   ? A ILE 142 ? A ILE 348 ? 1_555 86.2  ? 
3  OE2 ? A GLU 136 ? A GLU 342 ? 1_555 MG ? C MG . ? A MG 402 ? 1_555 O   ? A ILE 142 ? A ILE 348 ? 1_555 90.1  ? 
4  O2G ? B ATP .   ? A ATP 401 ? 1_555 MG ? D MG . ? A MG 403 ? 1_555 O1B ? B ATP .   ? A ATP 401 ? 1_555 58.9  ? 
5  O2G ? B ATP .   ? A ATP 401 ? 1_555 MG ? D MG . ? A MG 403 ? 1_555 O1A ? B ATP .   ? A ATP 401 ? 1_555 62.9  ? 
6  O1B ? B ATP .   ? A ATP 401 ? 1_555 MG ? D MG . ? A MG 403 ? 1_555 O1A ? B ATP .   ? A ATP 401 ? 1_555 55.0  ? 
7  O2G ? B ATP .   ? A ATP 401 ? 1_555 MG ? D MG . ? A MG 403 ? 1_555 O   ? E HOH .   ? A HOH 501 ? 1_555 67.3  ? 
8  O1B ? B ATP .   ? A ATP 401 ? 1_555 MG ? D MG . ? A MG 403 ? 1_555 O   ? E HOH .   ? A HOH 501 ? 1_555 102.1 ? 
9  O1A ? B ATP .   ? A ATP 401 ? 1_555 MG ? D MG . ? A MG 403 ? 1_555 O   ? E HOH .   ? A HOH 501 ? 1_555 51.9  ? 
10 O2G ? B ATP .   ? A ATP 401 ? 1_555 MG ? D MG . ? A MG 403 ? 1_555 O   ? E HOH .   ? A HOH 508 ? 1_555 108.1 ? 
11 O1B ? B ATP .   ? A ATP 401 ? 1_555 MG ? D MG . ? A MG 403 ? 1_555 O   ? E HOH .   ? A HOH 508 ? 1_555 73.5  ? 
12 O1A ? B ATP .   ? A ATP 401 ? 1_555 MG ? D MG . ? A MG 403 ? 1_555 O   ? E HOH .   ? A HOH 508 ? 1_555 124.8 ? 
13 O   ? E HOH .   ? A HOH 501 ? 1_555 MG ? D MG . ? A MG 403 ? 1_555 O   ? E HOH .   ? A HOH 508 ? 1_555 175.1 ? 
# 
_pdbx_modification_feature.ordinal                            1 
_pdbx_modification_feature.label_comp_id                      CYS 
_pdbx_modification_feature.label_asym_id                      A 
_pdbx_modification_feature.label_seq_id                       76 
_pdbx_modification_feature.label_alt_id                       ? 
_pdbx_modification_feature.modified_residue_label_comp_id     CYS 
_pdbx_modification_feature.modified_residue_label_asym_id     A 
_pdbx_modification_feature.modified_residue_label_seq_id      76 
_pdbx_modification_feature.modified_residue_label_alt_id      ? 
_pdbx_modification_feature.auth_comp_id                       CYS 
_pdbx_modification_feature.auth_asym_id                       A 
_pdbx_modification_feature.auth_seq_id                        282 
_pdbx_modification_feature.PDB_ins_code                       ? 
_pdbx_modification_feature.symmetry                           1_555 
_pdbx_modification_feature.modified_residue_auth_comp_id      CYS 
_pdbx_modification_feature.modified_residue_auth_asym_id      A 
_pdbx_modification_feature.modified_residue_auth_seq_id       282 
_pdbx_modification_feature.modified_residue_PDB_ins_code      ? 
_pdbx_modification_feature.modified_residue_symmetry          14_455 
_pdbx_modification_feature.comp_id_linking_atom               SG 
_pdbx_modification_feature.modified_residue_id_linking_atom   SG 
_pdbx_modification_feature.modified_residue_id                . 
_pdbx_modification_feature.ref_pcm_id                         . 
_pdbx_modification_feature.ref_comp_id                        . 
_pdbx_modification_feature.type                               None 
_pdbx_modification_feature.category                           'Disulfide bridge' 
# 
loop_
_struct_sheet.id 
_struct_sheet.type 
_struct_sheet.number_strands 
_struct_sheet.details 
AA1 ? 4 ? 
AA2 ? 3 ? 
# 
loop_
_struct_sheet_order.sheet_id 
_struct_sheet_order.range_id_1 
_struct_sheet_order.range_id_2 
_struct_sheet_order.offset 
_struct_sheet_order.sense 
AA1 1 2 ? anti-parallel 
AA1 2 3 ? anti-parallel 
AA1 3 4 ? parallel      
AA2 1 2 ? parallel      
AA2 2 3 ? anti-parallel 
# 
loop_
_struct_sheet_range.sheet_id 
_struct_sheet_range.id 
_struct_sheet_range.beg_label_comp_id 
_struct_sheet_range.beg_label_asym_id 
_struct_sheet_range.beg_label_seq_id 
_struct_sheet_range.pdbx_beg_PDB_ins_code 
_struct_sheet_range.end_label_comp_id 
_struct_sheet_range.end_label_asym_id 
_struct_sheet_range.end_label_seq_id 
_struct_sheet_range.pdbx_end_PDB_ins_code 
_struct_sheet_range.beg_auth_comp_id 
_struct_sheet_range.beg_auth_asym_id 
_struct_sheet_range.beg_auth_seq_id 
_struct_sheet_range.end_auth_comp_id 
_struct_sheet_range.end_auth_asym_id 
_struct_sheet_range.end_auth_seq_id 
AA1 1 THR A 23  ? PRO A 24  ? THR A 229 PRO A 230 
AA1 2 THR A 125 ? THR A 130 ? THR A 331 THR A 336 
AA1 3 MET A 115 ? VAL A 119 ? MET A 321 VAL A 325 
AA1 4 PHE A 94  ? PRO A 96  ? PHE A 300 PRO A 302 
AA2 1 ILE A 31  ? GLU A 32  ? ILE A 237 GLU A 238 
AA2 2 ARG A 51  ? TYR A 55  ? ARG A 257 TYR A 261 
AA2 3 ILE A 62  ? TYR A 67  ? ILE A 268 TYR A 273 
# 
loop_
_pdbx_struct_sheet_hbond.sheet_id 
_pdbx_struct_sheet_hbond.range_id_1 
_pdbx_struct_sheet_hbond.range_id_2 
_pdbx_struct_sheet_hbond.range_1_label_atom_id 
_pdbx_struct_sheet_hbond.range_1_label_comp_id 
_pdbx_struct_sheet_hbond.range_1_label_asym_id 
_pdbx_struct_sheet_hbond.range_1_label_seq_id 
_pdbx_struct_sheet_hbond.range_1_PDB_ins_code 
_pdbx_struct_sheet_hbond.range_1_auth_atom_id 
_pdbx_struct_sheet_hbond.range_1_auth_comp_id 
_pdbx_struct_sheet_hbond.range_1_auth_asym_id 
_pdbx_struct_sheet_hbond.range_1_auth_seq_id 
_pdbx_struct_sheet_hbond.range_2_label_atom_id 
_pdbx_struct_sheet_hbond.range_2_label_comp_id 
_pdbx_struct_sheet_hbond.range_2_label_asym_id 
_pdbx_struct_sheet_hbond.range_2_label_seq_id 
_pdbx_struct_sheet_hbond.range_2_PDB_ins_code 
_pdbx_struct_sheet_hbond.range_2_auth_atom_id 
_pdbx_struct_sheet_hbond.range_2_auth_comp_id 
_pdbx_struct_sheet_hbond.range_2_auth_asym_id 
_pdbx_struct_sheet_hbond.range_2_auth_seq_id 
AA1 1 2 N THR A 23  ? N THR A 229 O LEU A 128 ? O LEU A 334 
AA1 2 3 O VAL A 129 ? O VAL A 335 N ALA A 116 ? N ALA A 322 
AA1 3 4 O ILE A 117 ? O ILE A 323 N VAL A 95  ? N VAL A 301 
AA2 1 2 N ILE A 31  ? N ILE A 237 O TYR A 55  ? O TYR A 261 
AA2 2 3 N VAL A 54  ? N VAL A 260 O VAL A 63  ? O VAL A 269 
# 
_pdbx_entry_details.entry_id                   7CFI 
_pdbx_entry_details.nonpolymer_details         ? 
_pdbx_entry_details.sequence_details           ? 
_pdbx_entry_details.compound_details           ? 
_pdbx_entry_details.source_details             ? 
_pdbx_entry_details.has_ligand_of_interest     Y 
_pdbx_entry_details.has_protein_modification   Y 
# 
_pdbx_validate_close_contact.id               1 
_pdbx_validate_close_contact.PDB_model_num    1 
_pdbx_validate_close_contact.auth_atom_id_1   OE1 
_pdbx_validate_close_contact.auth_asym_id_1   A 
_pdbx_validate_close_contact.auth_comp_id_1   GLU 
_pdbx_validate_close_contact.auth_seq_id_1    338 
_pdbx_validate_close_contact.PDB_ins_code_1   ? 
_pdbx_validate_close_contact.label_alt_id_1   ? 
_pdbx_validate_close_contact.auth_atom_id_2   O 
_pdbx_validate_close_contact.auth_asym_id_2   A 
_pdbx_validate_close_contact.auth_comp_id_2   HOH 
_pdbx_validate_close_contact.auth_seq_id_2    501 
_pdbx_validate_close_contact.PDB_ins_code_2   ? 
_pdbx_validate_close_contact.label_alt_id_2   ? 
_pdbx_validate_close_contact.dist             2.01 
# 
loop_
_pdbx_validate_torsion.id 
_pdbx_validate_torsion.PDB_model_num 
_pdbx_validate_torsion.auth_comp_id 
_pdbx_validate_torsion.auth_asym_id 
_pdbx_validate_torsion.auth_seq_id 
_pdbx_validate_torsion.PDB_ins_code 
_pdbx_validate_torsion.label_alt_id 
_pdbx_validate_torsion.phi 
_pdbx_validate_torsion.psi 
1 1 ARG A 262 ? ? -81.66  -81.84 
2 1 GLU A 284 ? ? -155.71 -23.07 
# 
loop_
_space_group_symop.id 
_space_group_symop.operation_xyz 
1  x,y,z           
2  x,-y,-z         
3  -x,y,-z         
4  -x,-y,z         
5  x,y+1/2,z+1/2   
6  x,-y+1/2,-z+1/2 
7  -x,y+1/2,-z+1/2 
8  -x,-y+1/2,z+1/2 
9  x+1/2,y,z+1/2   
10 x+1/2,-y,-z+1/2 
11 -x+1/2,y,-z+1/2 
12 -x+1/2,-y,z+1/2 
13 x+1/2,y+1/2,z   
14 x+1/2,-y+1/2,-z 
15 -x+1/2,y+1/2,-z 
16 -x+1/2,-y+1/2,z 
# 
loop_
_chem_comp_atom.comp_id 
_chem_comp_atom.atom_id 
_chem_comp_atom.type_symbol 
_chem_comp_atom.pdbx_aromatic_flag 
_chem_comp_atom.pdbx_stereo_config 
_chem_comp_atom.pdbx_ordinal 
ALA N      N  N N 1   
ALA CA     C  N S 2   
ALA C      C  N N 3   
ALA O      O  N N 4   
ALA CB     C  N N 5   
ALA OXT    O  N N 6   
ALA H      H  N N 7   
ALA H2     H  N N 8   
ALA HA     H  N N 9   
ALA HB1    H  N N 10  
ALA HB2    H  N N 11  
ALA HB3    H  N N 12  
ALA HXT    H  N N 13  
ARG N      N  N N 14  
ARG CA     C  N S 15  
ARG C      C  N N 16  
ARG O      O  N N 17  
ARG CB     C  N N 18  
ARG CG     C  N N 19  
ARG CD     C  N N 20  
ARG NE     N  N N 21  
ARG CZ     C  N N 22  
ARG NH1    N  N N 23  
ARG NH2    N  N N 24  
ARG OXT    O  N N 25  
ARG H      H  N N 26  
ARG H2     H  N N 27  
ARG HA     H  N N 28  
ARG HB2    H  N N 29  
ARG HB3    H  N N 30  
ARG HG2    H  N N 31  
ARG HG3    H  N N 32  
ARG HD2    H  N N 33  
ARG HD3    H  N N 34  
ARG HE     H  N N 35  
ARG HH11   H  N N 36  
ARG HH12   H  N N 37  
ARG HH21   H  N N 38  
ARG HH22   H  N N 39  
ARG HXT    H  N N 40  
ASN N      N  N N 41  
ASN CA     C  N S 42  
ASN C      C  N N 43  
ASN O      O  N N 44  
ASN CB     C  N N 45  
ASN CG     C  N N 46  
ASN OD1    O  N N 47  
ASN ND2    N  N N 48  
ASN OXT    O  N N 49  
ASN H      H  N N 50  
ASN H2     H  N N 51  
ASN HA     H  N N 52  
ASN HB2    H  N N 53  
ASN HB3    H  N N 54  
ASN HD21   H  N N 55  
ASN HD22   H  N N 56  
ASN HXT    H  N N 57  
ASP N      N  N N 58  
ASP CA     C  N S 59  
ASP C      C  N N 60  
ASP O      O  N N 61  
ASP CB     C  N N 62  
ASP CG     C  N N 63  
ASP OD1    O  N N 64  
ASP OD2    O  N N 65  
ASP OXT    O  N N 66  
ASP H      H  N N 67  
ASP H2     H  N N 68  
ASP HA     H  N N 69  
ASP HB2    H  N N 70  
ASP HB3    H  N N 71  
ASP HD2    H  N N 72  
ASP HXT    H  N N 73  
ATP PG     P  N N 74  
ATP O1G    O  N N 75  
ATP O2G    O  N N 76  
ATP O3G    O  N N 77  
ATP PB     P  N R 78  
ATP O1B    O  N N 79  
ATP O2B    O  N N 80  
ATP O3B    O  N N 81  
ATP PA     P  N R 82  
ATP O1A    O  N N 83  
ATP O2A    O  N N 84  
ATP O3A    O  N N 85  
ATP "O5'"  O  N N 86  
ATP "C5'"  C  N N 87  
ATP "C4'"  C  N R 88  
ATP "O4'"  O  N N 89  
ATP "C3'"  C  N S 90  
ATP "O3'"  O  N N 91  
ATP "C2'"  C  N R 92  
ATP "O2'"  O  N N 93  
ATP "C1'"  C  N R 94  
ATP N9     N  Y N 95  
ATP C8     C  Y N 96  
ATP N7     N  Y N 97  
ATP C5     C  Y N 98  
ATP C6     C  Y N 99  
ATP N6     N  N N 100 
ATP N1     N  Y N 101 
ATP C2     C  Y N 102 
ATP N3     N  Y N 103 
ATP C4     C  Y N 104 
ATP HOG2   H  N N 105 
ATP HOG3   H  N N 106 
ATP HOB2   H  N N 107 
ATP HOA2   H  N N 108 
ATP "H5'1" H  N N 109 
ATP "H5'2" H  N N 110 
ATP "H4'"  H  N N 111 
ATP "H3'"  H  N N 112 
ATP "HO3'" H  N N 113 
ATP "H2'"  H  N N 114 
ATP "HO2'" H  N N 115 
ATP "H1'"  H  N N 116 
ATP H8     H  N N 117 
ATP HN61   H  N N 118 
ATP HN62   H  N N 119 
ATP H2     H  N N 120 
CYS N      N  N N 121 
CYS CA     C  N R 122 
CYS C      C  N N 123 
CYS O      O  N N 124 
CYS CB     C  N N 125 
CYS SG     S  N N 126 
CYS OXT    O  N N 127 
CYS H      H  N N 128 
CYS H2     H  N N 129 
CYS HA     H  N N 130 
CYS HB2    H  N N 131 
CYS HB3    H  N N 132 
CYS HG     H  N N 133 
CYS HXT    H  N N 134 
GLN N      N  N N 135 
GLN CA     C  N S 136 
GLN C      C  N N 137 
GLN O      O  N N 138 
GLN CB     C  N N 139 
GLN CG     C  N N 140 
GLN CD     C  N N 141 
GLN OE1    O  N N 142 
GLN NE2    N  N N 143 
GLN OXT    O  N N 144 
GLN H      H  N N 145 
GLN H2     H  N N 146 
GLN HA     H  N N 147 
GLN HB2    H  N N 148 
GLN HB3    H  N N 149 
GLN HG2    H  N N 150 
GLN HG3    H  N N 151 
GLN HE21   H  N N 152 
GLN HE22   H  N N 153 
GLN HXT    H  N N 154 
GLU N      N  N N 155 
GLU CA     C  N S 156 
GLU C      C  N N 157 
GLU O      O  N N 158 
GLU CB     C  N N 159 
GLU CG     C  N N 160 
GLU CD     C  N N 161 
GLU OE1    O  N N 162 
GLU OE2    O  N N 163 
GLU OXT    O  N N 164 
GLU H      H  N N 165 
GLU H2     H  N N 166 
GLU HA     H  N N 167 
GLU HB2    H  N N 168 
GLU HB3    H  N N 169 
GLU HG2    H  N N 170 
GLU HG3    H  N N 171 
GLU HE2    H  N N 172 
GLU HXT    H  N N 173 
GLY N      N  N N 174 
GLY CA     C  N N 175 
GLY C      C  N N 176 
GLY O      O  N N 177 
GLY OXT    O  N N 178 
GLY H      H  N N 179 
GLY H2     H  N N 180 
GLY HA2    H  N N 181 
GLY HA3    H  N N 182 
GLY HXT    H  N N 183 
HIS N      N  N N 184 
HIS CA     C  N S 185 
HIS C      C  N N 186 
HIS O      O  N N 187 
HIS CB     C  N N 188 
HIS CG     C  Y N 189 
HIS ND1    N  Y N 190 
HIS CD2    C  Y N 191 
HIS CE1    C  Y N 192 
HIS NE2    N  Y N 193 
HIS OXT    O  N N 194 
HIS H      H  N N 195 
HIS H2     H  N N 196 
HIS HA     H  N N 197 
HIS HB2    H  N N 198 
HIS HB3    H  N N 199 
HIS HD1    H  N N 200 
HIS HD2    H  N N 201 
HIS HE1    H  N N 202 
HIS HE2    H  N N 203 
HIS HXT    H  N N 204 
HOH O      O  N N 205 
HOH H1     H  N N 206 
HOH H2     H  N N 207 
ILE N      N  N N 208 
ILE CA     C  N S 209 
ILE C      C  N N 210 
ILE O      O  N N 211 
ILE CB     C  N S 212 
ILE CG1    C  N N 213 
ILE CG2    C  N N 214 
ILE CD1    C  N N 215 
ILE OXT    O  N N 216 
ILE H      H  N N 217 
ILE H2     H  N N 218 
ILE HA     H  N N 219 
ILE HB     H  N N 220 
ILE HG12   H  N N 221 
ILE HG13   H  N N 222 
ILE HG21   H  N N 223 
ILE HG22   H  N N 224 
ILE HG23   H  N N 225 
ILE HD11   H  N N 226 
ILE HD12   H  N N 227 
ILE HD13   H  N N 228 
ILE HXT    H  N N 229 
LEU N      N  N N 230 
LEU CA     C  N S 231 
LEU C      C  N N 232 
LEU O      O  N N 233 
LEU CB     C  N N 234 
LEU CG     C  N N 235 
LEU CD1    C  N N 236 
LEU CD2    C  N N 237 
LEU OXT    O  N N 238 
LEU H      H  N N 239 
LEU H2     H  N N 240 
LEU HA     H  N N 241 
LEU HB2    H  N N 242 
LEU HB3    H  N N 243 
LEU HG     H  N N 244 
LEU HD11   H  N N 245 
LEU HD12   H  N N 246 
LEU HD13   H  N N 247 
LEU HD21   H  N N 248 
LEU HD22   H  N N 249 
LEU HD23   H  N N 250 
LEU HXT    H  N N 251 
LYS N      N  N N 252 
LYS CA     C  N S 253 
LYS C      C  N N 254 
LYS O      O  N N 255 
LYS CB     C  N N 256 
LYS CG     C  N N 257 
LYS CD     C  N N 258 
LYS CE     C  N N 259 
LYS NZ     N  N N 260 
LYS OXT    O  N N 261 
LYS H      H  N N 262 
LYS H2     H  N N 263 
LYS HA     H  N N 264 
LYS HB2    H  N N 265 
LYS HB3    H  N N 266 
LYS HG2    H  N N 267 
LYS HG3    H  N N 268 
LYS HD2    H  N N 269 
LYS HD3    H  N N 270 
LYS HE2    H  N N 271 
LYS HE3    H  N N 272 
LYS HZ1    H  N N 273 
LYS HZ2    H  N N 274 
LYS HZ3    H  N N 275 
LYS HXT    H  N N 276 
MET N      N  N N 277 
MET CA     C  N S 278 
MET C      C  N N 279 
MET O      O  N N 280 
MET CB     C  N N 281 
MET CG     C  N N 282 
MET SD     S  N N 283 
MET CE     C  N N 284 
MET OXT    O  N N 285 
MET H      H  N N 286 
MET H2     H  N N 287 
MET HA     H  N N 288 
MET HB2    H  N N 289 
MET HB3    H  N N 290 
MET HG2    H  N N 291 
MET HG3    H  N N 292 
MET HE1    H  N N 293 
MET HE2    H  N N 294 
MET HE3    H  N N 295 
MET HXT    H  N N 296 
MG  MG     MG N N 297 
PHE N      N  N N 298 
PHE CA     C  N S 299 
PHE C      C  N N 300 
PHE O      O  N N 301 
PHE CB     C  N N 302 
PHE CG     C  Y N 303 
PHE CD1    C  Y N 304 
PHE CD2    C  Y N 305 
PHE CE1    C  Y N 306 
PHE CE2    C  Y N 307 
PHE CZ     C  Y N 308 
PHE OXT    O  N N 309 
PHE H      H  N N 310 
PHE H2     H  N N 311 
PHE HA     H  N N 312 
PHE HB2    H  N N 313 
PHE HB3    H  N N 314 
PHE HD1    H  N N 315 
PHE HD2    H  N N 316 
PHE HE1    H  N N 317 
PHE HE2    H  N N 318 
PHE HZ     H  N N 319 
PHE HXT    H  N N 320 
PRO N      N  N N 321 
PRO CA     C  N S 322 
PRO C      C  N N 323 
PRO O      O  N N 324 
PRO CB     C  N N 325 
PRO CG     C  N N 326 
PRO CD     C  N N 327 
PRO OXT    O  N N 328 
PRO H      H  N N 329 
PRO HA     H  N N 330 
PRO HB2    H  N N 331 
PRO HB3    H  N N 332 
PRO HG2    H  N N 333 
PRO HG3    H  N N 334 
PRO HD2    H  N N 335 
PRO HD3    H  N N 336 
PRO HXT    H  N N 337 
SER N      N  N N 338 
SER CA     C  N S 339 
SER C      C  N N 340 
SER O      O  N N 341 
SER CB     C  N N 342 
SER OG     O  N N 343 
SER OXT    O  N N 344 
SER H      H  N N 345 
SER H2     H  N N 346 
SER HA     H  N N 347 
SER HB2    H  N N 348 
SER HB3    H  N N 349 
SER HG     H  N N 350 
SER HXT    H  N N 351 
THR N      N  N N 352 
THR CA     C  N S 353 
THR C      C  N N 354 
THR O      O  N N 355 
THR CB     C  N R 356 
THR OG1    O  N N 357 
THR CG2    C  N N 358 
THR OXT    O  N N 359 
THR H      H  N N 360 
THR H2     H  N N 361 
THR HA     H  N N 362 
THR HB     H  N N 363 
THR HG1    H  N N 364 
THR HG21   H  N N 365 
THR HG22   H  N N 366 
THR HG23   H  N N 367 
THR HXT    H  N N 368 
TRP N      N  N N 369 
TRP CA     C  N S 370 
TRP C      C  N N 371 
TRP O      O  N N 372 
TRP CB     C  N N 373 
TRP CG     C  Y N 374 
TRP CD1    C  Y N 375 
TRP CD2    C  Y N 376 
TRP NE1    N  Y N 377 
TRP CE2    C  Y N 378 
TRP CE3    C  Y N 379 
TRP CZ2    C  Y N 380 
TRP CZ3    C  Y N 381 
TRP CH2    C  Y N 382 
TRP OXT    O  N N 383 
TRP H      H  N N 384 
TRP H2     H  N N 385 
TRP HA     H  N N 386 
TRP HB2    H  N N 387 
TRP HB3    H  N N 388 
TRP HD1    H  N N 389 
TRP HE1    H  N N 390 
TRP HE3    H  N N 391 
TRP HZ2    H  N N 392 
TRP HZ3    H  N N 393 
TRP HH2    H  N N 394 
TRP HXT    H  N N 395 
TYR N      N  N N 396 
TYR CA     C  N S 397 
TYR C      C  N N 398 
TYR O      O  N N 399 
TYR CB     C  N N 400 
TYR CG     C  Y N 401 
TYR CD1    C  Y N 402 
TYR CD2    C  Y N 403 
TYR CE1    C  Y N 404 
TYR CE2    C  Y N 405 
TYR CZ     C  Y N 406 
TYR OH     O  N N 407 
TYR OXT    O  N N 408 
TYR H      H  N N 409 
TYR H2     H  N N 410 
TYR HA     H  N N 411 
TYR HB2    H  N N 412 
TYR HB3    H  N N 413 
TYR HD1    H  N N 414 
TYR HD2    H  N N 415 
TYR HE1    H  N N 416 
TYR HE2    H  N N 417 
TYR HH     H  N N 418 
TYR HXT    H  N N 419 
VAL N      N  N N 420 
VAL CA     C  N S 421 
VAL C      C  N N 422 
VAL O      O  N N 423 
VAL CB     C  N N 424 
VAL CG1    C  N N 425 
VAL CG2    C  N N 426 
VAL OXT    O  N N 427 
VAL H      H  N N 428 
VAL H2     H  N N 429 
VAL HA     H  N N 430 
VAL HB     H  N N 431 
VAL HG11   H  N N 432 
VAL HG12   H  N N 433 
VAL HG13   H  N N 434 
VAL HG21   H  N N 435 
VAL HG22   H  N N 436 
VAL HG23   H  N N 437 
VAL HXT    H  N N 438 
# 
loop_
_chem_comp_bond.comp_id 
_chem_comp_bond.atom_id_1 
_chem_comp_bond.atom_id_2 
_chem_comp_bond.value_order 
_chem_comp_bond.pdbx_aromatic_flag 
_chem_comp_bond.pdbx_stereo_config 
_chem_comp_bond.pdbx_ordinal 
ALA N     CA     sing N N 1   
ALA N     H      sing N N 2   
ALA N     H2     sing N N 3   
ALA CA    C      sing N N 4   
ALA CA    CB     sing N N 5   
ALA CA    HA     sing N N 6   
ALA C     O      doub N N 7   
ALA C     OXT    sing N N 8   
ALA CB    HB1    sing N N 9   
ALA CB    HB2    sing N N 10  
ALA CB    HB3    sing N N 11  
ALA OXT   HXT    sing N N 12  
ARG N     CA     sing N N 13  
ARG N     H      sing N N 14  
ARG N     H2     sing N N 15  
ARG CA    C      sing N N 16  
ARG CA    CB     sing N N 17  
ARG CA    HA     sing N N 18  
ARG C     O      doub N N 19  
ARG C     OXT    sing N N 20  
ARG CB    CG     sing N N 21  
ARG CB    HB2    sing N N 22  
ARG CB    HB3    sing N N 23  
ARG CG    CD     sing N N 24  
ARG CG    HG2    sing N N 25  
ARG CG    HG3    sing N N 26  
ARG CD    NE     sing N N 27  
ARG CD    HD2    sing N N 28  
ARG CD    HD3    sing N N 29  
ARG NE    CZ     sing N N 30  
ARG NE    HE     sing N N 31  
ARG CZ    NH1    sing N N 32  
ARG CZ    NH2    doub N N 33  
ARG NH1   HH11   sing N N 34  
ARG NH1   HH12   sing N N 35  
ARG NH2   HH21   sing N N 36  
ARG NH2   HH22   sing N N 37  
ARG OXT   HXT    sing N N 38  
ASN N     CA     sing N N 39  
ASN N     H      sing N N 40  
ASN N     H2     sing N N 41  
ASN CA    C      sing N N 42  
ASN CA    CB     sing N N 43  
ASN CA    HA     sing N N 44  
ASN C     O      doub N N 45  
ASN C     OXT    sing N N 46  
ASN CB    CG     sing N N 47  
ASN CB    HB2    sing N N 48  
ASN CB    HB3    sing N N 49  
ASN CG    OD1    doub N N 50  
ASN CG    ND2    sing N N 51  
ASN ND2   HD21   sing N N 52  
ASN ND2   HD22   sing N N 53  
ASN OXT   HXT    sing N N 54  
ASP N     CA     sing N N 55  
ASP N     H      sing N N 56  
ASP N     H2     sing N N 57  
ASP CA    C      sing N N 58  
ASP CA    CB     sing N N 59  
ASP CA    HA     sing N N 60  
ASP C     O      doub N N 61  
ASP C     OXT    sing N N 62  
ASP CB    CG     sing N N 63  
ASP CB    HB2    sing N N 64  
ASP CB    HB3    sing N N 65  
ASP CG    OD1    doub N N 66  
ASP CG    OD2    sing N N 67  
ASP OD2   HD2    sing N N 68  
ASP OXT   HXT    sing N N 69  
ATP PG    O1G    doub N N 70  
ATP PG    O2G    sing N N 71  
ATP PG    O3G    sing N N 72  
ATP PG    O3B    sing N N 73  
ATP O2G   HOG2   sing N N 74  
ATP O3G   HOG3   sing N N 75  
ATP PB    O1B    doub N N 76  
ATP PB    O2B    sing N N 77  
ATP PB    O3B    sing N N 78  
ATP PB    O3A    sing N N 79  
ATP O2B   HOB2   sing N N 80  
ATP PA    O1A    doub N N 81  
ATP PA    O2A    sing N N 82  
ATP PA    O3A    sing N N 83  
ATP PA    "O5'"  sing N N 84  
ATP O2A   HOA2   sing N N 85  
ATP "O5'" "C5'"  sing N N 86  
ATP "C5'" "C4'"  sing N N 87  
ATP "C5'" "H5'1" sing N N 88  
ATP "C5'" "H5'2" sing N N 89  
ATP "C4'" "O4'"  sing N N 90  
ATP "C4'" "C3'"  sing N N 91  
ATP "C4'" "H4'"  sing N N 92  
ATP "O4'" "C1'"  sing N N 93  
ATP "C3'" "O3'"  sing N N 94  
ATP "C3'" "C2'"  sing N N 95  
ATP "C3'" "H3'"  sing N N 96  
ATP "O3'" "HO3'" sing N N 97  
ATP "C2'" "O2'"  sing N N 98  
ATP "C2'" "C1'"  sing N N 99  
ATP "C2'" "H2'"  sing N N 100 
ATP "O2'" "HO2'" sing N N 101 
ATP "C1'" N9     sing N N 102 
ATP "C1'" "H1'"  sing N N 103 
ATP N9    C8     sing Y N 104 
ATP N9    C4     sing Y N 105 
ATP C8    N7     doub Y N 106 
ATP C8    H8     sing N N 107 
ATP N7    C5     sing Y N 108 
ATP C5    C6     sing Y N 109 
ATP C5    C4     doub Y N 110 
ATP C6    N6     sing N N 111 
ATP C6    N1     doub Y N 112 
ATP N6    HN61   sing N N 113 
ATP N6    HN62   sing N N 114 
ATP N1    C2     sing Y N 115 
ATP C2    N3     doub Y N 116 
ATP C2    H2     sing N N 117 
ATP N3    C4     sing Y N 118 
CYS N     CA     sing N N 119 
CYS N     H      sing N N 120 
CYS N     H2     sing N N 121 
CYS CA    C      sing N N 122 
CYS CA    CB     sing N N 123 
CYS CA    HA     sing N N 124 
CYS C     O      doub N N 125 
CYS C     OXT    sing N N 126 
CYS CB    SG     sing N N 127 
CYS CB    HB2    sing N N 128 
CYS CB    HB3    sing N N 129 
CYS SG    HG     sing N N 130 
CYS OXT   HXT    sing N N 131 
GLN N     CA     sing N N 132 
GLN N     H      sing N N 133 
GLN N     H2     sing N N 134 
GLN CA    C      sing N N 135 
GLN CA    CB     sing N N 136 
GLN CA    HA     sing N N 137 
GLN C     O      doub N N 138 
GLN C     OXT    sing N N 139 
GLN CB    CG     sing N N 140 
GLN CB    HB2    sing N N 141 
GLN CB    HB3    sing N N 142 
GLN CG    CD     sing N N 143 
GLN CG    HG2    sing N N 144 
GLN CG    HG3    sing N N 145 
GLN CD    OE1    doub N N 146 
GLN CD    NE2    sing N N 147 
GLN NE2   HE21   sing N N 148 
GLN NE2   HE22   sing N N 149 
GLN OXT   HXT    sing N N 150 
GLU N     CA     sing N N 151 
GLU N     H      sing N N 152 
GLU N     H2     sing N N 153 
GLU CA    C      sing N N 154 
GLU CA    CB     sing N N 155 
GLU CA    HA     sing N N 156 
GLU C     O      doub N N 157 
GLU C     OXT    sing N N 158 
GLU CB    CG     sing N N 159 
GLU CB    HB2    sing N N 160 
GLU CB    HB3    sing N N 161 
GLU CG    CD     sing N N 162 
GLU CG    HG2    sing N N 163 
GLU CG    HG3    sing N N 164 
GLU CD    OE1    doub N N 165 
GLU CD    OE2    sing N N 166 
GLU OE2   HE2    sing N N 167 
GLU OXT   HXT    sing N N 168 
GLY N     CA     sing N N 169 
GLY N     H      sing N N 170 
GLY N     H2     sing N N 171 
GLY CA    C      sing N N 172 
GLY CA    HA2    sing N N 173 
GLY CA    HA3    sing N N 174 
GLY C     O      doub N N 175 
GLY C     OXT    sing N N 176 
GLY OXT   HXT    sing N N 177 
HIS N     CA     sing N N 178 
HIS N     H      sing N N 179 
HIS N     H2     sing N N 180 
HIS CA    C      sing N N 181 
HIS CA    CB     sing N N 182 
HIS CA    HA     sing N N 183 
HIS C     O      doub N N 184 
HIS C     OXT    sing N N 185 
HIS CB    CG     sing N N 186 
HIS CB    HB2    sing N N 187 
HIS CB    HB3    sing N N 188 
HIS CG    ND1    sing Y N 189 
HIS CG    CD2    doub Y N 190 
HIS ND1   CE1    doub Y N 191 
HIS ND1   HD1    sing N N 192 
HIS CD2   NE2    sing Y N 193 
HIS CD2   HD2    sing N N 194 
HIS CE1   NE2    sing Y N 195 
HIS CE1   HE1    sing N N 196 
HIS NE2   HE2    sing N N 197 
HIS OXT   HXT    sing N N 198 
HOH O     H1     sing N N 199 
HOH O     H2     sing N N 200 
ILE N     CA     sing N N 201 
ILE N     H      sing N N 202 
ILE N     H2     sing N N 203 
ILE CA    C      sing N N 204 
ILE CA    CB     sing N N 205 
ILE CA    HA     sing N N 206 
ILE C     O      doub N N 207 
ILE C     OXT    sing N N 208 
ILE CB    CG1    sing N N 209 
ILE CB    CG2    sing N N 210 
ILE CB    HB     sing N N 211 
ILE CG1   CD1    sing N N 212 
ILE CG1   HG12   sing N N 213 
ILE CG1   HG13   sing N N 214 
ILE CG2   HG21   sing N N 215 
ILE CG2   HG22   sing N N 216 
ILE CG2   HG23   sing N N 217 
ILE CD1   HD11   sing N N 218 
ILE CD1   HD12   sing N N 219 
ILE CD1   HD13   sing N N 220 
ILE OXT   HXT    sing N N 221 
LEU N     CA     sing N N 222 
LEU N     H      sing N N 223 
LEU N     H2     sing N N 224 
LEU CA    C      sing N N 225 
LEU CA    CB     sing N N 226 
LEU CA    HA     sing N N 227 
LEU C     O      doub N N 228 
LEU C     OXT    sing N N 229 
LEU CB    CG     sing N N 230 
LEU CB    HB2    sing N N 231 
LEU CB    HB3    sing N N 232 
LEU CG    CD1    sing N N 233 
LEU CG    CD2    sing N N 234 
LEU CG    HG     sing N N 235 
LEU CD1   HD11   sing N N 236 
LEU CD1   HD12   sing N N 237 
LEU CD1   HD13   sing N N 238 
LEU CD2   HD21   sing N N 239 
LEU CD2   HD22   sing N N 240 
LEU CD2   HD23   sing N N 241 
LEU OXT   HXT    sing N N 242 
LYS N     CA     sing N N 243 
LYS N     H      sing N N 244 
LYS N     H2     sing N N 245 
LYS CA    C      sing N N 246 
LYS CA    CB     sing N N 247 
LYS CA    HA     sing N N 248 
LYS C     O      doub N N 249 
LYS C     OXT    sing N N 250 
LYS CB    CG     sing N N 251 
LYS CB    HB2    sing N N 252 
LYS CB    HB3    sing N N 253 
LYS CG    CD     sing N N 254 
LYS CG    HG2    sing N N 255 
LYS CG    HG3    sing N N 256 
LYS CD    CE     sing N N 257 
LYS CD    HD2    sing N N 258 
LYS CD    HD3    sing N N 259 
LYS CE    NZ     sing N N 260 
LYS CE    HE2    sing N N 261 
LYS CE    HE3    sing N N 262 
LYS NZ    HZ1    sing N N 263 
LYS NZ    HZ2    sing N N 264 
LYS NZ    HZ3    sing N N 265 
LYS OXT   HXT    sing N N 266 
MET N     CA     sing N N 267 
MET N     H      sing N N 268 
MET N     H2     sing N N 269 
MET CA    C      sing N N 270 
MET CA    CB     sing N N 271 
MET CA    HA     sing N N 272 
MET C     O      doub N N 273 
MET C     OXT    sing N N 274 
MET CB    CG     sing N N 275 
MET CB    HB2    sing N N 276 
MET CB    HB3    sing N N 277 
MET CG    SD     sing N N 278 
MET CG    HG2    sing N N 279 
MET CG    HG3    sing N N 280 
MET SD    CE     sing N N 281 
MET CE    HE1    sing N N 282 
MET CE    HE2    sing N N 283 
MET CE    HE3    sing N N 284 
MET OXT   HXT    sing N N 285 
PHE N     CA     sing N N 286 
PHE N     H      sing N N 287 
PHE N     H2     sing N N 288 
PHE CA    C      sing N N 289 
PHE CA    CB     sing N N 290 
PHE CA    HA     sing N N 291 
PHE C     O      doub N N 292 
PHE C     OXT    sing N N 293 
PHE CB    CG     sing N N 294 
PHE CB    HB2    sing N N 295 
PHE CB    HB3    sing N N 296 
PHE CG    CD1    doub Y N 297 
PHE CG    CD2    sing Y N 298 
PHE CD1   CE1    sing Y N 299 
PHE CD1   HD1    sing N N 300 
PHE CD2   CE2    doub Y N 301 
PHE CD2   HD2    sing N N 302 
PHE CE1   CZ     doub Y N 303 
PHE CE1   HE1    sing N N 304 
PHE CE2   CZ     sing Y N 305 
PHE CE2   HE2    sing N N 306 
PHE CZ    HZ     sing N N 307 
PHE OXT   HXT    sing N N 308 
PRO N     CA     sing N N 309 
PRO N     CD     sing N N 310 
PRO N     H      sing N N 311 
PRO CA    C      sing N N 312 
PRO CA    CB     sing N N 313 
PRO CA    HA     sing N N 314 
PRO C     O      doub N N 315 
PRO C     OXT    sing N N 316 
PRO CB    CG     sing N N 317 
PRO CB    HB2    sing N N 318 
PRO CB    HB3    sing N N 319 
PRO CG    CD     sing N N 320 
PRO CG    HG2    sing N N 321 
PRO CG    HG3    sing N N 322 
PRO CD    HD2    sing N N 323 
PRO CD    HD3    sing N N 324 
PRO OXT   HXT    sing N N 325 
SER N     CA     sing N N 326 
SER N     H      sing N N 327 
SER N     H2     sing N N 328 
SER CA    C      sing N N 329 
SER CA    CB     sing N N 330 
SER CA    HA     sing N N 331 
SER C     O      doub N N 332 
SER C     OXT    sing N N 333 
SER CB    OG     sing N N 334 
SER CB    HB2    sing N N 335 
SER CB    HB3    sing N N 336 
SER OG    HG     sing N N 337 
SER OXT   HXT    sing N N 338 
THR N     CA     sing N N 339 
THR N     H      sing N N 340 
THR N     H2     sing N N 341 
THR CA    C      sing N N 342 
THR CA    CB     sing N N 343 
THR CA    HA     sing N N 344 
THR C     O      doub N N 345 
THR C     OXT    sing N N 346 
THR CB    OG1    sing N N 347 
THR CB    CG2    sing N N 348 
THR CB    HB     sing N N 349 
THR OG1   HG1    sing N N 350 
THR CG2   HG21   sing N N 351 
THR CG2   HG22   sing N N 352 
THR CG2   HG23   sing N N 353 
THR OXT   HXT    sing N N 354 
TRP N     CA     sing N N 355 
TRP N     H      sing N N 356 
TRP N     H2     sing N N 357 
TRP CA    C      sing N N 358 
TRP CA    CB     sing N N 359 
TRP CA    HA     sing N N 360 
TRP C     O      doub N N 361 
TRP C     OXT    sing N N 362 
TRP CB    CG     sing N N 363 
TRP CB    HB2    sing N N 364 
TRP CB    HB3    sing N N 365 
TRP CG    CD1    doub Y N 366 
TRP CG    CD2    sing Y N 367 
TRP CD1   NE1    sing Y N 368 
TRP CD1   HD1    sing N N 369 
TRP CD2   CE2    doub Y N 370 
TRP CD2   CE3    sing Y N 371 
TRP NE1   CE2    sing Y N 372 
TRP NE1   HE1    sing N N 373 
TRP CE2   CZ2    sing Y N 374 
TRP CE3   CZ3    doub Y N 375 
TRP CE3   HE3    sing N N 376 
TRP CZ2   CH2    doub Y N 377 
TRP CZ2   HZ2    sing N N 378 
TRP CZ3   CH2    sing Y N 379 
TRP CZ3   HZ3    sing N N 380 
TRP CH2   HH2    sing N N 381 
TRP OXT   HXT    sing N N 382 
TYR N     CA     sing N N 383 
TYR N     H      sing N N 384 
TYR N     H2     sing N N 385 
TYR CA    C      sing N N 386 
TYR CA    CB     sing N N 387 
TYR CA    HA     sing N N 388 
TYR C     O      doub N N 389 
TYR C     OXT    sing N N 390 
TYR CB    CG     sing N N 391 
TYR CB    HB2    sing N N 392 
TYR CB    HB3    sing N N 393 
TYR CG    CD1    doub Y N 394 
TYR CG    CD2    sing Y N 395 
TYR CD1   CE1    sing Y N 396 
TYR CD1   HD1    sing N N 397 
TYR CD2   CE2    doub Y N 398 
TYR CD2   HD2    sing N N 399 
TYR CE1   CZ     doub Y N 400 
TYR CE1   HE1    sing N N 401 
TYR CE2   CZ     sing Y N 402 
TYR CE2   HE2    sing N N 403 
TYR CZ    OH     sing N N 404 
TYR OH    HH     sing N N 405 
TYR OXT   HXT    sing N N 406 
VAL N     CA     sing N N 407 
VAL N     H      sing N N 408 
VAL N     H2     sing N N 409 
VAL CA    C      sing N N 410 
VAL CA    CB     sing N N 411 
VAL CA    HA     sing N N 412 
VAL C     O      doub N N 413 
VAL C     OXT    sing N N 414 
VAL CB    CG1    sing N N 415 
VAL CB    CG2    sing N N 416 
VAL CB    HB     sing N N 417 
VAL CG1   HG11   sing N N 418 
VAL CG1   HG12   sing N N 419 
VAL CG1   HG13   sing N N 420 
VAL CG2   HG21   sing N N 421 
VAL CG2   HG22   sing N N 422 
VAL CG2   HG23   sing N N 423 
VAL OXT   HXT    sing N N 424 
# 
_pdbx_audit_support.funding_organization   'Ministry of Science and Technology (MoST, China)' 
_pdbx_audit_support.country                China 
_pdbx_audit_support.grant_number           ? 
_pdbx_audit_support.ordinal                1 
# 
_pdbx_initial_refinement_model.id               1 
_pdbx_initial_refinement_model.entity_id_list   ? 
_pdbx_initial_refinement_model.type             'experimental model' 
_pdbx_initial_refinement_model.source_name      PDB 
_pdbx_initial_refinement_model.accession_code   7CFH 
_pdbx_initial_refinement_model.details          ? 
# 
_space_group.name_H-M_alt     'F 2 2 2' 
_space_group.name_Hall        'F 2 2' 
_space_group.IT_number        22 
_space_group.crystal_system   orthorhombic 
_space_group.id               1 
# 
_atom_sites.entry_id                    7CFI 
_atom_sites.Cartn_transf_matrix[1][1]   ? 
_atom_sites.Cartn_transf_matrix[1][2]   ? 
_atom_sites.Cartn_transf_matrix[1][3]   ? 
_atom_sites.Cartn_transf_matrix[2][1]   ? 
_atom_sites.Cartn_transf_matrix[2][2]   ? 
_atom_sites.Cartn_transf_matrix[2][3]   ? 
_atom_sites.Cartn_transf_matrix[3][1]   ? 
_atom_sites.Cartn_transf_matrix[3][2]   ? 
_atom_sites.Cartn_transf_matrix[3][3]   ? 
_atom_sites.Cartn_transf_vector[1]      ? 
_atom_sites.Cartn_transf_vector[2]      ? 
_atom_sites.Cartn_transf_vector[3]      ? 
_atom_sites.fract_transf_matrix[1][1]   0.00593678 
_atom_sites.fract_transf_matrix[1][2]   -0.00000757 
_atom_sites.fract_transf_matrix[1][3]   -0.01502782 
_atom_sites.fract_transf_matrix[2][1]   0.00977946 
_atom_sites.fract_transf_matrix[2][2]   -0.00454264 
_atom_sites.fract_transf_matrix[2][3]   0.00386569 
_atom_sites.fract_transf_matrix[3][1]   -0.00182684 
_atom_sites.fract_transf_matrix[3][2]   -0.00454505 
_atom_sites.fract_transf_matrix[3][3]   -0.00071941 
_atom_sites.fract_transf_vector[1]      -0.394239 
_atom_sites.fract_transf_vector[2]      0.163898 
_atom_sites.fract_transf_vector[3]      -0.107751 
_atom_sites.solution_primary            ? 
_atom_sites.solution_secondary          ? 
_atom_sites.solution_hydrogens          ? 
_atom_sites.special_details             ? 
# 
loop_
_atom_type.symbol 
_atom_type.scat_dispersion_real 
_atom_type.scat_dispersion_imag 
_atom_type.scat_Cromer_Mann_a1 
_atom_type.scat_Cromer_Mann_a2 
_atom_type.scat_Cromer_Mann_a3 
_atom_type.scat_Cromer_Mann_a4 
_atom_type.scat_Cromer_Mann_b1 
_atom_type.scat_Cromer_Mann_b2 
_atom_type.scat_Cromer_Mann_b3 
_atom_type.scat_Cromer_Mann_b4 
_atom_type.scat_Cromer_Mann_c 
_atom_type.scat_source 
_atom_type.scat_dispersion_source 
C  ? ? 3.54356 2.42580 ? ? 25.62398 1.50364  ? ? 0.0 
;2-Gaussian fit: Grosse-Kunstleve RW, Sauter NK, Adams PD: Newsletter of the IUCr Commission on Crystallographic Computing 2004, 3, 22-31.
;
? 
MG ? ? 9.41153 2.53737 ? ? 2.59044  63.03566 ? ? 0.0 
;2-Gaussian fit: Grosse-Kunstleve RW, Sauter NK, Adams PD: Newsletter of the IUCr Commission on Crystallographic Computing 2004, 3, 22-31.
;
? 
N  ? ? 4.01032 2.96436 ? ? 19.97189 1.75589  ? ? 0.0 
;2-Gaussian fit: Grosse-Kunstleve RW, Sauter NK, Adams PD: Newsletter of the IUCr Commission on Crystallographic Computing 2004, 3, 22-31.
;
? 
O  ? ? 4.49882 3.47563 ? ? 15.80542 1.70748  ? ? 0.0 
;2-Gaussian fit: Grosse-Kunstleve RW, Sauter NK, Adams PD: Newsletter of the IUCr Commission on Crystallographic Computing 2004, 3, 22-31.
;
? 
P  ? ? 9.51135 5.44231 ? ? 1.42069  35.72801 ? ? 0.0 
;2-Gaussian fit: Grosse-Kunstleve RW, Sauter NK, Adams PD: Newsletter of the IUCr Commission on Crystallographic Computing 2004, 3, 22-31.
;
? 
S  ? ? 9.55732 6.39887 ? ? 1.23737  29.19336 ? ? 0.0 
;2-Gaussian fit: Grosse-Kunstleve RW, Sauter NK, Adams PD: Newsletter of the IUCr Commission on Crystallographic Computing 2004, 3, 22-31.
;
? 
# 
loop_
_atom_site.group_PDB 
_atom_site.id 
_atom_site.type_symbol 
_atom_site.label_atom_id 
_atom_site.label_alt_id 
_atom_site.label_comp_id 
_atom_site.label_asym_id 
_atom_site.label_entity_id 
_atom_site.label_seq_id 
_atom_site.pdbx_PDB_ins_code 
_atom_site.Cartn_x 
_atom_site.Cartn_y 
_atom_site.Cartn_z 
_atom_site.occupancy 
_atom_site.B_iso_or_equiv 
_atom_site.pdbx_formal_charge 
_atom_site.auth_seq_id 
_atom_site.auth_comp_id 
_atom_site.auth_asym_id 
_atom_site.auth_atom_id 
_atom_site.pdbx_PDB_model_num 
ATOM   1    N  N     . PRO A 1 1   ? 20.749  23.310  -12.284 1.00 98.20  ? 207 PRO A N     1 
ATOM   2    C  CA    . PRO A 1 1   ? 20.334  22.574  -13.482 1.00 95.67  ? 207 PRO A CA    1 
ATOM   3    C  C     . PRO A 1 1   ? 18.952  21.963  -13.302 1.00 99.85  ? 207 PRO A C     1 
ATOM   4    O  O     . PRO A 1 1   ? 18.014  22.650  -12.897 1.00 102.63 ? 207 PRO A O     1 
ATOM   5    C  CB    . PRO A 1 1   ? 21.395  21.480  -13.599 1.00 97.24  ? 207 PRO A CB    1 
ATOM   6    C  CG    . PRO A 1 1   ? 22.616  22.094  -13.013 1.00 95.43  ? 207 PRO A CG    1 
ATOM   7    C  CD    . PRO A 1 1   ? 22.148  23.024  -11.918 1.00 89.10  ? 207 PRO A CD    1 
ATOM   8    N  N     . GLN A 1 2   ? 18.832  20.676  -13.614 1.00 104.99 ? 208 GLN A N     1 
ATOM   9    C  CA    . GLN A 1 2   ? 17.703  19.896  -13.140 1.00 97.46  ? 208 GLN A CA    1 
ATOM   10   C  C     . GLN A 1 2   ? 17.951  19.325  -11.752 1.00 96.28  ? 208 GLN A C     1 
ATOM   11   O  O     . GLN A 1 2   ? 17.019  18.804  -11.132 1.00 90.35  ? 208 GLN A O     1 
ATOM   12   C  CB    . GLN A 1 2   ? 17.378  18.774  -14.128 1.00 97.42  ? 208 GLN A CB    1 
ATOM   13   C  CG    . GLN A 1 2   ? 17.426  19.215  -15.580 1.00 94.85  ? 208 GLN A CG    1 
ATOM   14   N  N     . GLU A 1 3   ? 19.189  19.416  -11.257 1.00 96.49  ? 209 GLU A N     1 
ATOM   15   C  CA    . GLU A 1 3   ? 19.441  19.220  -9.836  1.00 94.23  ? 209 GLU A CA    1 
ATOM   16   C  C     . GLU A 1 3   ? 18.629  20.198  -9.001  1.00 92.93  ? 209 GLU A C     1 
ATOM   17   O  O     . GLU A 1 3   ? 18.305  19.912  -7.843  1.00 87.11  ? 209 GLU A O     1 
ATOM   18   C  CB    . GLU A 1 3   ? 20.929  19.408  -9.547  1.00 94.02  ? 209 GLU A CB    1 
ATOM   19   C  CG    . GLU A 1 3   ? 21.830  18.348  -10.146 1.00 91.68  ? 209 GLU A CG    1 
ATOM   20   C  CD    . GLU A 1 3   ? 23.288  18.595  -9.823  1.00 99.05  ? 209 GLU A CD    1 
ATOM   21   O  OE1   . GLU A 1 3   ? 23.759  19.729  -10.053 1.00 101.56 ? 209 GLU A OE1   1 
ATOM   22   O  OE2   . GLU A 1 3   ? 23.962  17.662  -9.336  1.00 102.74 ? 209 GLU A OE2   1 
ATOM   23   N  N     . GLU A 1 4   ? 18.288  21.352  -9.580  1.00 92.31  ? 210 GLU A N     1 
ATOM   24   C  CA    . GLU A 1 4   ? 17.618  22.401  -8.823  1.00 89.92  ? 210 GLU A CA    1 
ATOM   25   C  C     . GLU A 1 4   ? 16.198  21.989  -8.446  1.00 87.30  ? 210 GLU A C     1 
ATOM   26   O  O     . GLU A 1 4   ? 15.762  22.212  -7.312  1.00 80.17  ? 210 GLU A O     1 
ATOM   27   C  CB    . GLU A 1 4   ? 17.624  23.704  -9.626  1.00 92.75  ? 210 GLU A CB    1 
ATOM   28   N  N     . GLU A 1 5   ? 15.470  21.353  -9.364  1.00 90.76  ? 211 GLU A N     1 
ATOM   29   C  CA    . GLU A 1 5   ? 14.065  21.055  -9.097  1.00 81.86  ? 211 GLU A CA    1 
ATOM   30   C  C     . GLU A 1 5   ? 13.940  20.004  -7.999  1.00 87.92  ? 211 GLU A C     1 
ATOM   31   O  O     . GLU A 1 5   ? 13.079  20.106  -7.099  1.00 84.08  ? 211 GLU A O     1 
ATOM   32   C  CB    . GLU A 1 5   ? 13.386  20.615  -10.400 1.00 79.69  ? 211 GLU A CB    1 
ATOM   33   N  N     . MET A 1 6   ? 14.843  19.020  -8.019  1.00 86.00  ? 212 MET A N     1 
ATOM   34   C  CA    . MET A 1 6   ? 14.889  18.078  -6.919  1.00 86.12  ? 212 MET A CA    1 
ATOM   35   C  C     . MET A 1 6   ? 15.311  18.748  -5.590  1.00 90.91  ? 212 MET A C     1 
ATOM   36   O  O     . MET A 1 6   ? 14.976  18.253  -4.503  1.00 85.95  ? 212 MET A O     1 
ATOM   37   C  CB    . MET A 1 6   ? 15.778  16.914  -7.356  1.00 78.90  ? 212 MET A CB    1 
ATOM   38   C  CG    . MET A 1 6   ? 15.139  15.934  -8.300  1.00 92.15  ? 212 MET A CG    1 
ATOM   39   S  SD    . MET A 1 6   ? 16.313  14.776  -9.090  1.00 97.36  ? 212 MET A SD    1 
ATOM   40   C  CE    . MET A 1 6   ? 17.175  13.829  -7.788  1.00 80.29  ? 212 MET A CE    1 
ATOM   41   N  N     . ILE A 1 7   ? 16.072  19.843  -5.612  1.00 85.39  ? 213 ILE A N     1 
ATOM   42   C  CA    . ILE A 1 7   ? 16.359  20.486  -4.330  1.00 85.10  ? 213 ILE A CA    1 
ATOM   43   C  C     . ILE A 1 7   ? 15.062  21.037  -3.725  1.00 86.15  ? 213 ILE A C     1 
ATOM   44   O  O     . ILE A 1 7   ? 14.745  20.799  -2.553  1.00 85.61  ? 213 ILE A O     1 
ATOM   45   C  CB    . ILE A 1 7   ? 17.450  21.566  -4.485  1.00 86.96  ? 213 ILE A CB    1 
ATOM   46   N  N     . HIS A 1 8   ? 14.250  21.701  -4.549  1.00 85.32  ? 214 HIS A N     1 
ATOM   47   C  CA    . HIS A 1 8   ? 12.989  22.267  -4.075  1.00 88.49  ? 214 HIS A CA    1 
ATOM   48   C  C     . HIS A 1 8   ? 12.003  21.182  -3.666  1.00 85.12  ? 214 HIS A C     1 
ATOM   49   O  O     . HIS A 1 8   ? 11.238  21.359  -2.711  1.00 87.95  ? 214 HIS A O     1 
ATOM   50   C  CB    . HIS A 1 8   ? 12.383  23.150  -5.162  1.00 81.40  ? 214 HIS A CB    1 
ATOM   51   N  N     . SER A 1 9   ? 12.003  20.053  -4.380  1.00 85.74  ? 215 SER A N     1 
ATOM   52   C  CA    . SER A 1 9   ? 11.096  18.962  -4.045  1.00 81.19  ? 215 SER A CA    1 
ATOM   53   C  C     . SER A 1 9   ? 11.394  18.365  -2.675  1.00 86.99  ? 215 SER A C     1 
ATOM   54   O  O     . SER A 1 9   ? 10.494  17.795  -2.048  1.00 90.62  ? 215 SER A O     1 
ATOM   55   C  CB    . SER A 1 9   ? 11.166  17.875  -5.122  1.00 81.50  ? 215 SER A CB    1 
ATOM   56   O  OG    . SER A 1 9   ? 10.513  18.293  -6.309  1.00 91.72  ? 215 SER A OG    1 
ATOM   57   N  N     . ILE A 1 10  ? 12.629  18.492  -2.192  1.00 85.60  ? 216 ILE A N     1 
ATOM   58   C  CA    . ILE A 1 10  ? 12.988  17.918  -0.899  1.00 87.50  ? 216 ILE A CA    1 
ATOM   59   C  C     . ILE A 1 10  ? 12.590  18.848  0.240   1.00 88.03  ? 216 ILE A C     1 
ATOM   60   O  O     . ILE A 1 10  ? 12.019  18.406  1.243   1.00 87.06  ? 216 ILE A O     1 
ATOM   61   C  CB    . ILE A 1 10  ? 14.491  17.590  -0.864  1.00 86.23  ? 216 ILE A CB    1 
ATOM   62   N  N     . LEU A 1 11  ? 12.886  20.145  0.110   1.00 92.14  ? 217 LEU A N     1 
ATOM   63   C  CA    . LEU A 1 11  ? 12.475  21.107  1.126   1.00 94.42  ? 217 LEU A CA    1 
ATOM   64   C  C     . LEU A 1 11  ? 10.961  21.236  1.217   1.00 92.07  ? 217 LEU A C     1 
ATOM   65   O  O     . LEU A 1 11  ? 10.446  21.661  2.257   1.00 95.13  ? 217 LEU A O     1 
ATOM   66   C  CB    . LEU A 1 11  ? 13.103  22.473  0.837   1.00 89.89  ? 217 LEU A CB    1 
ATOM   67   N  N     . GLU A 1 12  ? 10.243  20.874  0.157   1.00 86.74  ? 218 GLU A N     1 
ATOM   68   C  CA    . GLU A 1 12  ? 8.789   20.951  0.106   1.00 91.05  ? 218 GLU A CA    1 
ATOM   69   C  C     . GLU A 1 12  ? 8.116   19.658  0.560   1.00 90.63  ? 218 GLU A C     1 
ATOM   70   O  O     . GLU A 1 12  ? 6.888   19.621  0.686   1.00 91.77  ? 218 GLU A O     1 
ATOM   71   C  CB    . GLU A 1 12  ? 8.347   21.309  -1.321  1.00 91.52  ? 218 GLU A CB    1 
ATOM   72   C  CG    . GLU A 1 12  ? 6.878   21.692  -1.512  1.00 100.64 ? 218 GLU A CG    1 
ATOM   73   C  CD    . GLU A 1 12  ? 6.518   23.059  -0.952  1.00 106.77 ? 218 GLU A CD    1 
ATOM   74   O  OE1   . GLU A 1 12  ? 7.407   23.750  -0.408  1.00 107.86 ? 218 GLU A OE1   1 
ATOM   75   O  OE2   . GLU A 1 12  ? 5.339   23.452  -1.077  1.00 106.44 ? 218 GLU A OE2   1 
ATOM   76   N  N     . LEU A 1 13  ? 8.889   18.601  0.823   1.00 84.38  ? 219 LEU A N     1 
ATOM   77   C  CA    . LEU A 1 13  ? 8.297   17.345  1.275   1.00 84.41  ? 219 LEU A CA    1 
ATOM   78   C  C     . LEU A 1 13  ? 7.683   17.477  2.663   1.00 85.87  ? 219 LEU A C     1 
ATOM   79   O  O     . LEU A 1 13  ? 6.727   16.763  2.986   1.00 85.38  ? 219 LEU A O     1 
ATOM   80   C  CB    . LEU A 1 13  ? 9.345   16.231  1.262   1.00 84.28  ? 219 LEU A CB    1 
ATOM   81   C  CG    . LEU A 1 13  ? 9.416   15.408  -0.022  1.00 72.69  ? 219 LEU A CG    1 
ATOM   82   N  N     . GLU A 1 14  ? 8.216   18.372  3.498   1.00 89.52  ? 220 GLU A N     1 
ATOM   83   C  CA    . GLU A 1 14  ? 7.610   18.637  4.796   1.00 86.10  ? 220 GLU A CA    1 
ATOM   84   C  C     . GLU A 1 14  ? 6.348   19.480  4.689   1.00 84.35  ? 220 GLU A C     1 
ATOM   85   O  O     . GLU A 1 14  ? 5.678   19.694  5.705   1.00 83.04  ? 220 GLU A O     1 
ATOM   86   C  CB    . GLU A 1 14  ? 8.616   19.331  5.715   1.00 86.83  ? 220 GLU A CB    1 
ATOM   87   N  N     . GLU A 1 15  ? 6.012   19.959  3.492   1.00 86.69  ? 221 GLU A N     1 
ATOM   88   C  CA    . GLU A 1 15  ? 4.841   20.800  3.275   1.00 88.31  ? 221 GLU A CA    1 
ATOM   89   C  C     . GLU A 1 15  ? 3.839   20.159  2.323   1.00 90.26  ? 221 GLU A C     1 
ATOM   90   O  O     . GLU A 1 15  ? 2.894   20.830  1.891   1.00 91.73  ? 221 GLU A O     1 
ATOM   91   C  CB    . GLU A 1 15  ? 5.277   22.173  2.755   1.00 91.06  ? 221 GLU A CB    1 
ATOM   92   C  CG    . GLU A 1 15  ? 6.349   22.828  3.618   1.00 95.96  ? 221 GLU A CG    1 
ATOM   93   C  CD    . GLU A 1 15  ? 7.206   23.813  2.851   1.00 105.49 ? 221 GLU A CD    1 
ATOM   94   O  OE1   . GLU A 1 15  ? 8.444   23.633  2.827   1.00 103.94 ? 221 GLU A OE1   1 
ATOM   95   O  OE2   . GLU A 1 15  ? 6.650   24.771  2.272   1.00 111.58 ? 221 GLU A OE2   1 
ATOM   96   N  N     . THR A 1 16  ? 4.020   18.883  1.985   1.00 84.70  ? 222 THR A N     1 
ATOM   97   C  CA    . THR A 1 16  ? 3.105   18.161  1.117   1.00 83.20  ? 222 THR A CA    1 
ATOM   98   C  C     . THR A 1 16  ? 2.310   17.159  1.936   1.00 79.53  ? 222 THR A C     1 
ATOM   99   O  O     . THR A 1 16  ? 2.904   16.239  2.520   1.00 79.57  ? 222 THR A O     1 
ATOM   100  C  CB    . THR A 1 16  ? 3.868   17.444  0.002   1.00 83.63  ? 222 THR A CB    1 
ATOM   101  O  OG1   . THR A 1 16  ? 4.793   18.353  -0.609  1.00 82.32  ? 222 THR A OG1   1 
ATOM   102  C  CG2   . THR A 1 16  ? 2.903   16.917  -1.053  1.00 80.19  ? 222 THR A CG2   1 
ATOM   103  N  N     . PRO A 1 17  ? 0.989   17.289  2.017   1.00 81.14  ? 223 PRO A N     1 
ATOM   104  C  CA    . PRO A 1 17  ? 0.201   16.282  2.729   1.00 81.89  ? 223 PRO A CA    1 
ATOM   105  C  C     . PRO A 1 17  ? 0.190   14.964  1.974   1.00 75.26  ? 223 PRO A C     1 
ATOM   106  O  O     . PRO A 1 17  ? 0.234   14.924  0.742   1.00 71.05  ? 223 PRO A O     1 
ATOM   107  C  CB    . PRO A 1 17  ? -1.199  16.901  2.789   1.00 78.85  ? 223 PRO A CB    1 
ATOM   108  N  N     . VAL A 1 18  ? 0.139   13.868  2.735   1.00 77.13  ? 224 VAL A N     1 
ATOM   109  C  CA    . VAL A 1 18  ? 0.127   12.543  2.128   1.00 78.36  ? 224 VAL A CA    1 
ATOM   110  C  C     . VAL A 1 18  ? -1.137  12.324  1.309   1.00 75.60  ? 224 VAL A C     1 
ATOM   111  O  O     . VAL A 1 18  ? -1.145  11.496  0.391   1.00 76.31  ? 224 VAL A O     1 
ATOM   112  C  CB    . VAL A 1 18  ? 0.292   11.453  3.211   1.00 78.33  ? 224 VAL A CB    1 
ATOM   113  C  CG1   . VAL A 1 18  ? -0.998  11.264  3.992   1.00 74.76  ? 224 VAL A CG1   1 
ATOM   114  C  CG2   . VAL A 1 18  ? 0.744   10.144  2.583   1.00 76.87  ? 224 VAL A CG2   1 
ATOM   115  N  N     . ARG A 1 19  ? -2.210  13.062  1.608   1.00 75.40  ? 225 ARG A N     1 
ATOM   116  C  CA    . ARG A 1 19  ? -3.406  12.995  0.779   1.00 78.22  ? 225 ARG A CA    1 
ATOM   117  C  C     . ARG A 1 19  ? -3.160  13.539  -0.622  1.00 74.13  ? 225 ARG A C     1 
ATOM   118  O  O     . ARG A 1 19  ? -3.889  13.177  -1.553  1.00 73.80  ? 225 ARG A O     1 
ATOM   119  C  CB    . ARG A 1 19  ? -4.550  13.757  1.446   1.00 83.14  ? 225 ARG A CB    1 
ATOM   120  C  CG    . ARG A 1 19  ? -4.376  15.269  1.455   1.00 80.77  ? 225 ARG A CG    1 
ATOM   121  C  CD    . ARG A 1 19  ? -5.703  15.970  1.681   1.00 80.34  ? 225 ARG A CD    1 
ATOM   122  N  NE    . ARG A 1 19  ? -6.163  15.854  3.059   1.00 88.03  ? 225 ARG A NE    1 
ATOM   123  C  CZ    . ARG A 1 19  ? -5.715  16.602  4.062   1.00 88.69  ? 225 ARG A CZ    1 
ATOM   124  N  NH1   . ARG A 1 19  ? -4.795  17.531  3.837   1.00 83.00  ? 225 ARG A NH1   1 
ATOM   125  N  NH2   . ARG A 1 19  ? -6.189  16.427  5.289   1.00 86.51  ? 225 ARG A NH2   1 
ATOM   126  N  N     . GLU A 1 20  ? -2.152  14.397  -0.791  1.00 71.24  ? 226 GLU A N     1 
ATOM   127  C  CA    . GLU A 1 20  ? -1.853  14.977  -2.093  1.00 74.48  ? 226 GLU A CA    1 
ATOM   128  C  C     . GLU A 1 20  ? -1.118  14.013  -3.011  1.00 71.03  ? 226 GLU A C     1 
ATOM   129  O  O     . GLU A 1 20  ? -1.004  14.284  -4.210  1.00 69.51  ? 226 GLU A O     1 
ATOM   130  C  CB    . GLU A 1 20  ? -1.012  16.243  -1.931  1.00 81.55  ? 226 GLU A CB    1 
ATOM   131  N  N     . ILE A 1 21  ? -0.604  12.910  -2.475  1.00 75.18  ? 227 ILE A N     1 
ATOM   132  C  CA    . ILE A 1 21  ? 0.254   12.008  -3.235  1.00 71.51  ? 227 ILE A CA    1 
ATOM   133  C  C     . ILE A 1 21  ? -0.247  10.575  -3.238  1.00 68.66  ? 227 ILE A C     1 
ATOM   134  O  O     . ILE A 1 21  ? 0.263   9.764   -4.025  1.00 66.63  ? 227 ILE A O     1 
ATOM   135  C  CB    . ILE A 1 21  ? 1.708   12.050  -2.717  1.00 69.25  ? 227 ILE A CB    1 
ATOM   136  C  CG1   . ILE A 1 21  ? 1.783   11.546  -1.271  1.00 71.83  ? 227 ILE A CG1   1 
ATOM   137  C  CG2   . ILE A 1 21  ? 2.275   13.464  -2.870  1.00 71.83  ? 227 ILE A CG2   1 
ATOM   138  C  CD1   . ILE A 1 21  ? 3.191   11.246  -0.795  1.00 73.16  ? 227 ILE A CD1   1 
ATOM   139  N  N     . MET A 1 22  ? -1.234  10.240  -2.411  1.00 67.02  ? 228 MET A N     1 
ATOM   140  C  CA    . MET A 1 22  ? -1.695  8.873   -2.238  1.00 65.45  ? 228 MET A CA    1 
ATOM   141  C  C     . MET A 1 22  ? -2.485  8.396   -3.459  1.00 59.63  ? 228 MET A C     1 
ATOM   142  O  O     . MET A 1 22  ? -2.854  9.172   -4.348  1.00 59.34  ? 228 MET A O     1 
ATOM   143  C  CB    . MET A 1 22  ? -2.579  8.778   -0.996  1.00 67.35  ? 228 MET A CB    1 
ATOM   144  C  CG    . MET A 1 22  ? -3.835  9.632   -1.114  1.00 69.43  ? 228 MET A CG    1 
ATOM   145  S  SD    . MET A 1 22  ? -5.028  9.444   0.224   1.00 69.99  ? 228 MET A SD    1 
ATOM   146  C  CE    . MET A 1 22  ? -6.267  10.643  -0.281  1.00 79.36  ? 228 MET A CE    1 
ATOM   147  N  N     . THR A 1 23  ? -2.747  7.088   -3.482  1.00 56.95  ? 229 THR A N     1 
ATOM   148  C  CA    . THR A 1 23  ? -3.731  6.510   -4.385  1.00 59.99  ? 229 THR A CA    1 
ATOM   149  C  C     . THR A 1 23  ? -5.060  6.410   -3.648  1.00 61.69  ? 229 THR A C     1 
ATOM   150  O  O     . THR A 1 23  ? -5.136  5.710   -2.630  1.00 54.62  ? 229 THR A O     1 
ATOM   151  C  CB    . THR A 1 23  ? -3.290  5.134   -4.860  1.00 61.09  ? 229 THR A CB    1 
ATOM   152  O  OG1   . THR A 1 23  ? -2.243  5.269   -5.829  1.00 65.92  ? 229 THR A OG1   1 
ATOM   153  C  CG2   . THR A 1 23  ? -4.461  4.391   -5.497  1.00 60.72  ? 229 THR A CG2   1 
ATOM   154  N  N     . PRO A 1 24  ? -6.116  7.072   -4.114  1.00 59.10  ? 230 PRO A N     1 
ATOM   155  C  CA    . PRO A 1 24  ? -7.348  7.148   -3.323  1.00 64.40  ? 230 PRO A CA    1 
ATOM   156  C  C     . PRO A 1 24  ? -8.100  5.824   -3.287  1.00 62.32  ? 230 PRO A C     1 
ATOM   157  O  O     . PRO A 1 24  ? -7.888  4.926   -4.106  1.00 61.64  ? 230 PRO A O     1 
ATOM   158  C  CB    . PRO A 1 24  ? -8.158  8.234   -4.036  1.00 64.05  ? 230 PRO A CB    1 
ATOM   159  C  CG    . PRO A 1 24  ? -7.686  8.170   -5.450  1.00 72.30  ? 230 PRO A CG    1 
ATOM   160  C  CD    . PRO A 1 24  ? -6.222  7.814   -5.383  1.00 67.27  ? 230 PRO A CD    1 
ATOM   161  N  N     . ARG A 1 25  ? -9.009  5.730   -2.310  1.00 61.50  ? 231 ARG A N     1 
ATOM   162  C  CA    . ARG A 1 25  ? -9.667  4.466   -1.988  1.00 64.26  ? 231 ARG A CA    1 
ATOM   163  C  C     . ARG A 1 25  ? -10.366 3.845   -3.194  1.00 66.52  ? 231 ARG A C     1 
ATOM   164  O  O     . ARG A 1 25  ? -10.294 2.625   -3.399  1.00 66.70  ? 231 ARG A O     1 
ATOM   165  C  CB    . ARG A 1 25  ? -10.668 4.683   -0.851  1.00 63.83  ? 231 ARG A CB    1 
ATOM   166  C  CG    . ARG A 1 25  ? -11.640 3.534   -0.651  1.00 67.07  ? 231 ARG A CG    1 
ATOM   167  C  CD    . ARG A 1 25  ? -12.796 3.933   0.253   1.00 67.63  ? 231 ARG A CD    1 
ATOM   168  N  NE    . ARG A 1 25  ? -13.667 4.922   -0.380  1.00 60.33  ? 231 ARG A NE    1 
ATOM   169  C  CZ    . ARG A 1 25  ? -13.622 6.228   -0.136  1.00 67.13  ? 231 ARG A CZ    1 
ATOM   170  N  NH1   . ARG A 1 25  ? -12.750 6.713   0.739   1.00 60.87  ? 231 ARG A NH1   1 
ATOM   171  N  NH2   . ARG A 1 25  ? -14.453 7.048   -0.765  1.00 65.42  ? 231 ARG A NH2   1 
ATOM   172  N  N     . VAL A 1 26  ? -11.050 4.663   -3.999  1.00 56.33  ? 232 VAL A N     1 
ATOM   173  C  CA    . VAL A 1 26  ? -11.833 4.137   -5.112  1.00 62.52  ? 232 VAL A CA    1 
ATOM   174  C  C     . VAL A 1 26  ? -10.978 3.587   -6.242  1.00 63.21  ? 232 VAL A C     1 
ATOM   175  O  O     . VAL A 1 26  ? -11.521 2.988   -7.177  1.00 62.81  ? 232 VAL A O     1 
ATOM   176  C  CB    . VAL A 1 26  ? -12.785 5.213   -5.667  1.00 65.98  ? 232 VAL A CB    1 
ATOM   177  C  CG1   . VAL A 1 26  ? -13.886 5.494   -4.670  1.00 59.32  ? 232 VAL A CG1   1 
ATOM   178  C  CG2   . VAL A 1 26  ? -12.016 6.482   -5.991  1.00 65.30  ? 232 VAL A CG2   1 
ATOM   179  N  N     . GLU A 1 27  ? -9.661  3.771   -6.183  1.00 61.76  ? 233 GLU A N     1 
ATOM   180  C  CA    . GLU A 1 27  ? -8.755  3.214   -7.174  1.00 68.03  ? 233 GLU A CA    1 
ATOM   181  C  C     . GLU A 1 27  ? -7.875  2.119   -6.586  1.00 66.43  ? 233 GLU A C     1 
ATOM   182  O  O     . GLU A 1 27  ? -6.974  1.622   -7.269  1.00 63.98  ? 233 GLU A O     1 
ATOM   183  C  CB    . GLU A 1 27  ? -7.908  4.330   -7.785  1.00 68.01  ? 233 GLU A CB    1 
ATOM   184  C  CG    . GLU A 1 27  ? -8.738  5.297   -8.612  1.00 67.81  ? 233 GLU A CG    1 
ATOM   185  C  CD    . GLU A 1 27  ? -7.938  6.457   -9.169  1.00 86.01  ? 233 GLU A CD    1 
ATOM   186  O  OE1   . GLU A 1 27  ? -8.247  6.908   -10.294 1.00 94.55  ? 233 GLU A OE1   1 
ATOM   187  O  OE2   . GLU A 1 27  ? -7.002  6.919   -8.485  1.00 84.76  ? 233 GLU A OE2   1 
ATOM   188  N  N     . MET A 1 28  ? -8.118  1.734   -5.336  1.00 57.33  ? 234 MET A N     1 
ATOM   189  C  CA    . MET A 1 28  ? -7.400  0.626   -4.721  1.00 59.42  ? 234 MET A CA    1 
ATOM   190  C  C     . MET A 1 28  ? -7.863  -0.715  -5.265  1.00 62.86  ? 234 MET A C     1 
ATOM   191  O  O     . MET A 1 28  ? -9.058  -0.942  -5.475  1.00 57.97  ? 234 MET A O     1 
ATOM   192  C  CB    . MET A 1 28  ? -7.622  0.622   -3.216  1.00 54.58  ? 234 MET A CB    1 
ATOM   193  C  CG    . MET A 1 28  ? -6.983  1.719   -2.441  1.00 61.59  ? 234 MET A CG    1 
ATOM   194  S  SD    . MET A 1 28  ? -7.624  1.596   -0.746  1.00 70.53  ? 234 MET A SD    1 
ATOM   195  C  CE    . MET A 1 28  ? -6.924  0.046   -0.169  1.00 72.31  ? 234 MET A CE    1 
ATOM   196  N  N     . VAL A 1 29  ? -6.906  -1.615  -5.446  1.00 56.91  ? 235 VAL A N     1 
ATOM   197  C  CA    . VAL A 1 29  ? -7.176  -3.026  -5.675  1.00 55.14  ? 235 VAL A CA    1 
ATOM   198  C  C     . VAL A 1 29  ? -6.933  -3.763  -4.366  1.00 58.58  ? 235 VAL A C     1 
ATOM   199  O  O     . VAL A 1 29  ? -5.797  -3.821  -3.883  1.00 54.45  ? 235 VAL A O     1 
ATOM   200  C  CB    . VAL A 1 29  ? -6.291  -3.583  -6.797  1.00 58.44  ? 235 VAL A CB    1 
ATOM   201  C  CG1   . VAL A 1 29  ? -6.443  -5.088  -6.892  1.00 57.69  ? 235 VAL A CG1   1 
ATOM   202  C  CG2   . VAL A 1 29  ? -6.631  -2.910  -8.117  1.00 54.47  ? 235 VAL A CG2   1 
ATOM   203  N  N     . ALA A 1 30  ? -7.994  -4.322  -3.785  1.00 55.89  ? 236 ALA A N     1 
ATOM   204  C  CA    . ALA A 1 30  ? -7.917  -4.965  -2.479  1.00 53.58  ? 236 ALA A CA    1 
ATOM   205  C  C     . ALA A 1 30  ? -8.630  -6.309  -2.536  1.00 58.57  ? 236 ALA A C     1 
ATOM   206  O  O     . ALA A 1 30  ? -9.282  -6.648  -3.530  1.00 54.21  ? 236 ALA A O     1 
ATOM   207  C  CB    . ALA A 1 30  ? -8.517  -4.078  -1.379  1.00 54.47  ? 236 ALA A CB    1 
ATOM   208  N  N     . ILE A 1 31  ? -8.503  -7.081  -1.452  1.00 50.95  ? 237 ILE A N     1 
ATOM   209  C  CA    . ILE A 1 31  ? -9.071  -8.420  -1.384  1.00 50.07  ? 237 ILE A CA    1 
ATOM   210  C  C     . ILE A 1 31  ? -9.559  -8.685  0.033   1.00 53.74  ? 237 ILE A C     1 
ATOM   211  O  O     . ILE A 1 31  ? -9.027  -8.143  1.007   1.00 57.46  ? 237 ILE A O     1 
ATOM   212  C  CB    . ILE A 1 31  ? -8.049  -9.489  -1.833  1.00 58.89  ? 237 ILE A CB    1 
ATOM   213  C  CG1   . ILE A 1 31  ? -8.729  -10.854 -1.999  1.00 51.52  ? 237 ILE A CG1   1 
ATOM   214  C  CG2   . ILE A 1 31  ? -6.898  -9.588  -0.841  1.00 55.21  ? 237 ILE A CG2   1 
ATOM   215  C  CD1   . ILE A 1 31  ? -8.132  -11.701 -3.094  1.00 50.57  ? 237 ILE A CD1   1 
ATOM   216  N  N     . GLU A 1 32  ? -10.590 -9.521  0.139   1.00 52.77  ? 238 GLU A N     1 
ATOM   217  C  CA    . GLU A 1 32  ? -11.137 -9.933  1.422   1.00 56.04  ? 238 GLU A CA    1 
ATOM   218  C  C     . GLU A 1 32  ? -10.191 -10.899 2.125   1.00 56.59  ? 238 GLU A C     1 
ATOM   219  O  O     . GLU A 1 32  ? -9.495  -11.693 1.484   1.00 58.50  ? 238 GLU A O     1 
ATOM   220  C  CB    . GLU A 1 32  ? -12.496 -10.609 1.233   1.00 61.43  ? 238 GLU A CB    1 
ATOM   221  C  CG    . GLU A 1 32  ? -13.651 -9.664  0.978   1.00 71.21  ? 238 GLU A CG    1 
ATOM   222  C  CD    . GLU A 1 32  ? -14.902 -10.392 0.521   1.00 79.98  ? 238 GLU A CD    1 
ATOM   223  O  OE1   . GLU A 1 32  ? -14.830 -11.620 0.307   1.00 82.56  ? 238 GLU A OE1   1 
ATOM   224  O  OE2   . GLU A 1 32  ? -15.956 -9.736  0.382   1.00 83.70  ? 238 GLU A OE2   1 
ATOM   225  N  N     . ASP A 1 33  ? -10.181 -10.836 3.459   1.00 55.55  ? 239 ASP A N     1 
ATOM   226  C  CA    . ASP A 1 33  ? -9.306  -11.713 4.228   1.00 53.79  ? 239 ASP A CA    1 
ATOM   227  C  C     . ASP A 1 33  ? -9.732  -13.172 4.151   1.00 59.47  ? 239 ASP A C     1 
ATOM   228  O  O     . ASP A 1 33  ? -8.905  -14.057 4.397   1.00 61.34  ? 239 ASP A O     1 
ATOM   229  C  CB    . ASP A 1 33  ? -9.253  -11.262 5.688   1.00 59.73  ? 239 ASP A CB    1 
ATOM   230  C  CG    . ASP A 1 33  ? -10.600 -11.359 6.378   1.00 73.36  ? 239 ASP A CG    1 
ATOM   231  O  OD1   . ASP A 1 33  ? -11.632 -11.260 5.682   1.00 73.84  ? 239 ASP A OD1   1 
ATOM   232  O  OD2   . ASP A 1 33  ? -10.625 -11.546 7.612   1.00 75.35  ? 239 ASP A OD2   1 
ATOM   233  N  N     . GLU A 1 34  ? -10.990 -13.445 3.813   1.00 57.93  ? 240 GLU A N     1 
ATOM   234  C  CA    . GLU A 1 34  ? -11.478 -14.810 3.686   1.00 64.30  ? 240 GLU A CA    1 
ATOM   235  C  C     . GLU A 1 34  ? -11.430 -15.330 2.257   1.00 59.80  ? 240 GLU A C     1 
ATOM   236  O  O     . GLU A 1 34  ? -11.851 -16.464 2.012   1.00 64.35  ? 240 GLU A O     1 
ATOM   237  C  CB    . GLU A 1 34  ? -12.905 -14.920 4.230   1.00 65.28  ? 240 GLU A CB    1 
ATOM   238  C  CG    . GLU A 1 34  ? -12.956 -15.262 5.711   1.00 65.84  ? 240 GLU A CG    1 
ATOM   239  C  CD    . GLU A 1 34  ? -14.292 -14.940 6.349   1.00 76.18  ? 240 GLU A CD    1 
ATOM   240  O  OE1   . GLU A 1 34  ? -15.338 -15.333 5.793   1.00 76.14  ? 240 GLU A OE1   1 
ATOM   241  O  OE2   . GLU A 1 34  ? -14.292 -14.283 7.412   1.00 84.00  ? 240 GLU A OE2   1 
ATOM   242  N  N     . ALA A 1 35  ? -10.932 -14.539 1.312   1.00 57.67  ? 241 ALA A N     1 
ATOM   243  C  CA    . ALA A 1 35  ? -10.685 -15.064 -0.021  1.00 54.93  ? 241 ALA A CA    1 
ATOM   244  C  C     . ALA A 1 35  ? -9.560  -16.091 0.030   1.00 60.11  ? 241 ALA A C     1 
ATOM   245  O  O     . ALA A 1 35  ? -8.641  -15.997 0.849   1.00 53.05  ? 241 ALA A O     1 
ATOM   246  C  CB    . ALA A 1 35  ? -10.324 -13.934 -0.988  1.00 56.13  ? 241 ALA A CB    1 
ATOM   247  N  N     . THR A 1 36  ? -9.648  -17.092 -0.842  1.00 59.39  ? 242 THR A N     1 
ATOM   248  C  CA    . THR A 1 36  ? -8.580  -18.068 -0.935  1.00 60.68  ? 242 THR A CA    1 
ATOM   249  C  C     . THR A 1 36  ? -7.364  -17.450 -1.624  1.00 60.88  ? 242 THR A C     1 
ATOM   250  O  O     . THR A 1 36  ? -7.437  -16.377 -2.226  1.00 57.11  ? 242 THR A O     1 
ATOM   251  C  CB    . THR A 1 36  ? -9.052  -19.308 -1.691  1.00 63.01  ? 242 THR A CB    1 
ATOM   252  O  OG1   . THR A 1 36  ? -9.238  -18.989 -3.075  1.00 67.46  ? 242 THR A OG1   1 
ATOM   253  C  CG2   . THR A 1 36  ? -10.373 -19.813 -1.120  1.00 57.64  ? 242 THR A CG2   1 
ATOM   254  N  N     . LEU A 1 37  ? -6.222  -18.135 -1.511  1.00 57.25  ? 243 LEU A N     1 
ATOM   255  C  CA    . LEU A 1 37  ? -5.032  -17.691 -2.232  1.00 57.18  ? 243 LEU A CA    1 
ATOM   256  C  C     . LEU A 1 37  ? -5.220  -17.818 -3.736  1.00 57.67  ? 243 LEU A C     1 
ATOM   257  O  O     . LEU A 1 37  ? -4.574  -17.101 -4.507  1.00 60.43  ? 243 LEU A O     1 
ATOM   258  C  CB    . LEU A 1 37  ? -3.808  -18.487 -1.783  1.00 54.81  ? 243 LEU A CB    1 
ATOM   259  C  CG    . LEU A 1 37  ? -3.403  -18.314 -0.321  1.00 60.72  ? 243 LEU A CG    1 
ATOM   260  C  CD1   . LEU A 1 37  ? -2.112  -19.062 -0.014  1.00 63.94  ? 243 LEU A CD1   1 
ATOM   261  C  CD2   . LEU A 1 37  ? -3.272  -16.836 0.004   1.00 53.48  ? 243 LEU A CD2   1 
ATOM   262  N  N     . GLU A 1 38  ? -6.093  -18.727 -4.168  1.00 57.32  ? 244 GLU A N     1 
ATOM   263  C  CA    . GLU A 1 38  ? -6.432  -18.831 -5.581  1.00 58.47  ? 244 GLU A CA    1 
ATOM   264  C  C     . GLU A 1 38  ? -7.090  -17.556 -6.089  1.00 62.60  ? 244 GLU A C     1 
ATOM   265  O  O     . GLU A 1 38  ? -6.868  -17.161 -7.239  1.00 62.94  ? 244 GLU A O     1 
ATOM   266  C  CB    . GLU A 1 38  ? -7.350  -20.037 -5.811  1.00 59.89  ? 244 GLU A CB    1 
ATOM   267  N  N     . ASP A 1 39  ? -7.904  -16.902 -5.253  1.00 61.02  ? 245 ASP A N     1 
ATOM   268  C  CA    . ASP A 1 39  ? -8.488  -15.622 -5.645  1.00 57.62  ? 245 ASP A CA    1 
ATOM   269  C  C     . ASP A 1 39  ? -7.450  -14.507 -5.650  1.00 59.22  ? 245 ASP A C     1 
ATOM   270  O  O     . ASP A 1 39  ? -7.584  -13.543 -6.413  1.00 60.25  ? 245 ASP A O     1 
ATOM   271  C  CB    . ASP A 1 39  ? -9.656  -15.259 -4.726  1.00 61.27  ? 245 ASP A CB    1 
ATOM   272  C  CG    . ASP A 1 39  ? -10.656 -16.388 -4.582  1.00 64.43  ? 245 ASP A CG    1 
ATOM   273  O  OD1   . ASP A 1 39  ? -11.040 -16.971 -5.620  1.00 67.22  ? 245 ASP A OD1   1 
ATOM   274  O  OD2   . ASP A 1 39  ? -11.075 -16.681 -3.443  1.00 66.11  ? 245 ASP A OD2   1 
ATOM   275  N  N     . LEU A 1 40  ? -6.422  -14.608 -4.803  1.00 54.62  ? 246 LEU A N     1 
ATOM   276  C  CA    . LEU A 1 40  ? -5.339  -13.631 -4.850  1.00 54.70  ? 246 LEU A CA    1 
ATOM   277  C  C     . LEU A 1 40  ? -4.515  -13.795 -6.119  1.00 56.74  ? 246 LEU A C     1 
ATOM   278  O  O     . LEU A 1 40  ? -4.117  -12.799 -6.742  1.00 56.18  ? 246 LEU A O     1 
ATOM   279  C  CB    . LEU A 1 40  ? -4.453  -13.767 -3.614  1.00 52.44  ? 246 LEU A CB    1 
ATOM   280  C  CG    . LEU A 1 40  ? -3.317  -12.749 -3.516  1.00 52.92  ? 246 LEU A CG    1 
ATOM   281  C  CD1   . LEU A 1 40  ? -3.890  -11.357 -3.314  1.00 49.31  ? 246 LEU A CD1   1 
ATOM   282  C  CD2   . LEU A 1 40  ? -2.353  -13.101 -2.396  1.00 49.11  ? 246 LEU A CD2   1 
ATOM   283  N  N     . LEU A 1 41  ? -4.243  -15.046 -6.505  1.00 54.51  ? 247 LEU A N     1 
ATOM   284  C  CA    . LEU A 1 41  ? -3.590  -15.322 -7.779  1.00 58.12  ? 247 LEU A CA    1 
ATOM   285  C  C     . LEU A 1 41  ? -4.376  -14.726 -8.941  1.00 60.26  ? 247 LEU A C     1 
ATOM   286  O  O     . LEU A 1 41  ? -3.808  -14.079 -9.828  1.00 60.44  ? 247 LEU A O     1 
ATOM   287  C  CB    . LEU A 1 41  ? -3.431  -16.831 -7.952  1.00 55.15  ? 247 LEU A CB    1 
ATOM   288  C  CG    . LEU A 1 41  ? -2.570  -17.353 -9.095  1.00 63.99  ? 247 LEU A CG    1 
ATOM   289  C  CD1   . LEU A 1 41  ? -1.101  -17.109 -8.833  1.00 60.60  ? 247 LEU A CD1   1 
ATOM   290  C  CD2   . LEU A 1 41  ? -2.837  -18.838 -9.283  1.00 62.07  ? 247 LEU A CD2   1 
ATOM   291  N  N     . ALA A 1 42  ? -5.690  -14.946 -8.952  1.00 62.22  ? 248 ALA A N     1 
ATOM   292  C  CA    . ALA A 1 42  ? -6.536  -14.367 -9.990  1.00 58.82  ? 248 ALA A CA    1 
ATOM   293  C  C     . ALA A 1 42  ? -6.495  -12.846 -9.940  1.00 54.74  ? 248 ALA A C     1 
ATOM   294  O  O     . ALA A 1 42  ? -6.375  -12.181 -10.974 1.00 58.23  ? 248 ALA A O     1 
ATOM   295  C  CB    . ALA A 1 42  ? -7.971  -14.871 -9.835  1.00 50.24  ? 248 ALA A CB    1 
ATOM   296  N  N     . LEU A 1 43  ? -6.590  -12.276 -8.737  1.00 56.49  ? 249 LEU A N     1 
ATOM   297  C  CA    . LEU A 1 43  ? -6.516  -10.826 -8.594  1.00 58.11  ? 249 LEU A CA    1 
ATOM   298  C  C     . LEU A 1 43  ? -5.179  -10.296 -9.092  1.00 57.42  ? 249 LEU A C     1 
ATOM   299  O  O     . LEU A 1 43  ? -5.126  -9.274  -9.786  1.00 63.21  ? 249 LEU A O     1 
ATOM   300  C  CB    . LEU A 1 43  ? -6.745  -10.426 -7.135  1.00 59.36  ? 249 LEU A CB    1 
ATOM   301  C  CG    . LEU A 1 43  ? -6.836  -8.923  -6.866  1.00 58.64  ? 249 LEU A CG    1 
ATOM   302  C  CD1   . LEU A 1 43  ? -8.201  -8.376  -7.267  1.00 68.11  ? 249 LEU A CD1   1 
ATOM   303  C  CD2   . LEU A 1 43  ? -6.532  -8.615  -5.408  1.00 56.51  ? 249 LEU A CD2   1 
ATOM   304  N  N     . TYR A 1 44  ? -4.083  -10.979 -8.749  1.00 60.98  ? 250 TYR A N     1 
ATOM   305  C  CA    . TYR A 1 44  ? -2.781  -10.552 -9.249  1.00 57.25  ? 250 TYR A CA    1 
ATOM   306  C  C     . TYR A 1 44  ? -2.734  -10.611 -10.769 1.00 63.78  ? 250 TYR A C     1 
ATOM   307  O  O     . TYR A 1 44  ? -2.253  -9.680  -11.422 1.00 64.26  ? 250 TYR A O     1 
ATOM   308  C  CB    . TYR A 1 44  ? -1.653  -11.401 -8.665  1.00 60.56  ? 250 TYR A CB    1 
ATOM   309  C  CG    . TYR A 1 44  ? -0.331  -11.048 -9.310  1.00 63.10  ? 250 TYR A CG    1 
ATOM   310  C  CD1   . TYR A 1 44  ? 0.355   -9.901  -8.937  1.00 59.74  ? 250 TYR A CD1   1 
ATOM   311  C  CD2   . TYR A 1 44  ? 0.204   -11.831 -10.328 1.00 59.97  ? 250 TYR A CD2   1 
ATOM   312  C  CE1   . TYR A 1 44  ? 1.548   -9.556  -9.536  1.00 61.95  ? 250 TYR A CE1   1 
ATOM   313  C  CE2   . TYR A 1 44  ? 1.397   -11.491 -10.935 1.00 61.81  ? 250 TYR A CE2   1 
ATOM   314  C  CZ    . TYR A 1 44  ? 2.064   -10.354 -10.535 1.00 64.26  ? 250 TYR A CZ    1 
ATOM   315  O  OH    . TYR A 1 44  ? 3.253   -10.011 -11.133 1.00 68.32  ? 250 TYR A OH    1 
ATOM   316  N  N     . ARG A 1 45  ? -3.223  -11.710 -11.346 1.00 61.43  ? 251 ARG A N     1 
ATOM   317  C  CA    . ARG A 1 45  ? -3.156  -11.883 -12.794 1.00 62.91  ? 251 ARG A CA    1 
ATOM   318  C  C     . ARG A 1 45  ? -3.902  -10.781 -13.532 1.00 61.58  ? 251 ARG A C     1 
ATOM   319  O  O     . ARG A 1 45  ? -3.548  -10.444 -14.669 1.00 69.15  ? 251 ARG A O     1 
ATOM   320  C  CB    . ARG A 1 45  ? -3.706  -13.258 -13.177 1.00 63.86  ? 251 ARG A CB    1 
ATOM   321  C  CG    . ARG A 1 45  ? -2.685  -14.379 -13.069 1.00 65.14  ? 251 ARG A CG    1 
ATOM   322  C  CD    . ARG A 1 45  ? -3.249  -15.701 -13.562 1.00 65.55  ? 251 ARG A CD    1 
ATOM   323  N  NE    . ARG A 1 45  ? -2.456  -16.842 -13.105 1.00 70.12  ? 251 ARG A NE    1 
ATOM   324  C  CZ    . ARG A 1 45  ? -2.948  -18.055 -12.878 1.00 76.57  ? 251 ARG A CZ    1 
ATOM   325  N  NH1   . ARG A 1 45  ? -4.241  -18.294 -13.054 1.00 77.71  ? 251 ARG A NH1   1 
ATOM   326  N  NH2   . ARG A 1 45  ? -2.147  -19.028 -12.473 1.00 75.36  ? 251 ARG A NH2   1 
ATOM   327  N  N     . GLU A 1 46  ? -4.919  -10.194 -12.900 1.00 62.37  ? 252 GLU A N     1 
ATOM   328  C  CA    . GLU A 1 46  ? -5.717  -9.174  -13.567 1.00 62.81  ? 252 GLU A CA    1 
ATOM   329  C  C     . GLU A 1 46  ? -5.100  -7.784  -13.431 1.00 65.02  ? 252 GLU A C     1 
ATOM   330  O  O     . GLU A 1 46  ? -5.109  -7.006  -14.394 1.00 62.16  ? 252 GLU A O     1 
ATOM   331  C  CB    . GLU A 1 46  ? -7.141  -9.182  -13.010 1.00 62.46  ? 252 GLU A CB    1 
ATOM   332  N  N     . HIS A 1 47  ? -4.551  -7.456  -12.256 1.00 63.68  ? 253 HIS A N     1 
ATOM   333  C  CA    . HIS A 1 47  ? -4.155  -6.086  -11.955 1.00 61.20  ? 253 HIS A CA    1 
ATOM   334  C  C     . HIS A 1 47  ? -2.656  -5.868  -11.779 1.00 60.71  ? 253 HIS A C     1 
ATOM   335  O  O     . HIS A 1 47  ? -2.207  -4.722  -11.900 1.00 61.31  ? 253 HIS A O     1 
ATOM   336  C  CB    . HIS A 1 47  ? -4.881  -5.591  -10.695 1.00 59.31  ? 253 HIS A CB    1 
ATOM   337  C  CG    . HIS A 1 47  ? -6.365  -5.477  -10.866 1.00 68.73  ? 253 HIS A CG    1 
ATOM   338  N  ND1   . HIS A 1 47  ? -7.228  -6.523  -10.622 1.00 66.43  ? 253 HIS A ND1   1 
ATOM   339  C  CD2   . HIS A 1 47  ? -7.135  -4.445  -11.286 1.00 62.77  ? 253 HIS A CD2   1 
ATOM   340  C  CE1   . HIS A 1 47  ? -8.467  -6.136  -10.867 1.00 69.82  ? 253 HIS A CE1   1 
ATOM   341  N  NE2   . HIS A 1 47  ? -8.438  -4.880  -11.274 1.00 65.56  ? 253 HIS A NE2   1 
ATOM   342  N  N     . ARG A 1 48  ? -1.882  -6.913  -11.484 1.00 60.92  ? 254 ARG A N     1 
ATOM   343  C  CA    . ARG A 1 48  ? -0.418  -6.908  -11.479 1.00 61.98  ? 254 ARG A CA    1 
ATOM   344  C  C     . ARG A 1 48  ? 0.199   -6.081  -10.358 1.00 57.68  ? 254 ARG A C     1 
ATOM   345  O  O     . ARG A 1 48  ? 1.392   -5.757  -10.427 1.00 61.31  ? 254 ARG A O     1 
ATOM   346  C  CB    . ARG A 1 48  ? 0.157   -6.430  -12.820 1.00 61.30  ? 254 ARG A CB    1 
ATOM   347  C  CG    . ARG A 1 48  ? -0.314  -7.245  -14.010 1.00 59.47  ? 254 ARG A CG    1 
ATOM   348  C  CD    . ARG A 1 48  ? -0.374  -8.718  -13.643 1.00 67.19  ? 254 ARG A CD    1 
ATOM   349  N  NE    . ARG A 1 48  ? -0.572  -9.589  -14.797 1.00 75.87  ? 254 ARG A NE    1 
ATOM   350  C  CZ    . ARG A 1 48  ? 0.421   -10.122 -15.499 1.00 78.33  ? 254 ARG A CZ    1 
ATOM   351  N  NH1   . ARG A 1 48  ? 1.679   -9.867  -15.163 1.00 80.43  ? 254 ARG A NH1   1 
ATOM   352  N  NH2   . ARG A 1 48  ? 0.158   -10.908 -16.533 1.00 87.09  ? 254 ARG A NH2   1 
ATOM   353  N  N     . TYR A 1 49  ? -0.558  -5.741  -9.321  1.00 59.16  ? 255 TYR A N     1 
ATOM   354  C  CA    . TYR A 1 49  ? 0.030   -5.067  -8.172  1.00 59.57  ? 255 TYR A CA    1 
ATOM   355  C  C     . TYR A 1 49  ? 0.721   -6.080  -7.270  1.00 60.38  ? 255 TYR A C     1 
ATOM   356  O  O     . TYR A 1 49  ? 0.222   -7.188  -7.055  1.00 65.01  ? 255 TYR A O     1 
ATOM   357  C  CB    . TYR A 1 49  ? -1.030  -4.287  -7.393  1.00 55.90  ? 255 TYR A CB    1 
ATOM   358  C  CG    . TYR A 1 49  ? -1.484  -3.034  -8.110  1.00 55.35  ? 255 TYR A CG    1 
ATOM   359  C  CD1   . TYR A 1 49  ? -0.649  -1.928  -8.202  1.00 60.80  ? 255 TYR A CD1   1 
ATOM   360  C  CD2   . TYR A 1 49  ? -2.749  -2.950  -8.683  1.00 53.66  ? 255 TYR A CD2   1 
ATOM   361  C  CE1   . TYR A 1 49  ? -1.052  -0.776  -8.856  1.00 60.46  ? 255 TYR A CE1   1 
ATOM   362  C  CE2   . TYR A 1 49  ? -3.161  -1.801  -9.332  1.00 56.49  ? 255 TYR A CE2   1 
ATOM   363  C  CZ    . TYR A 1 49  ? -2.314  -0.718  -9.414  1.00 60.51  ? 255 TYR A CZ    1 
ATOM   364  O  OH    . TYR A 1 49  ? -2.722  0.427   -10.061 1.00 64.55  ? 255 TYR A OH    1 
ATOM   365  N  N     . SER A 1 50  ? 1.893   -5.698  -6.758  1.00 58.16  ? 256 SER A N     1 
ATOM   366  C  CA    . SER A 1 50  ? 2.669   -6.602  -5.919  1.00 58.94  ? 256 SER A CA    1 
ATOM   367  C  C     . SER A 1 50  ? 2.137   -6.655  -4.494  1.00 62.03  ? 256 SER A C     1 
ATOM   368  O  O     . SER A 1 50  ? 2.222   -7.704  -3.846  1.00 54.45  ? 256 SER A O     1 
ATOM   369  C  CB    . SER A 1 50  ? 4.139   -6.180  -5.915  1.00 58.17  ? 256 SER A CB    1 
ATOM   370  O  OG    . SER A 1 50  ? 4.709   -6.301  -7.206  1.00 57.97  ? 256 SER A OG    1 
ATOM   371  N  N     . ARG A 1 51  ? 1.591   -5.547  -3.996  1.00 56.05  ? 257 ARG A N     1 
ATOM   372  C  CA    . ARG A 1 51  ? 1.082   -5.450  -2.636  1.00 59.45  ? 257 ARG A CA    1 
ATOM   373  C  C     . ARG A 1 51  ? -0.390  -5.071  -2.685  1.00 59.17  ? 257 ARG A C     1 
ATOM   374  O  O     . ARG A 1 51  ? -0.766  -4.094  -3.342  1.00 59.63  ? 257 ARG A O     1 
ATOM   375  C  CB    . ARG A 1 51  ? 1.887   -4.433  -1.825  1.00 59.26  ? 257 ARG A CB    1 
ATOM   376  C  CG    . ARG A 1 51  ? 3.311   -4.880  -1.509  1.00 61.45  ? 257 ARG A CG    1 
ATOM   377  C  CD    . ARG A 1 51  ? 4.052   -3.891  -0.610  1.00 64.09  ? 257 ARG A CD    1 
ATOM   378  N  NE    . ARG A 1 51  ? 5.503   -4.051  -0.655  1.00 72.84  ? 257 ARG A NE    1 
ATOM   379  C  CZ    . ARG A 1 51  ? 6.259   -3.891  -1.740  1.00 73.01  ? 257 ARG A CZ    1 
ATOM   380  N  NH1   . ARG A 1 51  ? 5.718   -3.536  -2.899  1.00 66.63  ? 257 ARG A NH1   1 
ATOM   381  N  NH2   . ARG A 1 51  ? 7.571   -4.072  -1.664  1.00 75.46  ? 257 ARG A NH2   1 
ATOM   382  N  N     . VAL A 1 52  ? -1.217  -5.844  -1.986  1.00 57.34  ? 258 VAL A N     1 
ATOM   383  C  CA    . VAL A 1 52  ? -2.663  -5.686  -2.004  1.00 58.43  ? 258 VAL A CA    1 
ATOM   384  C  C     . VAL A 1 52  ? -3.160  -5.509  -0.586  1.00 52.56  ? 258 VAL A C     1 
ATOM   385  O  O     . VAL A 1 52  ? -2.899  -6.351  0.278   1.00 50.29  ? 258 VAL A O     1 
ATOM   386  C  CB    . VAL A 1 52  ? -3.355  -6.903  -2.665  1.00 60.03  ? 258 VAL A CB    1 
ATOM   387  C  CG1   . VAL A 1 52  ? -4.862  -6.779  -2.543  1.00 60.83  ? 258 VAL A CG1   1 
ATOM   388  C  CG2   . VAL A 1 52  ? -2.952  -7.012  -4.125  1.00 53.96  ? 258 VAL A CG2   1 
ATOM   389  N  N     . PRO A 1 53  ? -3.869  -4.419  -0.272  1.00 54.61  ? 259 PRO A N     1 
ATOM   390  C  CA    . PRO A 1 53  ? -4.482  -4.292  1.054   1.00 53.64  ? 259 PRO A CA    1 
ATOM   391  C  C     . PRO A 1 53  ? -5.563  -5.345  1.259   1.00 53.97  ? 259 PRO A C     1 
ATOM   392  O  O     . PRO A 1 53  ? -6.206  -5.804  0.313   1.00 54.70  ? 259 PRO A O     1 
ATOM   393  C  CB    . PRO A 1 53  ? -5.067  -2.873  1.044   1.00 55.81  ? 259 PRO A CB    1 
ATOM   394  C  CG    . PRO A 1 53  ? -4.334  -2.170  -0.064  1.00 56.71  ? 259 PRO A CG    1 
ATOM   395  C  CD    . PRO A 1 53  ? -4.069  -3.214  -1.091  1.00 52.35  ? 259 PRO A CD    1 
ATOM   396  N  N     . VAL A 1 54  ? -5.758  -5.723  2.518   1.00 52.08  ? 260 VAL A N     1 
ATOM   397  C  CA    . VAL A 1 54  ? -6.665  -6.799  2.893   1.00 54.23  ? 260 VAL A CA    1 
ATOM   398  C  C     . VAL A 1 54  ? -7.687  -6.243  3.875   1.00 60.14  ? 260 VAL A C     1 
ATOM   399  O  O     . VAL A 1 54  ? -7.321  -5.562  4.841   1.00 58.37  ? 260 VAL A O     1 
ATOM   400  C  CB    . VAL A 1 54  ? -5.904  -7.991  3.499   1.00 57.14  ? 260 VAL A CB    1 
ATOM   401  C  CG1   . VAL A 1 54  ? -6.865  -9.105  3.858   1.00 49.39  ? 260 VAL A CG1   1 
ATOM   402  C  CG2   . VAL A 1 54  ? -4.835  -8.485  2.530   1.00 57.00  ? 260 VAL A CG2   1 
ATOM   403  N  N     . TYR A 1 55  ? -8.961  -6.536  3.627   1.00 56.98  ? 261 TYR A N     1 
ATOM   404  C  CA    . TYR A 1 55  ? -10.051 -5.968  4.403   1.00 60.45  ? 261 TYR A CA    1 
ATOM   405  C  C     . TYR A 1 55  ? -11.016 -7.064  4.837   1.00 65.40  ? 261 TYR A C     1 
ATOM   406  O  O     . TYR A 1 55  ? -11.059 -8.149  4.253   1.00 65.76  ? 261 TYR A O     1 
ATOM   407  C  CB    . TYR A 1 55  ? -10.795 -4.885  3.605   1.00 55.91  ? 261 TYR A CB    1 
ATOM   408  C  CG    . TYR A 1 55  ? -11.578 -5.388  2.409   1.00 58.49  ? 261 TYR A CG    1 
ATOM   409  C  CD1   . TYR A 1 55  ? -12.905 -5.777  2.536   1.00 65.52  ? 261 TYR A CD1   1 
ATOM   410  C  CD2   . TYR A 1 55  ? -10.996 -5.459  1.149   1.00 57.38  ? 261 TYR A CD2   1 
ATOM   411  C  CE1   . TYR A 1 55  ? -13.629 -6.228  1.450   1.00 62.47  ? 261 TYR A CE1   1 
ATOM   412  C  CE2   . TYR A 1 55  ? -11.712 -5.912  0.054   1.00 59.08  ? 261 TYR A CE2   1 
ATOM   413  C  CZ    . TYR A 1 55  ? -13.026 -6.294  0.211   1.00 64.88  ? 261 TYR A CZ    1 
ATOM   414  O  OH    . TYR A 1 55  ? -13.743 -6.745  -0.873  1.00 64.26  ? 261 TYR A OH    1 
ATOM   415  N  N     . ARG A 1 56  ? -11.797 -6.762  5.876   1.00 66.62  ? 262 ARG A N     1 
ATOM   416  C  CA    . ARG A 1 56  ? -12.768 -7.715  6.398   1.00 72.47  ? 262 ARG A CA    1 
ATOM   417  C  C     . ARG A 1 56  ? -14.048 -7.700  5.570   1.00 77.09  ? 262 ARG A C     1 
ATOM   418  O  O     . ARG A 1 56  ? -14.235 -8.553  4.694   1.00 85.60  ? 262 ARG A O     1 
ATOM   419  C  CB    . ARG A 1 56  ? -13.074 -7.416  7.865   1.00 68.24  ? 262 ARG A CB    1 
ATOM   420  C  CG    . ARG A 1 56  ? -11.974 -7.850  8.819   1.00 73.80  ? 262 ARG A CG    1 
ATOM   421  C  CD    . ARG A 1 56  ? -12.267 -9.223  9.410   1.00 77.23  ? 262 ARG A CD    1 
ATOM   422  N  NE    . ARG A 1 56  ? -11.054 -9.951  9.791   1.00 84.39  ? 262 ARG A NE    1 
ATOM   423  C  CZ    . ARG A 1 56  ? -10.247 -9.624  10.797  1.00 85.85  ? 262 ARG A CZ    1 
ATOM   424  N  NH1   . ARG A 1 56  ? -10.510 -8.572  11.561  1.00 81.15  ? 262 ARG A NH1   1 
ATOM   425  N  NH2   . ARG A 1 56  ? -9.175  -10.365 11.045  1.00 85.21  ? 262 ARG A NH2   1 
ATOM   426  N  N     . GLU A 1 57  ? -14.932 -6.738  5.843   1.00 66.63  ? 263 GLU A N     1 
ATOM   427  C  CA    . GLU A 1 57  ? -16.193 -6.596  5.125   1.00 65.94  ? 263 GLU A CA    1 
ATOM   428  C  C     . GLU A 1 57  ? -16.192 -5.469  4.106   1.00 64.56  ? 263 GLU A C     1 
ATOM   429  O  O     . GLU A 1 57  ? -16.849 -5.589  3.072   1.00 60.58  ? 263 GLU A O     1 
ATOM   430  C  CB    . GLU A 1 57  ? -17.343 -6.358  6.110   1.00 76.43  ? 263 GLU A CB    1 
ATOM   431  N  N     . SER A 1 58  ? -15.479 -4.376  4.373   1.00 65.20  ? 264 SER A N     1 
ATOM   432  C  CA    . SER A 1 58  ? -15.423 -3.240  3.466   1.00 61.00  ? 264 SER A CA    1 
ATOM   433  C  C     . SER A 1 58  ? -13.984 -2.771  3.340   1.00 64.64  ? 264 SER A C     1 
ATOM   434  O  O     . SER A 1 58  ? -13.161 -3.003  4.232   1.00 58.73  ? 264 SER A O     1 
ATOM   435  C  CB    . SER A 1 58  ? -16.312 -2.085  3.951   1.00 62.38  ? 264 SER A CB    1 
ATOM   436  O  OG    . SER A 1 58  ? -16.116 -0.919  3.162   1.00 63.65  ? 264 SER A OG    1 
ATOM   437  N  N     . VAL A 1 59  ? -13.694 -2.085  2.231   1.00 55.49  ? 265 VAL A N     1 
ATOM   438  C  CA    . VAL A 1 59  ? -12.363 -1.539  1.987   1.00 59.01  ? 265 VAL A CA    1 
ATOM   439  C  C     . VAL A 1 59  ? -12.098 -0.435  3.010   1.00 63.28  ? 265 VAL A C     1 
ATOM   440  O  O     . VAL A 1 59  ? -10.984 0.094   3.104   1.00 62.45  ? 265 VAL A O     1 
ATOM   441  C  CB    . VAL A 1 59  ? -12.235 -1.045  0.530   1.00 57.38  ? 265 VAL A CB    1 
ATOM   442  C  CG1   . VAL A 1 59  ? -13.276 0.025   0.217   1.00 51.78  ? 265 VAL A CG1   1 
ATOM   443  C  CG2   . VAL A 1 59  ? -10.816 -0.569  0.206   1.00 71.70  ? 265 VAL A CG2   1 
ATOM   444  N  N     . ASP A 1 60  ? -13.113 -0.098  3.803   1.00 61.67  ? 266 ASP A N     1 
ATOM   445  C  CA    . ASP A 1 60  ? -12.981 0.850   4.899   1.00 62.66  ? 266 ASP A CA    1 
ATOM   446  C  C     . ASP A 1 60  ? -12.511 0.210   6.201   1.00 59.43  ? 266 ASP A C     1 
ATOM   447  O  O     . ASP A 1 60  ? -12.428 0.909   7.216   1.00 63.17  ? 266 ASP A O     1 
ATOM   448  C  CB    . ASP A 1 60  ? -14.314 1.574   5.133   1.00 63.51  ? 266 ASP A CB    1 
ATOM   449  C  CG    . ASP A 1 60  ? -14.452 2.816   4.294   1.00 65.49  ? 266 ASP A CG    1 
ATOM   450  O  OD1   . ASP A 1 60  ? -13.611 3.729   4.443   1.00 71.62  ? 266 ASP A OD1   1 
ATOM   451  O  OD2   . ASP A 1 60  ? -15.400 2.892   3.481   1.00 67.66  ? 266 ASP A OD2   1 
ATOM   452  N  N     . HIS A 1 61  ? -12.206 -1.094  6.198   1.00 60.85  ? 267 HIS A N     1 
ATOM   453  C  CA    . HIS A 1 61  ? -11.658 -1.781  7.370   1.00 64.23  ? 267 HIS A CA    1 
ATOM   454  C  C     . HIS A 1 61  ? -10.486 -2.635  6.903   1.00 67.31  ? 267 HIS A C     1 
ATOM   455  O  O     . HIS A 1 61  ? -10.572 -3.857  6.829   1.00 65.68  ? 267 HIS A O     1 
ATOM   456  C  CB    . HIS A 1 61  ? -12.756 -2.597  8.096   1.00 63.96  ? 267 HIS A CB    1 
ATOM   457  C  CG    . HIS A 1 61  ? -12.251 -3.408  9.253   1.00 76.76  ? 267 HIS A CG    1 
ATOM   458  N  ND1   . HIS A 1 61  ? -11.158 -3.031  10.004  1.00 81.19  ? 267 HIS A ND1   1 
ATOM   459  C  CD2   . HIS A 1 61  ? -12.718 -4.546  9.817   1.00 77.10  ? 267 HIS A CD2   1 
ATOM   460  C  CE1   . HIS A 1 61  ? -10.952 -3.919  10.961  1.00 77.12  ? 267 HIS A CE1   1 
ATOM   461  N  NE2   . HIS A 1 61  ? -11.888 -4.846  10.873  1.00 79.48  ? 267 HIS A NE2   1 
ATOM   462  N  N     . ILE A 1 62  ? -9.384  -1.970  6.565   1.00 66.95  ? 268 ILE A N     1 
ATOM   463  C  CA    . ILE A 1 62  ? -8.150  -2.669  6.225   1.00 66.65  ? 268 ILE A CA    1 
ATOM   464  C  C     . ILE A 1 62  ? -7.640  -3.410  7.451   1.00 66.52  ? 268 ILE A C     1 
ATOM   465  O  O     . ILE A 1 62  ? -7.566  -2.844  8.547   1.00 64.71  ? 268 ILE A O     1 
ATOM   466  C  CB    . ILE A 1 62  ? -7.092  -1.680  5.716   1.00 65.08  ? 268 ILE A CB    1 
ATOM   467  C  CG1   . ILE A 1 62  ? -7.609  -0.933  4.477   1.00 63.36  ? 268 ILE A CG1   1 
ATOM   468  C  CG2   . ILE A 1 62  ? -5.744  -2.386  5.479   1.00 65.77  ? 268 ILE A CG2   1 
ATOM   469  C  CD1   . ILE A 1 62  ? -7.937  -1.824  3.318   1.00 68.19  ? 268 ILE A CD1   1 
ATOM   470  N  N     . VAL A 1 63  ? -7.291  -4.685  7.277   1.00 64.25  ? 269 VAL A N     1 
ATOM   471  C  CA    . VAL A 1 63  ? -6.695  -5.471  8.352   1.00 68.25  ? 269 VAL A CA    1 
ATOM   472  C  C     . VAL A 1 63  ? -5.269  -5.888  8.044   1.00 68.05  ? 269 VAL A C     1 
ATOM   473  O  O     . VAL A 1 63  ? -4.665  -6.613  8.846   1.00 67.20  ? 269 VAL A O     1 
ATOM   474  C  CB    . VAL A 1 63  ? -7.552  -6.705  8.698   1.00 65.59  ? 269 VAL A CB    1 
ATOM   475  C  CG1   . VAL A 1 63  ? -8.907  -6.265  9.211   1.00 68.56  ? 269 VAL A CG1   1 
ATOM   476  C  CG2   . VAL A 1 63  ? -7.694  -7.622  7.488   1.00 60.24  ? 269 VAL A CG2   1 
ATOM   477  N  N     . GLY A 1 64  ? -4.708  -5.455  6.925   1.00 64.03  ? 270 GLY A N     1 
ATOM   478  C  CA    . GLY A 1 64  ? -3.333  -5.780  6.612   1.00 65.74  ? 270 GLY A CA    1 
ATOM   479  C  C     . GLY A 1 64  ? -3.060  -5.667  5.124   1.00 63.71  ? 270 GLY A C     1 
ATOM   480  O  O     . GLY A 1 64  ? -3.875  -5.154  4.356   1.00 59.39  ? 270 GLY A O     1 
ATOM   481  N  N     . VAL A 1 65  ? -1.879  -6.154  4.741   1.00 60.69  ? 271 VAL A N     1 
ATOM   482  C  CA    . VAL A 1 65  ? -1.408  -6.135  3.362   1.00 58.65  ? 271 VAL A CA    1 
ATOM   483  C  C     . VAL A 1 65  ? -0.930  -7.534  2.993   1.00 60.88  ? 271 VAL A C     1 
ATOM   484  O  O     . VAL A 1 65  ? -0.340  -8.237  3.822   1.00 63.95  ? 271 VAL A O     1 
ATOM   485  C  CB    . VAL A 1 65  ? -0.278  -5.101  3.159   1.00 56.04  ? 271 VAL A CB    1 
ATOM   486  C  CG1   . VAL A 1 65  ? 0.150   -5.044  1.698   1.00 54.87  ? 271 VAL A CG1   1 
ATOM   487  C  CG2   . VAL A 1 65  ? -0.717  -3.726  3.635   1.00 55.07  ? 271 VAL A CG2   1 
ATOM   488  N  N     . ALA A 1 66  ? -1.187  -7.938  1.752   1.00 55.38  ? 272 ALA A N     1 
ATOM   489  C  CA    . ALA A 1 66  ? -0.742  -9.223  1.234   1.00 57.92  ? 272 ALA A CA    1 
ATOM   490  C  C     . ALA A 1 66  ? 0.211   -9.000  0.067   1.00 55.39  ? 272 ALA A C     1 
ATOM   491  O  O     . ALA A 1 66  ? 0.011   -8.093  -0.745  1.00 54.89  ? 272 ALA A O     1 
ATOM   492  C  CB    . ALA A 1 66  ? -1.922  -10.090 0.787   1.00 50.21  ? 272 ALA A CB    1 
ATOM   493  N  N     . TYR A 1 67  ? 1.248   -9.826  -0.016  1.00 53.90  ? 273 TYR A N     1 
ATOM   494  C  CA    . TYR A 1 67  ? 2.211   -9.769  -1.109  1.00 53.11  ? 273 TYR A CA    1 
ATOM   495  C  C     . TYR A 1 67  ? 1.900   -10.893 -2.089  1.00 50.75  ? 273 TYR A C     1 
ATOM   496  O  O     . TYR A 1 67  ? 1.798   -12.058 -1.692  1.00 52.50  ? 273 TYR A O     1 
ATOM   497  C  CB    . TYR A 1 67  ? 3.649   -9.896  -0.606  1.00 60.46  ? 273 TYR A CB    1 
ATOM   498  C  CG    . TYR A 1 67  ? 4.040   -8.935  0.496   1.00 62.88  ? 273 TYR A CG    1 
ATOM   499  C  CD1   . TYR A 1 67  ? 3.373   -7.728  0.682   1.00 62.19  ? 273 TYR A CD1   1 
ATOM   500  C  CD2   . TYR A 1 67  ? 5.084   -9.241  1.356   1.00 71.41  ? 273 TYR A CD2   1 
ATOM   501  C  CE1   . TYR A 1 67  ? 3.739   -6.859  1.696   1.00 66.15  ? 273 TYR A CE1   1 
ATOM   502  C  CE2   . TYR A 1 67  ? 5.458   -8.381  2.367   1.00 75.68  ? 273 TYR A CE2   1 
ATOM   503  C  CZ    . TYR A 1 67  ? 4.783   -7.192  2.535   1.00 68.53  ? 273 TYR A CZ    1 
ATOM   504  O  OH    . TYR A 1 67  ? 5.158   -6.337  3.548   1.00 70.17  ? 273 TYR A OH    1 
ATOM   505  N  N     . ALA A 1 68  ? 1.753   -10.541 -3.364  1.00 54.95  ? 274 ALA A N     1 
ATOM   506  C  CA    . ALA A 1 68  ? 1.532   -11.549 -4.395  1.00 60.16  ? 274 ALA A CA    1 
ATOM   507  C  C     . ALA A 1 68  ? 2.685   -12.543 -4.460  1.00 56.91  ? 274 ALA A C     1 
ATOM   508  O  O     . ALA A 1 68  ? 2.471   -13.723 -4.747  1.00 56.99  ? 274 ALA A O     1 
ATOM   509  C  CB    . ALA A 1 68  ? 1.339   -10.876 -5.757  1.00 56.31  ? 274 ALA A CB    1 
ATOM   510  N  N     . LYS A 1 69  ? 3.906   -12.085 -4.185  1.00 51.80  ? 275 LYS A N     1 
ATOM   511  C  CA    . LYS A 1 69  ? 5.072   -12.961 -4.250  1.00 61.01  ? 275 LYS A CA    1 
ATOM   512  C  C     . LYS A 1 69  ? 5.008   -14.078 -3.216  1.00 61.89  ? 275 LYS A C     1 
ATOM   513  O  O     . LYS A 1 69  ? 5.605   -15.142 -3.421  1.00 62.99  ? 275 LYS A O     1 
ATOM   514  C  CB    . LYS A 1 69  ? 6.353   -12.144 -4.064  1.00 58.65  ? 275 LYS A CB    1 
ATOM   515  N  N     . ASP A 1 70  ? 4.295   -13.864 -2.105  1.00 60.52  ? 276 ASP A N     1 
ATOM   516  C  CA    . ASP A 1 70  ? 4.170   -14.910 -1.096  1.00 57.55  ? 276 ASP A CA    1 
ATOM   517  C  C     . ASP A 1 70  ? 3.376   -16.109 -1.597  1.00 58.79  ? 276 ASP A C     1 
ATOM   518  O  O     . ASP A 1 70  ? 3.436   -17.175 -0.975  1.00 61.86  ? 276 ASP A O     1 
ATOM   519  C  CB    . ASP A 1 70  ? 3.531   -14.352 0.176   1.00 63.09  ? 276 ASP A CB    1 
ATOM   520  C  CG    . ASP A 1 70  ? 4.476   -13.466 0.961   1.00 69.09  ? 276 ASP A CG    1 
ATOM   521  O  OD1   . ASP A 1 70  ? 5.686   -13.469 0.654   1.00 65.61  ? 276 ASP A OD1   1 
ATOM   522  O  OD2   . ASP A 1 70  ? 4.012   -12.773 1.893   1.00 73.46  ? 276 ASP A OD2   1 
ATOM   523  N  N     . LEU A 1 71  ? 2.629   -15.957 -2.694  1.00 59.56  ? 277 LEU A N     1 
ATOM   524  C  CA    . LEU A 1 71  ? 1.983   -17.109 -3.316  1.00 57.65  ? 277 LEU A CA    1 
ATOM   525  C  C     . LEU A 1 71  ? 3.007   -18.118 -3.816  1.00 57.88  ? 277 LEU A C     1 
ATOM   526  O  O     . LEU A 1 71  ? 2.718   -19.318 -3.884  1.00 56.58  ? 277 LEU A O     1 
ATOM   527  C  CB    . LEU A 1 71  ? 1.106   -16.662 -4.482  1.00 54.86  ? 277 LEU A CB    1 
ATOM   528  C  CG    . LEU A 1 71  ? -0.132  -15.818 -4.209  1.00 56.30  ? 277 LEU A CG    1 
ATOM   529  C  CD1   . LEU A 1 71  ? -0.778  -15.448 -5.527  1.00 49.24  ? 277 LEU A CD1   1 
ATOM   530  C  CD2   . LEU A 1 71  ? -1.105  -16.583 -3.336  1.00 59.75  ? 277 LEU A CD2   1 
ATOM   531  N  N     . LEU A 1 72  ? 4.202   -17.650 -4.177  1.00 59.91  ? 278 LEU A N     1 
ATOM   532  C  CA    . LEU A 1 72  ? 5.231   -18.522 -4.728  1.00 61.11  ? 278 LEU A CA    1 
ATOM   533  C  C     . LEU A 1 72  ? 5.784   -19.504 -3.708  1.00 63.14  ? 278 LEU A C     1 
ATOM   534  O  O     . LEU A 1 72  ? 6.473   -20.452 -4.098  1.00 70.33  ? 278 LEU A O     1 
ATOM   535  C  CB    . LEU A 1 72  ? 6.355   -17.671 -5.314  1.00 60.42  ? 278 LEU A CB    1 
ATOM   536  C  CG    . LEU A 1 72  ? 5.903   -16.938 -6.577  1.00 65.17  ? 278 LEU A CG    1 
ATOM   537  C  CD1   . LEU A 1 72  ? 6.975   -15.998 -7.102  1.00 56.09  ? 278 LEU A CD1   1 
ATOM   538  C  CD2   . LEU A 1 72  ? 5.517   -17.956 -7.632  1.00 61.94  ? 278 LEU A CD2   1 
ATOM   539  N  N     . ASP A 1 73  ? 5.499   -19.310 -2.423  1.00 62.99  ? 279 ASP A N     1 
ATOM   540  C  CA    . ASP A 1 73  ? 5.905   -20.261 -1.399  1.00 62.65  ? 279 ASP A CA    1 
ATOM   541  C  C     . ASP A 1 73  ? 4.953   -21.441 -1.272  1.00 67.50  ? 279 ASP A C     1 
ATOM   542  O  O     . ASP A 1 73  ? 5.227   -22.354 -0.486  1.00 69.62  ? 279 ASP A O     1 
ATOM   543  C  CB    . ASP A 1 73  ? 6.008   -19.565 -0.039  1.00 65.98  ? 279 ASP A CB    1 
ATOM   544  C  CG    . ASP A 1 73  ? 7.186   -18.618 0.043   1.00 75.46  ? 279 ASP A CG    1 
ATOM   545  O  OD1   . ASP A 1 73  ? 8.330   -19.066 -0.183  1.00 81.71  ? 279 ASP A OD1   1 
ATOM   546  O  OD2   . ASP A 1 73  ? 6.966   -17.424 0.333   1.00 66.99  ? 279 ASP A OD2   1 
ATOM   547  N  N     . TYR A 1 74  ? 3.850   -21.450 -2.014  1.00 66.72  ? 280 TYR A N     1 
ATOM   548  C  CA    . TYR A 1 74  ? 2.766   -22.395 -1.780  1.00 76.31  ? 280 TYR A CA    1 
ATOM   549  C  C     . TYR A 1 74  ? 2.573   -23.300 -2.982  1.00 78.53  ? 280 TYR A C     1 
ATOM   550  O  O     . TYR A 1 74  ? 2.606   -22.843 -4.131  1.00 78.36  ? 280 TYR A O     1 
ATOM   551  C  CB    . TYR A 1 74  ? 1.474   -21.660 -1.431  1.00 75.10  ? 280 TYR A CB    1 
ATOM   552  C  CG    . TYR A 1 74  ? 1.565   -21.046 -0.062  1.00 71.78  ? 280 TYR A CG    1 
ATOM   553  C  CD1   . TYR A 1 74  ? 1.400   -21.823 1.074   1.00 77.11  ? 280 TYR A CD1   1 
ATOM   554  C  CD2   . TYR A 1 74  ? 1.856   -19.700 0.098   1.00 65.74  ? 280 TYR A CD2   1 
ATOM   555  C  CE1   . TYR A 1 74  ? 1.498   -21.276 2.332   1.00 76.51  ? 280 TYR A CE1   1 
ATOM   556  C  CE2   . TYR A 1 74  ? 1.956   -19.141 1.352   1.00 67.29  ? 280 TYR A CE2   1 
ATOM   557  C  CZ    . TYR A 1 74  ? 1.777   -19.933 2.466   1.00 75.34  ? 280 TYR A CZ    1 
ATOM   558  O  OH    . TYR A 1 74  ? 1.877   -19.380 3.720   1.00 81.79  ? 280 TYR A OH    1 
ATOM   559  N  N     . TYR A 1 75  ? 2.354   -24.580 -2.702  1.00 87.57  ? 281 TYR A N     1 
ATOM   560  C  CA    . TYR A 1 75  ? 2.338   -25.609 -3.726  1.00 95.42  ? 281 TYR A CA    1 
ATOM   561  C  C     . TYR A 1 75  ? 0.935   -25.722 -4.304  1.00 99.20  ? 281 TYR A C     1 
ATOM   562  O  O     . TYR A 1 75  ? -0.036  -25.904 -3.560  1.00 97.29  ? 281 TYR A O     1 
ATOM   563  C  CB    . TYR A 1 75  ? 2.811   -26.935 -3.132  1.00 91.05  ? 281 TYR A CB    1 
ATOM   564  C  CG    . TYR A 1 75  ? 4.263   -26.910 -2.682  1.00 88.54  ? 281 TYR A CG    1 
ATOM   565  C  CD1   . TYR A 1 75  ? 5.224   -27.667 -3.337  1.00 90.57  ? 281 TYR A CD1   1 
ATOM   566  C  CD2   . TYR A 1 75  ? 4.674   -26.122 -1.607  1.00 89.85  ? 281 TYR A CD2   1 
ATOM   567  C  CE1   . TYR A 1 75  ? 6.551   -27.645 -2.932  1.00 90.62  ? 281 TYR A CE1   1 
ATOM   568  C  CE2   . TYR A 1 75  ? 5.995   -26.094 -1.200  1.00 95.03  ? 281 TYR A CE2   1 
ATOM   569  C  CZ    . TYR A 1 75  ? 6.930   -26.860 -1.869  1.00 96.34  ? 281 TYR A CZ    1 
ATOM   570  O  OH    . TYR A 1 75  ? 8.247   -26.836 -1.464  1.00 98.00  ? 281 TYR A OH    1 
ATOM   571  N  N     . CYS A 1 76  ? 0.832   -25.612 -5.631  1.00 105.64 ? 282 CYS A N     1 
ATOM   572  C  CA    . CYS A 1 76  ? -0.461  -25.687 -6.303  1.00 110.45 ? 282 CYS A CA    1 
ATOM   573  C  C     . CYS A 1 76  ? -1.199  -26.983 -5.994  1.00 109.87 ? 282 CYS A C     1 
ATOM   574  O  O     . CYS A 1 76  ? -2.420  -27.050 -6.184  1.00 109.98 ? 282 CYS A O     1 
ATOM   575  C  CB    . CYS A 1 76  ? -0.271  -25.564 -7.818  1.00 114.32 ? 282 CYS A CB    1 
ATOM   576  S  SG    . CYS A 1 76  ? 0.491   -24.020 -8.386  1.00 121.93 ? 282 CYS A SG    1 
ATOM   577  N  N     . GLU A 1 77  ? -0.484  -28.003 -5.510  1.00 113.56 ? 283 GLU A N     1 
ATOM   578  C  CA    . GLU A 1 77  ? -1.068  -29.328 -5.333  1.00 113.36 ? 283 GLU A CA    1 
ATOM   579  C  C     . GLU A 1 77  ? -2.324  -29.289 -4.468  1.00 113.58 ? 283 GLU A C     1 
ATOM   580  O  O     . GLU A 1 77  ? -3.291  -30.013 -4.737  1.00 116.18 ? 283 GLU A O     1 
ATOM   581  C  CB    . GLU A 1 77  ? -0.030  -30.276 -4.728  1.00 111.64 ? 283 GLU A CB    1 
ATOM   582  N  N     . GLU A 1 78  ? -2.341  -28.444 -3.435  1.00 111.42 ? 284 GLU A N     1 
ATOM   583  C  CA    . GLU A 1 78  ? -3.502  -28.378 -2.554  1.00 106.57 ? 284 GLU A CA    1 
ATOM   584  C  C     . GLU A 1 78  ? -3.625  -27.036 -1.840  1.00 99.45  ? 284 GLU A C     1 
ATOM   585  O  O     . GLU A 1 78  ? -4.724  -26.647 -1.431  1.00 90.86  ? 284 GLU A O     1 
ATOM   586  C  CB    . GLU A 1 78  ? -3.440  -29.507 -1.523  1.00 101.73 ? 284 GLU A CB    1 
ATOM   587  N  N     . ASP A 1 79  ? -2.509  -26.313 -1.704  1.00 99.48  ? 285 ASP A N     1 
ATOM   588  C  CA    . ASP A 1 79  ? -2.454  -25.181 -0.778  1.00 93.22  ? 285 ASP A CA    1 
ATOM   589  C  C     . ASP A 1 79  ? -3.351  -24.021 -1.194  1.00 82.52  ? 285 ASP A C     1 
ATOM   590  O  O     . ASP A 1 79  ? -3.865  -23.306 -0.327  1.00 87.18  ? 285 ASP A O     1 
ATOM   591  C  CB    . ASP A 1 79  ? -1.015  -24.681 -0.634  1.00 88.91  ? 285 ASP A CB    1 
ATOM   592  C  CG    . ASP A 1 79  ? -0.053  -25.772 -0.211  1.00 95.57  ? 285 ASP A CG    1 
ATOM   593  O  OD1   . ASP A 1 79  ? -0.512  -26.897 0.068   1.00 102.31 ? 285 ASP A OD1   1 
ATOM   594  O  OD2   . ASP A 1 79  ? 1.165   -25.497 -0.144  1.00 94.75  ? 285 ASP A OD2   1 
ATOM   595  N  N     . LEU A 1 80  ? -3.552  -23.806 -2.495  1.00 75.64  ? 286 LEU A N     1 
ATOM   596  C  CA    . LEU A 1 80  ? -4.087  -22.520 -2.933  1.00 75.71  ? 286 LEU A CA    1 
ATOM   597  C  C     . LEU A 1 80  ? -5.563  -22.355 -2.594  1.00 72.51  ? 286 LEU A C     1 
ATOM   598  O  O     . LEU A 1 80  ? -5.971  -21.290 -2.118  1.00 72.00  ? 286 LEU A O     1 
ATOM   599  C  CB    . LEU A 1 80  ? -3.843  -22.329 -4.427  1.00 75.07  ? 286 LEU A CB    1 
ATOM   600  C  CG    . LEU A 1 80  ? -2.371  -21.956 -4.650  1.00 77.65  ? 286 LEU A CG    1 
ATOM   601  C  CD1   . LEU A 1 80  ? -2.129  -21.371 -6.030  1.00 75.12  ? 286 LEU A CD1   1 
ATOM   602  C  CD2   . LEU A 1 80  ? -1.870  -21.018 -3.552  1.00 70.61  ? 286 LEU A CD2   1 
ATOM   603  N  N     . LYS A 1 81  ? -6.380  -23.380 -2.830  1.00 71.84  ? 287 LYS A N     1 
ATOM   604  C  CA    . LYS A 1 81  ? -7.729  -23.363 -2.283  1.00 71.68  ? 287 LYS A CA    1 
ATOM   605  C  C     . LYS A 1 81  ? -7.728  -23.629 -0.784  1.00 68.86  ? 287 LYS A C     1 
ATOM   606  O  O     . LYS A 1 81  ? -8.681  -23.248 -0.098  1.00 65.40  ? 287 LYS A O     1 
ATOM   607  C  CB    . LYS A 1 81  ? -8.605  -24.398 -2.992  1.00 66.00  ? 287 LYS A CB    1 
ATOM   608  N  N     . GLY A 1 82  ? -6.669  -24.254 -0.266  1.00 68.82  ? 288 GLY A N     1 
ATOM   609  C  CA    . GLY A 1 82  ? -6.610  -24.682 1.119   1.00 60.93  ? 288 GLY A CA    1 
ATOM   610  C  C     . GLY A 1 82  ? -6.238  -23.616 2.125   1.00 61.60  ? 288 GLY A C     1 
ATOM   611  O  O     . GLY A 1 82  ? -6.345  -23.866 3.329   1.00 59.80  ? 288 GLY A O     1 
ATOM   612  N  N     . ARG A 1 83  ? -5.802  -22.443 1.673   1.00 64.28  ? 289 ARG A N     1 
ATOM   613  C  CA    . ARG A 1 83  ? -5.464  -21.345 2.565   1.00 57.40  ? 289 ARG A CA    1 
ATOM   614  C  C     . ARG A 1 83  ? -6.227  -20.096 2.153   1.00 59.93  ? 289 ARG A C     1 
ATOM   615  O  O     . ARG A 1 83  ? -6.694  -19.973 1.018   1.00 61.46  ? 289 ARG A O     1 
ATOM   616  C  CB    . ARG A 1 83  ? -3.956  -21.056 2.566   1.00 62.35  ? 289 ARG A CB    1 
ATOM   617  N  N     . THR A 1 84  ? -6.344  -19.166 3.096   1.00 55.94  ? 290 THR A N     1 
ATOM   618  C  CA    . THR A 1 84  ? -6.985  -17.884 2.858   1.00 57.37  ? 290 THR A CA    1 
ATOM   619  C  C     . THR A 1 84  ? -5.956  -16.762 2.907   1.00 57.35  ? 290 THR A C     1 
ATOM   620  O  O     . THR A 1 84  ? -4.857  -16.920 3.444   1.00 59.13  ? 290 THR A O     1 
ATOM   621  C  CB    . THR A 1 84  ? -8.095  -17.616 3.883   1.00 60.93  ? 290 THR A CB    1 
ATOM   622  O  OG1   . THR A 1 84  ? -7.515  -17.379 5.172   1.00 58.39  ? 290 THR A OG1   1 
ATOM   623  C  CG2   . THR A 1 84  ? -9.041  -18.805 3.970   1.00 60.02  ? 290 THR A CG2   1 
ATOM   624  N  N     . VAL A 1 85  ? -6.335  -15.618 2.329   1.00 55.31  ? 291 VAL A N     1 
ATOM   625  C  CA    . VAL A 1 85  ? -5.471  -14.439 2.302   1.00 56.29  ? 291 VAL A CA    1 
ATOM   626  C  C     . VAL A 1 85  ? -5.027  -14.050 3.704   1.00 57.55  ? 291 VAL A C     1 
ATOM   627  O  O     . VAL A 1 85  ? -3.914  -13.541 3.895   1.00 56.98  ? 291 VAL A O     1 
ATOM   628  C  CB    . VAL A 1 85  ? -6.198  -13.275 1.591   1.00 51.81  ? 291 VAL A CB    1 
ATOM   629  C  CG1   . VAL A 1 85  ? -5.337  -12.023 1.577   1.00 55.19  ? 291 VAL A CG1   1 
ATOM   630  C  CG2   . VAL A 1 85  ? -6.578  -13.674 0.175   1.00 49.96  ? 291 VAL A CG2   1 
ATOM   631  N  N     . ALA A 1 86  ? -5.876  -14.296 4.707   1.00 57.18  ? 292 ALA A N     1 
ATOM   632  C  CA    . ALA A 1 86  ? -5.518  -13.983 6.087   1.00 63.12  ? 292 ALA A CA    1 
ATOM   633  C  C     . ALA A 1 86  ? -4.271  -14.733 6.537   1.00 63.84  ? 292 ALA A C     1 
ATOM   634  O  O     . ALA A 1 86  ? -3.530  -14.240 7.397   1.00 67.32  ? 292 ALA A O     1 
ATOM   635  C  CB    . ALA A 1 86  ? -6.687  -14.306 7.014   1.00 59.46  ? 292 ALA A CB    1 
ATOM   636  N  N     . SER A 1 87  ? -4.024  -15.921 5.976   1.00 60.05  ? 293 SER A N     1 
ATOM   637  C  CA    . SER A 1 87  ? -2.886  -16.727 6.394   1.00 60.93  ? 293 SER A CA    1 
ATOM   638  C  C     . SER A 1 87  ? -1.553  -16.137 5.958   1.00 64.42  ? 293 SER A C     1 
ATOM   639  O  O     . SER A 1 87  ? -0.516  -16.561 6.474   1.00 68.91  ? 293 SER A O     1 
ATOM   640  C  CB    . SER A 1 87  ? -3.024  -18.149 5.849   1.00 63.06  ? 293 SER A CB    1 
ATOM   641  O  OG    . SER A 1 87  ? -2.590  -18.227 4.501   1.00 63.44  ? 293 SER A OG    1 
ATOM   642  N  N     . ILE A 1 88  ? -1.549  -15.185 5.028   1.00 58.92  ? 294 ILE A N     1 
ATOM   643  C  CA    . ILE A 1 88  ? -0.315  -14.599 4.526   1.00 61.94  ? 294 ILE A CA    1 
ATOM   644  C  C     . ILE A 1 88  ? -0.283  -13.086 4.746   1.00 62.40  ? 294 ILE A C     1 
ATOM   645  O  O     . ILE A 1 88  ? 0.591   -12.403 4.222   1.00 64.41  ? 294 ILE A O     1 
ATOM   646  C  CB    . ILE A 1 88  ? -0.104  -14.930 3.037   1.00 64.74  ? 294 ILE A CB    1 
ATOM   647  C  CG1   . ILE A 1 88  ? -1.146  -14.242 2.162   1.00 58.78  ? 294 ILE A CG1   1 
ATOM   648  C  CG2   . ILE A 1 88  ? -0.155  -16.445 2.822   1.00 61.15  ? 294 ILE A CG2   1 
ATOM   649  C  CD1   . ILE A 1 88  ? -0.805  -14.275 0.685   1.00 60.36  ? 294 ILE A CD1   1 
ATOM   650  N  N     . THR A 1 89  ? -1.215  -12.557 5.534   1.00 62.72  ? 295 THR A N     1 
ATOM   651  C  CA    . THR A 1 89  ? -1.424  -11.117 5.631   1.00 63.56  ? 295 THR A CA    1 
ATOM   652  C  C     . THR A 1 89  ? -0.480  -10.493 6.654   1.00 66.29  ? 295 THR A C     1 
ATOM   653  O  O     . THR A 1 89  ? -0.405  -10.945 7.802   1.00 68.85  ? 295 THR A O     1 
ATOM   654  C  CB    . THR A 1 89  ? -2.876  -10.819 6.009   1.00 58.95  ? 295 THR A CB    1 
ATOM   655  O  OG1   . THR A 1 89  ? -3.732  -11.173 4.918   1.00 59.21  ? 295 THR A OG1   1 
ATOM   656  C  CG2   . THR A 1 89  ? -3.056  -9.347  6.319   1.00 62.27  ? 295 THR A CG2   1 
ATOM   657  N  N     . HIS A 1 90  ? 0.246   -9.425  6.228   1.00 62.73  ? 296 HIS A N     1 
ATOM   658  C  CA    . HIS A 1 90  ? 1.146   -8.675  7.091   1.00 66.89  ? 296 HIS A CA    1 
ATOM   659  C  C     . HIS A 1 90  ? 0.405   -7.518  7.757   1.00 67.57  ? 296 HIS A C     1 
ATOM   660  O  O     . HIS A 1 90  ? -0.565  -6.995  7.201   1.00 64.55  ? 296 HIS A O     1 
ATOM   661  C  CB    . HIS A 1 90  ? 2.328   -8.145  6.286   1.00 70.21  ? 296 HIS A CB    1 
ATOM   662  C  CG    . HIS A 1 90  ? 3.149   -9.224  5.654   1.00 67.35  ? 296 HIS A CG    1 
ATOM   663  N  ND1   . HIS A 1 90  ? 3.996   -10.034 6.379   1.00 78.13  ? 296 HIS A ND1   1 
ATOM   664  C  CD2   . HIS A 1 90  ? 3.236   -9.642  4.369   1.00 71.45  ? 296 HIS A CD2   1 
ATOM   665  C  CE1   . HIS A 1 90  ? 4.578   -10.897 5.566   1.00 74.83  ? 296 HIS A CE1   1 
ATOM   666  N  NE2   . HIS A 1 90  ? 4.136   -10.680 4.340   1.00 73.69  ? 296 HIS A NE2   1 
ATOM   667  N  N     . PRO A 1 91  ? 0.824   -7.100  8.950   1.00 66.12  ? 297 PRO A N     1 
ATOM   668  C  CA    . PRO A 1 91  ? 0.075   -6.073  9.686   1.00 59.77  ? 297 PRO A CA    1 
ATOM   669  C  C     . PRO A 1 91  ? 0.148   -4.730  8.988   1.00 69.44  ? 297 PRO A C     1 
ATOM   670  O  O     . PRO A 1 91  ? 1.200   -4.353  8.448   1.00 72.52  ? 297 PRO A O     1 
ATOM   671  C  CB    . PRO A 1 91  ? 0.774   -6.035  11.052  1.00 69.57  ? 297 PRO A CB    1 
ATOM   672  C  CG    . PRO A 1 91  ? 2.151   -6.529  10.785  1.00 66.86  ? 297 PRO A CG    1 
ATOM   673  C  CD    . PRO A 1 91  ? 2.024   -7.543  9.684   1.00 64.59  ? 297 PRO A CD    1 
ATOM   674  N  N     . PRO A 1 92  ? -0.944  -3.971  8.984   1.00 72.39  ? 298 PRO A N     1 
ATOM   675  C  CA    . PRO A 1 92  ? -0.963  -2.707  8.250   1.00 67.32  ? 298 PRO A CA    1 
ATOM   676  C  C     . PRO A 1 92  ? -0.332  -1.571  9.038   1.00 64.19  ? 298 PRO A C     1 
ATOM   677  O  O     . PRO A 1 92  ? -0.352  -1.540  10.271  1.00 71.33  ? 298 PRO A O     1 
ATOM   678  C  CB    . PRO A 1 92  ? -2.460  -2.460  8.035   1.00 69.50  ? 298 PRO A CB    1 
ATOM   679  C  CG    . PRO A 1 92  ? -3.088  -3.045  9.267   1.00 68.08  ? 298 PRO A CG    1 
ATOM   680  C  CD    . PRO A 1 92  ? -2.218  -4.221  9.683   1.00 65.48  ? 298 PRO A CD    1 
ATOM   681  N  N     . TYR A 1 93  ? 0.242   -0.631  8.298   1.00 67.60  ? 299 TYR A N     1 
ATOM   682  C  CA    . TYR A 1 93  ? 0.804   0.592   8.858   1.00 66.49  ? 299 TYR A CA    1 
ATOM   683  C  C     . TYR A 1 93  ? -0.088  1.748   8.421   1.00 66.13  ? 299 TYR A C     1 
ATOM   684  O  O     . TYR A 1 93  ? -0.107  2.115   7.241   1.00 67.62  ? 299 TYR A O     1 
ATOM   685  C  CB    . TYR A 1 93  ? 2.251   0.796   8.407   1.00 69.08  ? 299 TYR A CB    1 
ATOM   686  C  CG    . TYR A 1 93  ? 2.810   2.159   8.736   1.00 70.70  ? 299 TYR A CG    1 
ATOM   687  C  CD1   . TYR A 1 93  ? 2.689   2.686   10.014  1.00 72.97  ? 299 TYR A CD1   1 
ATOM   688  C  CD2   . TYR A 1 93  ? 3.478   2.910   7.777   1.00 61.88  ? 299 TYR A CD2   1 
ATOM   689  C  CE1   . TYR A 1 93  ? 3.198   3.930   10.325  1.00 72.16  ? 299 TYR A CE1   1 
ATOM   690  C  CE2   . TYR A 1 93  ? 3.997   4.157   8.081   1.00 64.10  ? 299 TYR A CE2   1 
ATOM   691  C  CZ    . TYR A 1 93  ? 3.854   4.660   9.358   1.00 71.71  ? 299 TYR A CZ    1 
ATOM   692  O  OH    . TYR A 1 93  ? 4.361   5.898   9.674   1.00 76.19  ? 299 TYR A OH    1 
ATOM   693  N  N     . PHE A 1 94  ? -0.838  2.304   9.367   1.00 69.10  ? 300 PHE A N     1 
ATOM   694  C  CA    . PHE A 1 94  ? -1.767  3.390   9.085   1.00 66.92  ? 300 PHE A CA    1 
ATOM   695  C  C     . PHE A 1 94  ? -1.089  4.737   9.303   1.00 68.57  ? 300 PHE A C     1 
ATOM   696  O  O     . PHE A 1 94  ? -0.341  4.917   10.269  1.00 67.63  ? 300 PHE A O     1 
ATOM   697  C  CB    . PHE A 1 94  ? -3.007  3.294   9.976   1.00 61.41  ? 300 PHE A CB    1 
ATOM   698  C  CG    . PHE A 1 94  ? -3.803  2.027   9.795   1.00 66.21  ? 300 PHE A CG    1 
ATOM   699  C  CD1   . PHE A 1 94  ? -4.500  1.787   8.621   1.00 65.01  ? 300 PHE A CD1   1 
ATOM   700  C  CD2   . PHE A 1 94  ? -3.872  1.085   10.810  1.00 70.57  ? 300 PHE A CD2   1 
ATOM   701  C  CE1   . PHE A 1 94  ? -5.238  0.625   8.460   1.00 60.45  ? 300 PHE A CE1   1 
ATOM   702  C  CE2   . PHE A 1 94  ? -4.608  -0.072  10.654  1.00 70.18  ? 300 PHE A CE2   1 
ATOM   703  C  CZ    . PHE A 1 94  ? -5.293  -0.306  9.479   1.00 62.11  ? 300 PHE A CZ    1 
ATOM   704  N  N     . VAL A 1 95  ? -1.352  5.677   8.400   1.00 66.44  ? 301 VAL A N     1 
ATOM   705  C  CA    . VAL A 1 95  ? -0.888  7.051   8.582   1.00 70.44  ? 301 VAL A CA    1 
ATOM   706  C  C     . VAL A 1 95  ? -2.072  7.996   8.431   1.00 71.82  ? 301 VAL A C     1 
ATOM   707  O  O     . VAL A 1 95  ? -2.975  7.738   7.618   1.00 71.60  ? 301 VAL A O     1 
ATOM   708  C  CB    . VAL A 1 95  ? 0.241   7.411   7.600   1.00 65.61  ? 301 VAL A CB    1 
ATOM   709  C  CG1   . VAL A 1 95  ? 1.463   6.555   7.857   1.00 71.23  ? 301 VAL A CG1   1 
ATOM   710  C  CG2   . VAL A 1 95  ? -0.227  7.271   6.156   1.00 66.45  ? 301 VAL A CG2   1 
ATOM   711  N  N     . PRO A 1 96  ? -2.124  9.081   9.200   1.00 76.29  ? 302 PRO A N     1 
ATOM   712  C  CA    . PRO A 1 96  ? -3.197  10.061  9.022   1.00 72.68  ? 302 PRO A CA    1 
ATOM   713  C  C     . PRO A 1 96  ? -3.125  10.741  7.663   1.00 72.44  ? 302 PRO A C     1 
ATOM   714  O  O     . PRO A 1 96  ? -2.089  10.773  6.995   1.00 77.71  ? 302 PRO A O     1 
ATOM   715  C  CB    . PRO A 1 96  ? -2.962  11.062  10.160  1.00 76.63  ? 302 PRO A CB    1 
ATOM   716  C  CG    . PRO A 1 96  ? -1.549  10.833  10.594  1.00 76.58  ? 302 PRO A CG    1 
ATOM   717  C  CD    . PRO A 1 96  ? -1.304  9.373   10.386  1.00 76.85  ? 302 PRO A CD    1 
ATOM   718  N  N     . GLU A 1 97  ? -4.265  11.304  7.271   1.00 75.58  ? 303 GLU A N     1 
ATOM   719  C  CA    . GLU A 1 97  ? -4.430  11.906  5.957   1.00 77.29  ? 303 GLU A CA    1 
ATOM   720  C  C     . GLU A 1 97  ? -3.658  13.211  5.813   1.00 82.06  ? 303 GLU A C     1 
ATOM   721  O  O     . GLU A 1 97  ? -3.356  13.615  4.688   1.00 81.33  ? 303 GLU A O     1 
ATOM   722  C  CB    . GLU A 1 97  ? -5.925  12.114  5.726   1.00 81.66  ? 303 GLU A CB    1 
ATOM   723  C  CG    . GLU A 1 97  ? -6.373  12.488  4.339   1.00 82.27  ? 303 GLU A CG    1 
ATOM   724  C  CD    . GLU A 1 97  ? -7.888  12.510  4.253   1.00 92.00  ? 303 GLU A CD    1 
ATOM   725  O  OE1   . GLU A 1 97  ? -8.530  12.327  5.306   1.00 87.27  ? 303 GLU A OE1   1 
ATOM   726  O  OE2   . GLU A 1 97  ? -8.430  12.701  3.148   1.00 99.53  ? 303 GLU A OE2   1 
ATOM   727  N  N     . ASN A 1 98  ? -3.313  13.859  6.924   1.00 79.41  ? 304 ASN A N     1 
ATOM   728  C  CA    . ASN A 1 98  ? -2.596  15.127  6.911   1.00 83.72  ? 304 ASN A CA    1 
ATOM   729  C  C     . ASN A 1 98  ? -1.132  14.987  7.313   1.00 83.01  ? 304 ASN A C     1 
ATOM   730  O  O     . ASN A 1 98  ? -0.468  16.002  7.549   1.00 85.05  ? 304 ASN A O     1 
ATOM   731  C  CB    . ASN A 1 98  ? -3.307  16.135  7.819   1.00 84.47  ? 304 ASN A CB    1 
ATOM   732  C  CG    . ASN A 1 98  ? -3.234  15.758  9.287   1.00 86.24  ? 304 ASN A CG    1 
ATOM   733  O  OD1   . ASN A 1 98  ? -2.178  15.835  9.915   1.00 91.80  ? 304 ASN A OD1   1 
ATOM   734  N  ND2   . ASN A 1 98  ? -4.362  15.321  9.835   1.00 91.00  ? 304 ASN A ND2   1 
ATOM   735  N  N     . MET A 1 99  ? -0.615  13.765  7.404   1.00 81.99  ? 305 MET A N     1 
ATOM   736  C  CA    . MET A 1 99  ? 0.805   13.577  7.665   1.00 80.00  ? 305 MET A CA    1 
ATOM   737  C  C     . MET A 1 99  ? 1.620   14.031  6.460   1.00 77.26  ? 305 MET A C     1 
ATOM   738  O  O     . MET A 1 99  ? 1.245   13.789  5.308   1.00 72.95  ? 305 MET A O     1 
ATOM   739  C  CB    . MET A 1 99  ? 1.106   12.110  7.985   1.00 79.11  ? 305 MET A CB    1 
ATOM   740  C  CG    . MET A 1 99  ? 2.585   11.814  8.209   1.00 78.23  ? 305 MET A CG    1 
ATOM   741  S  SD    . MET A 1 99  ? 2.991   10.052  8.121   1.00 81.55  ? 305 MET A SD    1 
ATOM   742  C  CE    . MET A 1 99  ? 2.930   9.596   9.852   1.00 75.44  ? 305 MET A CE    1 
ATOM   743  N  N     . ASP A 1 100 ? 2.737   14.700  6.726   1.00 72.31  ? 306 ASP A N     1 
ATOM   744  C  CA    . ASP A 1 100 ? 3.572   15.218  5.655   1.00 77.84  ? 306 ASP A CA    1 
ATOM   745  C  C     . ASP A 1 100 ? 4.409   14.104  5.034   1.00 79.81  ? 306 ASP A C     1 
ATOM   746  O  O     . ASP A 1 100 ? 4.801   13.140  5.703   1.00 75.85  ? 306 ASP A O     1 
ATOM   747  C  CB    . ASP A 1 100 ? 4.475   16.334  6.178   1.00 79.37  ? 306 ASP A CB    1 
ATOM   748  C  CG    . ASP A 1 100 ? 5.432   15.855  7.249   1.00 82.19  ? 306 ASP A CG    1 
ATOM   749  O  OD1   . ASP A 1 100 ? 4.963   15.516  8.356   1.00 86.08  ? 306 ASP A OD1   1 
ATOM   750  O  OD2   . ASP A 1 100 ? 6.650   15.828  6.989   1.00 81.30  ? 306 ASP A OD2   1 
ATOM   751  N  N     . ALA A 1 101 ? 4.677   14.249  3.730   1.00 75.49  ? 307 ALA A N     1 
ATOM   752  C  CA    . ALA A 1 101 ? 5.427   13.233  2.998   1.00 73.32  ? 307 ALA A CA    1 
ATOM   753  C  C     . ALA A 1 101 ? 6.811   13.011  3.593   1.00 81.02  ? 307 ALA A C     1 
ATOM   754  O  O     . ALA A 1 101 ? 7.334   11.892  3.547   1.00 81.90  ? 307 ALA A O     1 
ATOM   755  C  CB    . ALA A 1 101 ? 5.544   13.627  1.527   1.00 68.41  ? 307 ALA A CB    1 
ATOM   756  N  N     . TRP A 1 102 ? 7.417   14.060  4.151   1.00 78.57  ? 308 TRP A N     1 
ATOM   757  C  CA    . TRP A 1 102 ? 8.727   13.913  4.778   1.00 76.73  ? 308 TRP A CA    1 
ATOM   758  C  C     . TRP A 1 102 ? 8.678   12.898  5.913   1.00 75.91  ? 308 TRP A C     1 
ATOM   759  O  O     . TRP A 1 102 ? 9.509   11.986  5.980   1.00 76.27  ? 308 TRP A O     1 
ATOM   760  C  CB    . TRP A 1 102 ? 9.219   15.263  5.296   1.00 82.37  ? 308 TRP A CB    1 
ATOM   761  C  CG    . TRP A 1 102 ? 10.466  15.129  6.102   1.00 83.46  ? 308 TRP A CG    1 
ATOM   762  C  CD1   . TRP A 1 102 ? 10.553  14.955  7.450   1.00 84.93  ? 308 TRP A CD1   1 
ATOM   763  C  CD2   . TRP A 1 102 ? 11.811  15.147  5.613   1.00 81.96  ? 308 TRP A CD2   1 
ATOM   764  N  NE1   . TRP A 1 102 ? 11.867  14.864  7.834   1.00 83.47  ? 308 TRP A NE1   1 
ATOM   765  C  CE2   . TRP A 1 102 ? 12.660  14.982  6.724   1.00 83.94  ? 308 TRP A CE2   1 
ATOM   766  C  CE3   . TRP A 1 102 ? 12.379  15.290  4.344   1.00 86.65  ? 308 TRP A CE3   1 
ATOM   767  C  CZ2   . TRP A 1 102 ? 14.046  14.956  6.607   1.00 87.79  ? 308 TRP A CZ2   1 
ATOM   768  C  CZ3   . TRP A 1 102 ? 13.763  15.264  4.225   1.00 91.71  ? 308 TRP A CZ3   1 
ATOM   769  C  CH2   . TRP A 1 102 ? 14.579  15.097  5.350   1.00 85.99  ? 308 TRP A CH2   1 
ATOM   770  N  N     . SER A 1 103 ? 7.717   13.055  6.826   1.00 74.37  ? 309 SER A N     1 
ATOM   771  C  CA    . SER A 1 103 ? 7.607   12.131  7.949   1.00 73.06  ? 309 SER A CA    1 
ATOM   772  C  C     . SER A 1 103 ? 7.295   10.721  7.471   1.00 75.67  ? 309 SER A C     1 
ATOM   773  O  O     . SER A 1 103 ? 7.753   9.739   8.067   1.00 68.49  ? 309 SER A O     1 
ATOM   774  C  CB    . SER A 1 103 ? 6.535   12.619  8.924   1.00 76.20  ? 309 SER A CB    1 
ATOM   775  O  OG    . SER A 1 103 ? 6.910   13.846  9.526   1.00 81.74  ? 309 SER A OG    1 
ATOM   776  N  N     . LEU A 1 104 ? 6.528   10.601  6.385   1.00 72.31  ? 310 LEU A N     1 
ATOM   777  C  CA    . LEU A 1 104 ? 6.181   9.282   5.869   1.00 75.72  ? 310 LEU A CA    1 
ATOM   778  C  C     . LEU A 1 104 ? 7.417   8.541   5.370   1.00 72.32  ? 310 LEU A C     1 
ATOM   779  O  O     . LEU A 1 104 ? 7.613   7.359   5.682   1.00 70.65  ? 310 LEU A O     1 
ATOM   780  C  CB    . LEU A 1 104 ? 5.143   9.410   4.758   1.00 70.82  ? 310 LEU A CB    1 
ATOM   781  C  CG    . LEU A 1 104 ? 4.866   8.082   4.058   1.00 69.92  ? 310 LEU A CG    1 
ATOM   782  C  CD1   . LEU A 1 104 ? 4.150   7.135   5.003   1.00 68.91  ? 310 LEU A CD1   1 
ATOM   783  C  CD2   . LEU A 1 104 ? 4.050   8.313   2.811   1.00 68.63  ? 310 LEU A CD2   1 
ATOM   784  N  N     . LEU A 1 105 ? 8.265   9.220   4.588   1.00 71.26  ? 311 LEU A N     1 
ATOM   785  C  CA    . LEU A 1 105 ? 9.482   8.574   4.100   1.00 74.67  ? 311 LEU A CA    1 
ATOM   786  C  C     . LEU A 1 105 ? 10.406  8.176   5.247   1.00 76.37  ? 311 LEU A C     1 
ATOM   787  O  O     . LEU A 1 105 ? 11.056  7.126   5.195   1.00 71.41  ? 311 LEU A O     1 
ATOM   788  C  CB    . LEU A 1 105 ? 10.205  9.484   3.104   1.00 71.30  ? 311 LEU A CB    1 
ATOM   789  C  CG    . LEU A 1 105 ? 11.536  8.972   2.546   1.00 77.67  ? 311 LEU A CG    1 
ATOM   790  C  CD1   . LEU A 1 105 ? 11.379  7.635   1.790   1.00 77.93  ? 311 LEU A CD1   1 
ATOM   791  C  CD2   . LEU A 1 105 ? 12.124  10.044  1.614   1.00 78.24  ? 311 LEU A CD2   1 
ATOM   792  N  N     . LYS A 1 106 ? 10.478  9.000   6.292   1.00 75.58  ? 312 LYS A N     1 
ATOM   793  C  CA    . LYS A 1 106 ? 11.269  8.631   7.460   1.00 75.77  ? 312 LYS A CA    1 
ATOM   794  C  C     . LYS A 1 106 ? 10.757  7.335   8.073   1.00 75.53  ? 312 LYS A C     1 
ATOM   795  O  O     . LYS A 1 106 ? 11.535  6.414   8.350   1.00 81.07  ? 312 LYS A O     1 
ATOM   796  C  CB    . LYS A 1 106 ? 11.244  9.762   8.490   1.00 68.41  ? 312 LYS A CB    1 
ATOM   797  N  N     . GLU A 1 107 ? 9.438   7.235   8.261   1.00 80.00  ? 313 GLU A N     1 
ATOM   798  C  CA    . GLU A 1 107 ? 8.873   6.071   8.934   1.00 78.06  ? 313 GLU A CA    1 
ATOM   799  C  C     . GLU A 1 107 ? 8.841   4.843   8.031   1.00 78.40  ? 313 GLU A C     1 
ATOM   800  O  O     . GLU A 1 107 ? 8.999   3.719   8.521   1.00 80.76  ? 313 GLU A O     1 
ATOM   801  C  CB    . GLU A 1 107 ? 7.472   6.394   9.445   1.00 77.78  ? 313 GLU A CB    1 
ATOM   802  C  CG    . GLU A 1 107 ? 7.454   7.306   10.662  1.00 85.80  ? 313 GLU A CG    1 
ATOM   803  C  CD    . GLU A 1 107 ? 7.609   6.542   11.963  1.00 92.53  ? 313 GLU A CD    1 
ATOM   804  O  OE1   . GLU A 1 107 ? 7.101   5.403   12.051  1.00 94.29  ? 313 GLU A OE1   1 
ATOM   805  O  OE2   . GLU A 1 107 ? 8.238   7.081   12.899  1.00 98.78  ? 313 GLU A OE2   1 
ATOM   806  N  N     . LEU A 1 108 ? 8.629   5.024   6.722   1.00 74.53  ? 314 LEU A N     1 
ATOM   807  C  CA    . LEU A 1 108 ? 8.656   3.877   5.816   1.00 75.22  ? 314 LEU A CA    1 
ATOM   808  C  C     . LEU A 1 108 ? 10.027  3.213   5.811   1.00 79.81  ? 314 LEU A C     1 
ATOM   809  O  O     . LEU A 1 108 ? 10.128  1.979   5.797   1.00 80.02  ? 314 LEU A O     1 
ATOM   810  C  CB    . LEU A 1 108 ? 8.267   4.294   4.395   1.00 70.23  ? 314 LEU A CB    1 
ATOM   811  C  CG    . LEU A 1 108 ? 6.836   4.741   4.106   1.00 69.81  ? 314 LEU A CG    1 
ATOM   812  C  CD1   . LEU A 1 108 ? 6.668   5.050   2.624   1.00 62.58  ? 314 LEU A CD1   1 
ATOM   813  C  CD2   . LEU A 1 108 ? 5.839   3.685   4.556   1.00 71.01  ? 314 LEU A CD2   1 
ATOM   814  N  N     . ARG A 1 109 ? 11.094  4.015   5.818   1.00 80.95  ? 315 ARG A N     1 
ATOM   815  C  CA    . ARG A 1 109 ? 12.442  3.461   5.867   1.00 80.01  ? 315 ARG A CA    1 
ATOM   816  C  C     . ARG A 1 109 ? 12.702  2.764   7.196   1.00 79.44  ? 315 ARG A C     1 
ATOM   817  O  O     . ARG A 1 109 ? 13.177  1.623   7.228   1.00 83.66  ? 315 ARG A O     1 
ATOM   818  C  CB    . ARG A 1 109 ? 13.470  4.567   5.633   1.00 65.22  ? 315 ARG A CB    1 
ATOM   819  N  N     . ARG A 1 110 ? 12.396  3.439   8.307   1.00 77.66  ? 316 ARG A N     1 
ATOM   820  C  CA    . ARG A 1 110 ? 12.628  2.854   9.625   1.00 81.40  ? 316 ARG A CA    1 
ATOM   821  C  C     . ARG A 1 110 ? 11.809  1.583   9.817   1.00 86.82  ? 316 ARG A C     1 
ATOM   822  O  O     . ARG A 1 110 ? 12.333  0.552   10.252  1.00 87.23  ? 316 ARG A O     1 
ATOM   823  C  CB    . ARG A 1 110 ? 12.291  3.863   10.721  1.00 87.16  ? 316 ARG A CB    1 
ATOM   824  C  CG    . ARG A 1 110 ? 12.462  3.303   12.121  1.00 92.34  ? 316 ARG A CG    1 
ATOM   825  C  CD    . ARG A 1 110 ? 12.523  4.395   13.178  1.00 95.02  ? 316 ARG A CD    1 
ATOM   826  N  NE    . ARG A 1 110 ? 11.201  4.708   13.725  1.00 100.02 ? 316 ARG A NE    1 
ATOM   827  C  CZ    . ARG A 1 110 ? 10.425  3.858   14.395  1.00 104.57 ? 316 ARG A CZ    1 
ATOM   828  N  NH1   . ARG A 1 110 ? 10.825  2.618   14.641  1.00 99.21  ? 316 ARG A NH1   1 
ATOM   829  N  NH2   . ARG A 1 110 ? 9.241   4.260   14.839  1.00 102.79 ? 316 ARG A NH2   1 
ATOM   830  N  N     . ARG A 1 111 ? 10.516  1.640   9.499   1.00 86.57  ? 317 ARG A N     1 
ATOM   831  C  CA    . ARG A 1 111 ? 9.645   0.494   9.732   1.00 84.02  ? 317 ARG A CA    1 
ATOM   832  C  C     . ARG A 1 111 ? 9.930   -0.661  8.786   1.00 80.66  ? 317 ARG A C     1 
ATOM   833  O  O     . ARG A 1 111 ? 9.442   -1.770  9.027   1.00 82.15  ? 317 ARG A O     1 
ATOM   834  C  CB    . ARG A 1 111 ? 8.181   0.912   9.604   1.00 79.74  ? 317 ARG A CB    1 
ATOM   835  C  CG    . ARG A 1 111 ? 7.614   1.523   10.868  1.00 86.93  ? 317 ARG A CG    1 
ATOM   836  C  CD    . ARG A 1 111 ? 6.461   2.458   10.561  1.00 84.42  ? 317 ARG A CD    1 
ATOM   837  N  NE    . ARG A 1 111 ? 5.943   3.097   11.768  1.00 82.54  ? 317 ARG A NE    1 
ATOM   838  C  CZ    . ARG A 1 111 ? 5.216   2.477   12.693  1.00 86.31  ? 317 ARG A CZ    1 
ATOM   839  N  NH1   . ARG A 1 111 ? 4.903   1.196   12.552  1.00 86.37  ? 317 ARG A NH1   1 
ATOM   840  N  NH2   . ARG A 1 111 ? 4.793   3.144   13.757  1.00 84.74  ? 317 ARG A NH2   1 
ATOM   841  N  N     . LYS A 1 112 ? 10.708  -0.430  7.727   1.00 81.70  ? 318 LYS A N     1 
ATOM   842  C  CA    . LYS A 1 112 ? 11.015  -1.454  6.728   1.00 80.43  ? 318 LYS A CA    1 
ATOM   843  C  C     . LYS A 1 112 ? 9.744   -1.967  6.056   1.00 77.18  ? 318 LYS A C     1 
ATOM   844  O  O     . LYS A 1 112 ? 9.574   -3.168  5.833   1.00 80.72  ? 318 LYS A O     1 
ATOM   845  C  CB    . LYS A 1 112 ? 11.817  -2.607  7.334   1.00 82.89  ? 318 LYS A CB    1 
ATOM   846  N  N     . VAL A 1 113 ? 8.839   -1.046  5.733   1.00 79.96  ? 319 VAL A N     1 
ATOM   847  C  CA    . VAL A 1 113 ? 7.613   -1.358  5.011   1.00 74.76  ? 319 VAL A CA    1 
ATOM   848  C  C     . VAL A 1 113 ? 7.530   -0.449  3.794   1.00 72.88  ? 319 VAL A C     1 
ATOM   849  O  O     . VAL A 1 113 ? 8.057   0.668   3.795   1.00 71.47  ? 319 VAL A O     1 
ATOM   850  C  CB    . VAL A 1 113 ? 6.356   -1.205  5.899   1.00 72.68  ? 319 VAL A CB    1 
ATOM   851  N  N     . HIS A 1 114 ? 6.858   -0.935  2.749   1.00 69.43  ? 320 HIS A N     1 
ATOM   852  C  CA    . HIS A 1 114 ? 6.793   -0.226  1.481   1.00 66.98  ? 320 HIS A CA    1 
ATOM   853  C  C     . HIS A 1 114 ? 5.455   0.457   1.240   1.00 71.74  ? 320 HIS A C     1 
ATOM   854  O  O     . HIS A 1 114 ? 5.391   1.371   0.411   1.00 68.72  ? 320 HIS A O     1 
ATOM   855  C  CB    . HIS A 1 114 ? 7.084   -1.194  0.326   1.00 67.74  ? 320 HIS A CB    1 
ATOM   856  C  CG    . HIS A 1 114 ? 7.277   -0.520  -0.999  1.00 73.91  ? 320 HIS A CG    1 
ATOM   857  N  ND1   . HIS A 1 114 ? 6.325   0.294   -1.570  1.00 74.99  ? 320 HIS A ND1   1 
ATOM   858  C  CD2   . HIS A 1 114 ? 8.317   -0.544  -1.865  1.00 75.02  ? 320 HIS A CD2   1 
ATOM   859  C  CE1   . HIS A 1 114 ? 6.768   0.748   -2.728  1.00 71.43  ? 320 HIS A CE1   1 
ATOM   860  N  NE2   . HIS A 1 114 ? 7.975   0.252   -2.933  1.00 78.22  ? 320 HIS A NE2   1 
ATOM   861  N  N     . MET A 1 115 ? 4.394   0.041   1.928   1.00 65.88  ? 321 MET A N     1 
ATOM   862  C  CA    . MET A 1 115 ? 3.054   0.559   1.687   1.00 65.84  ? 321 MET A CA    1 
ATOM   863  C  C     . MET A 1 115 ? 2.396   0.916   3.010   1.00 61.55  ? 321 MET A C     1 
ATOM   864  O  O     . MET A 1 115 ? 2.412   0.117   3.951   1.00 67.75  ? 321 MET A O     1 
ATOM   865  C  CB    . MET A 1 115 ? 2.196   -0.461  0.935   1.00 59.38  ? 321 MET A CB    1 
ATOM   866  C  CG    . MET A 1 115 ? 0.699   -0.267  1.134   1.00 61.77  ? 321 MET A CG    1 
ATOM   867  S  SD    . MET A 1 115 ? -0.316  -1.323  0.083   1.00 57.37  ? 321 MET A SD    1 
ATOM   868  C  CE    . MET A 1 115 ? 0.432   -1.034  -1.517  1.00 58.92  ? 321 MET A CE    1 
ATOM   869  N  N     . ALA A 1 116 ? 1.810   2.109   3.068   1.00 61.11  ? 322 ALA A N     1 
ATOM   870  C  CA    . ALA A 1 116 ? 1.061   2.576   4.222   1.00 66.03  ? 322 ALA A CA    1 
ATOM   871  C  C     . ALA A 1 116 ? -0.398  2.795   3.842   1.00 66.12  ? 322 ALA A C     1 
ATOM   872  O  O     . ALA A 1 116 ? -0.711  3.184   2.714   1.00 61.37  ? 322 ALA A O     1 
ATOM   873  C  CB    . ALA A 1 116 ? 1.655   3.875   4.775   1.00 64.91  ? 322 ALA A CB    1 
ATOM   874  N  N     . ILE A 1 117 ? -1.290  2.538   4.793   1.00 66.79  ? 323 ILE A N     1 
ATOM   875  C  CA    . ILE A 1 117 ? -2.721  2.751   4.603   1.00 64.41  ? 323 ILE A CA    1 
ATOM   876  C  C     . ILE A 1 117 ? -3.073  4.122   5.169   1.00 69.16  ? 323 ILE A C     1 
ATOM   877  O  O     . ILE A 1 117 ? -2.831  4.396   6.349   1.00 69.36  ? 323 ILE A O     1 
ATOM   878  C  CB    . ILE A 1 117 ? -3.546  1.646   5.280   1.00 69.60  ? 323 ILE A CB    1 
ATOM   879  C  CG1   . ILE A 1 117 ? -3.112  0.263   4.794   1.00 62.33  ? 323 ILE A CG1   1 
ATOM   880  C  CG2   . ILE A 1 117 ? -5.031  1.855   5.023   1.00 67.03  ? 323 ILE A CG2   1 
ATOM   881  C  CD1   . ILE A 1 117 ? -3.145  0.101   3.290   1.00 60.63  ? 323 ILE A CD1   1 
ATOM   882  N  N     . VAL A 1 118 ? -3.641  4.986   4.335   1.00 59.89  ? 324 VAL A N     1 
ATOM   883  C  CA    . VAL A 1 118 ? -3.976  6.345   4.744   1.00 71.15  ? 324 VAL A CA    1 
ATOM   884  C  C     . VAL A 1 118 ? -5.436  6.376   5.177   1.00 69.88  ? 324 VAL A C     1 
ATOM   885  O  O     . VAL A 1 118 ? -6.335  6.051   4.394   1.00 65.03  ? 324 VAL A O     1 
ATOM   886  C  CB    . VAL A 1 118 ? -3.711  7.350   3.614   1.00 64.74  ? 324 VAL A CB    1 
ATOM   887  N  N     . VAL A 1 119 ? -5.669  6.772   6.423   1.00 67.95  ? 325 VAL A N     1 
ATOM   888  C  CA    . VAL A 1 119 ? -7.004  6.787   7.009   1.00 71.89  ? 325 VAL A CA    1 
ATOM   889  C  C     . VAL A 1 119 ? -7.582  8.190   6.894   1.00 72.60  ? 325 VAL A C     1 
ATOM   890  O  O     . VAL A 1 119 ? -6.851  9.187   6.864   1.00 73.85  ? 325 VAL A O     1 
ATOM   891  C  CB    . VAL A 1 119 ? -6.970  6.307   8.476   1.00 70.82  ? 325 VAL A CB    1 
ATOM   892  C  CG1   . VAL A 1 119 ? -6.252  4.970   8.570   1.00 68.71  ? 325 VAL A CG1   1 
ATOM   893  C  CG2   . VAL A 1 119 ? -6.291  7.341   9.362   1.00 77.52  ? 325 VAL A CG2   1 
ATOM   894  N  N     . ASP A 1 120 ? -8.905  8.271   6.814   1.00 74.44  ? 326 ASP A N     1 
ATOM   895  C  CA    . ASP A 1 120 ? -9.564  9.561   6.697   1.00 75.44  ? 326 ASP A CA    1 
ATOM   896  C  C     . ASP A 1 120 ? -9.904  10.122  8.075   1.00 74.66  ? 326 ASP A C     1 
ATOM   897  O  O     . ASP A 1 120 ? -9.767  9.454   9.099   1.00 67.45  ? 326 ASP A O     1 
ATOM   898  C  CB    . ASP A 1 120 ? -10.796 9.453   5.783   1.00 75.09  ? 326 ASP A CB    1 
ATOM   899  C  CG    . ASP A 1 120 ? -12.007 8.780   6.443   1.00 83.18  ? 326 ASP A CG    1 
ATOM   900  O  OD1   . ASP A 1 120 ? -12.096 8.658   7.682   1.00 87.03  ? 326 ASP A OD1   1 
ATOM   901  O  OD2   . ASP A 1 120 ? -12.907 8.356   5.686   1.00 77.39  ? 326 ASP A OD2   1 
ATOM   902  N  N     . GLU A 1 121 ? -10.369 11.374  8.082   1.00 81.22  ? 327 GLU A N     1 
ATOM   903  C  CA    . GLU A 1 121 ? -10.641 12.083  9.328   1.00 85.03  ? 327 GLU A CA    1 
ATOM   904  C  C     . GLU A 1 121 ? -11.672 11.375  10.201  1.00 81.14  ? 327 GLU A C     1 
ATOM   905  O  O     . GLU A 1 121 ? -11.746 11.651  11.405  1.00 83.09  ? 327 GLU A O     1 
ATOM   906  C  CB    . GLU A 1 121 ? -11.142 13.496  9.023   1.00 91.09  ? 327 GLU A CB    1 
ATOM   907  C  CG    . GLU A 1 121 ? -10.195 14.359  8.196   1.00 96.62  ? 327 GLU A CG    1 
ATOM   908  C  CD    . GLU A 1 121 ? -9.190  15.123  9.034   1.00 104.29 ? 327 GLU A CD    1 
ATOM   909  O  OE1   . GLU A 1 121 ? -8.144  14.544  9.405   1.00 102.31 ? 327 GLU A OE1   1 
ATOM   910  O  OE2   . GLU A 1 121 ? -9.444  16.312  9.323   1.00 107.49 ? 327 GLU A OE2   1 
ATOM   911  N  N     . PHE A 1 122 ? -12.472 10.473  9.629   1.00 79.69  ? 328 PHE A N     1 
ATOM   912  C  CA    . PHE A 1 122 ? -13.633 9.908   10.309  1.00 82.93  ? 328 PHE A CA    1 
ATOM   913  C  C     . PHE A 1 122 ? -13.496 8.420   10.614  1.00 85.14  ? 328 PHE A C     1 
ATOM   914  O  O     . PHE A 1 122 ? -14.467 7.802   11.060  1.00 90.91  ? 328 PHE A O     1 
ATOM   915  C  CB    . PHE A 1 122 ? -14.899 10.160  9.484   1.00 77.88  ? 328 PHE A CB    1 
ATOM   916  C  CG    . PHE A 1 122 ? -15.007 11.561  8.951   1.00 75.77  ? 328 PHE A CG    1 
ATOM   917  C  CD1   . PHE A 1 122 ? -15.602 12.556  9.708   1.00 73.66  ? 328 PHE A CD1   1 
ATOM   918  C  CD2   . PHE A 1 122 ? -14.531 11.881  7.687   1.00 78.41  ? 328 PHE A CD2   1 
ATOM   919  C  CE1   . PHE A 1 122 ? -15.712 13.847  9.223   1.00 77.95  ? 328 PHE A CE1   1 
ATOM   920  C  CE2   . PHE A 1 122 ? -14.638 13.170  7.197   1.00 80.37  ? 328 PHE A CE2   1 
ATOM   921  C  CZ    . PHE A 1 122 ? -15.230 14.152  7.968   1.00 78.02  ? 328 PHE A CZ    1 
ATOM   922  N  N     . GLY A 1 123 ? -12.325 7.827   10.381  1.00 85.83  ? 329 GLY A N     1 
ATOM   923  C  CA    . GLY A 1 123 ? -12.062 6.463   10.787  1.00 81.75  ? 329 GLY A CA    1 
ATOM   924  C  C     . GLY A 1 123 ? -12.068 5.438   9.673   1.00 79.36  ? 329 GLY A C     1 
ATOM   925  O  O     . GLY A 1 123 ? -11.757 4.268   9.933   1.00 77.97  ? 329 GLY A O     1 
ATOM   926  N  N     . GLY A 1 124 ? -12.412 5.831   8.455   1.00 75.81  ? 330 GLY A N     1 
ATOM   927  C  CA    . GLY A 1 124 ? -12.406 4.954   7.306   1.00 70.89  ? 330 GLY A CA    1 
ATOM   928  C  C     . GLY A 1 124 ? -11.099 5.013   6.544   1.00 70.49  ? 330 GLY A C     1 
ATOM   929  O  O     . GLY A 1 124 ? -10.060 5.427   7.073   1.00 68.27  ? 330 GLY A O     1 
ATOM   930  N  N     . THR A 1 125 ? -11.151 4.606   5.279   1.00 64.17  ? 331 THR A N     1 
ATOM   931  C  CA    . THR A 1 125 ? -9.970  4.509   4.433   1.00 63.85  ? 331 THR A CA    1 
ATOM   932  C  C     . THR A 1 125 ? -10.020 5.592   3.363   1.00 62.96  ? 331 THR A C     1 
ATOM   933  O  O     . THR A 1 125 ? -10.969 5.645   2.577   1.00 69.15  ? 331 THR A O     1 
ATOM   934  C  CB    . THR A 1 125 ? -9.875  3.125   3.790   1.00 63.87  ? 331 THR A CB    1 
ATOM   935  O  OG1   . THR A 1 125 ? -9.655  2.139   4.808   1.00 67.51  ? 331 THR A OG1   1 
ATOM   936  C  CG2   . THR A 1 125 ? -8.730  3.078   2.785   1.00 60.22  ? 331 THR A CG2   1 
ATOM   937  N  N     . ALA A 1 126 ? -9.003  6.452   3.344   1.00 61.03  ? 332 ALA A N     1 
ATOM   938  C  CA    . ALA A 1 126 ? -8.844  7.435   2.283   1.00 65.46  ? 332 ALA A CA    1 
ATOM   939  C  C     . ALA A 1 126 ? -8.074  6.884   1.096   1.00 66.16  ? 332 ALA A C     1 
ATOM   940  O  O     . ALA A 1 126 ? -8.318  7.306   -0.042  1.00 63.76  ? 332 ALA A O     1 
ATOM   941  C  CB    . ALA A 1 126 ? -8.142  8.685   2.821   1.00 62.62  ? 332 ALA A CB    1 
ATOM   942  N  N     . GLY A 1 127 ? -7.156  5.953   1.337   1.00 59.59  ? 333 GLY A N     1 
ATOM   943  C  CA    . GLY A 1 127 ? -6.379  5.374   0.253   1.00 60.66  ? 333 GLY A CA    1 
ATOM   944  C  C     . GLY A 1 127 ? -5.120  4.697   0.767   1.00 63.95  ? 333 GLY A C     1 
ATOM   945  O  O     . GLY A 1 127 ? -5.018  4.351   1.953   1.00 60.83  ? 333 GLY A O     1 
ATOM   946  N  N     . LEU A 1 128 ? -4.171  4.501   -0.146  1.00 63.78  ? 334 LEU A N     1 
ATOM   947  C  CA    . LEU A 1 128 ? -2.863  3.946   0.167   1.00 65.07  ? 334 LEU A CA    1 
ATOM   948  C  C     . LEU A 1 128 ? -1.787  4.866   -0.388  1.00 64.67  ? 334 LEU A C     1 
ATOM   949  O  O     . LEU A 1 128 ? -2.044  5.723   -1.238  1.00 62.33  ? 334 LEU A O     1 
ATOM   950  C  CB    . LEU A 1 128 ? -2.685  2.528   -0.410  1.00 59.65  ? 334 LEU A CB    1 
ATOM   951  C  CG    . LEU A 1 128 ? -2.860  2.302   -1.919  1.00 61.17  ? 334 LEU A CG    1 
ATOM   952  C  CD1   . LEU A 1 128 ? -1.576  2.558   -2.711  1.00 58.69  ? 334 LEU A CD1   1 
ATOM   953  C  CD2   . LEU A 1 128 ? -3.376  0.895   -2.189  1.00 63.81  ? 334 LEU A CD2   1 
ATOM   954  N  N     . VAL A 1 129 ? -0.565  4.661   0.096   1.00 58.30  ? 335 VAL A N     1 
ATOM   955  C  CA    . VAL A 1 129 ? 0.597   5.413   -0.362  1.00 62.97  ? 335 VAL A CA    1 
ATOM   956  C  C     . VAL A 1 129 ? 1.822   4.531   -0.177  1.00 66.96  ? 335 VAL A C     1 
ATOM   957  O  O     . VAL A 1 129 ? 1.972   3.857   0.846   1.00 61.61  ? 335 VAL A O     1 
ATOM   958  C  CB    . VAL A 1 129 ? 0.724   6.768   0.375   1.00 56.76  ? 335 VAL A CB    1 
ATOM   959  C  CG1   . VAL A 1 129 ? 1.141   6.565   1.825   1.00 59.62  ? 335 VAL A CG1   1 
ATOM   960  C  CG2   . VAL A 1 129 ? 1.688   7.695   -0.346  1.00 65.00  ? 335 VAL A CG2   1 
ATOM   961  N  N     . THR A 1 130 ? 2.678   4.504   -1.189  1.00 68.86  ? 336 THR A N     1 
ATOM   962  C  CA    . THR A 1 130 ? 3.842   3.636   -1.190  1.00 72.01  ? 336 THR A CA    1 
ATOM   963  C  C     . THR A 1 130 ? 5.107   4.476   -1.208  1.00 76.89  ? 336 THR A C     1 
ATOM   964  O  O     . THR A 1 130 ? 5.068   5.685   -1.460  1.00 72.92  ? 336 THR A O     1 
ATOM   965  C  CB    . THR A 1 130 ? 3.845   2.699   -2.397  1.00 62.98  ? 336 THR A CB    1 
ATOM   966  O  OG1   . THR A 1 130 ? 3.986   3.468   -3.590  1.00 69.40  ? 336 THR A OG1   1 
ATOM   967  C  CG2   . THR A 1 130 ? 2.520   1.927   -2.461  1.00 66.67  ? 336 THR A CG2   1 
ATOM   968  N  N     . LEU A 1 131 ? 6.235   3.810   -0.943  1.00 69.76  ? 337 LEU A N     1 
ATOM   969  C  CA    . LEU A 1 131 ? 7.522   4.487   -1.051  1.00 74.05  ? 337 LEU A CA    1 
ATOM   970  C  C     . LEU A 1 131 ? 7.750   5.053   -2.450  1.00 72.25  ? 337 LEU A C     1 
ATOM   971  O  O     . LEU A 1 131 ? 8.392   6.102   -2.597  1.00 70.57  ? 337 LEU A O     1 
ATOM   972  C  CB    . LEU A 1 131 ? 8.651   3.530   -0.671  1.00 78.76  ? 337 LEU A CB    1 
ATOM   973  N  N     . GLU A 1 132 ? 7.224   4.391   -3.490  1.00 65.49  ? 338 GLU A N     1 
ATOM   974  C  CA    . GLU A 1 132 ? 7.385   4.923   -4.841  1.00 68.85  ? 338 GLU A CA    1 
ATOM   975  C  C     . GLU A 1 132 ? 6.674   6.260   -5.003  1.00 77.22  ? 338 GLU A C     1 
ATOM   976  O  O     . GLU A 1 132 ? 7.191   7.167   -5.664  1.00 79.44  ? 338 GLU A O     1 
ATOM   977  C  CB    . GLU A 1 132 ? 6.890   3.926   -5.896  1.00 62.31  ? 338 GLU A CB    1 
ATOM   978  C  CG    . GLU A 1 132 ? 7.257   4.363   -7.326  1.00 75.78  ? 338 GLU A CG    1 
ATOM   979  C  CD    . GLU A 1 132 ? 6.633   3.507   -8.419  1.00 79.96  ? 338 GLU A CD    1 
ATOM   980  O  OE1   . GLU A 1 132 ? 7.276   2.530   -8.853  1.00 89.13  ? 338 GLU A OE1   1 
ATOM   981  O  OE2   . GLU A 1 132 ? 5.493   3.792   -8.838  1.00 86.98  ? 338 GLU A OE2   1 
ATOM   982  N  N     . ASP A 1 133 ? 5.479   6.402   -4.421  1.00 72.07  ? 339 ASP A N     1 
ATOM   983  C  CA    . ASP A 1 133 ? 4.797   7.692   -4.473  1.00 75.72  ? 339 ASP A CA    1 
ATOM   984  C  C     . ASP A 1 133 ? 5.642   8.782   -3.834  1.00 74.89  ? 339 ASP A C     1 
ATOM   985  O  O     . ASP A 1 133 ? 5.737   9.897   -4.359  1.00 75.01  ? 339 ASP A O     1 
ATOM   986  C  CB    . ASP A 1 133 ? 3.433   7.599   -3.794  1.00 70.85  ? 339 ASP A CB    1 
ATOM   987  C  CG    . ASP A 1 133 ? 2.505   6.654   -4.512  1.00 71.50  ? 339 ASP A CG    1 
ATOM   988  O  OD1   . ASP A 1 133 ? 2.315   6.837   -5.736  1.00 65.54  ? 339 ASP A OD1   1 
ATOM   989  O  OD2   . ASP A 1 133 ? 1.956   5.739   -3.863  1.00 66.49  ? 339 ASP A OD2   1 
ATOM   990  N  N     . VAL A 1 134 ? 6.270   8.474   -2.700  1.00 74.05  ? 340 VAL A N     1 
ATOM   991  C  CA    . VAL A 1 134 ? 7.147   9.447   -2.056  1.00 76.28  ? 340 VAL A CA    1 
ATOM   992  C  C     . VAL A 1 134 ? 8.379   9.703   -2.916  1.00 78.52  ? 340 VAL A C     1 
ATOM   993  O  O     . VAL A 1 134 ? 8.843   10.844  -3.041  1.00 81.10  ? 340 VAL A O     1 
ATOM   994  C  CB    . VAL A 1 134 ? 7.534   8.967   -0.648  1.00 78.84  ? 340 VAL A CB    1 
ATOM   995  C  CG1   . VAL A 1 134 ? 8.292   10.055  0.088   1.00 81.10  ? 340 VAL A CG1   1 
ATOM   996  C  CG2   . VAL A 1 134 ? 6.296   8.552   0.117   1.00 79.55  ? 340 VAL A CG2   1 
ATOM   997  N  N     . ILE A 1 135 ? 8.922   8.648   -3.528  1.00 76.01  ? 341 ILE A N     1 
ATOM   998  C  CA    . ILE A 1 135 ? 10.103  8.795   -4.375  1.00 76.91  ? 341 ILE A CA    1 
ATOM   999  C  C     . ILE A 1 135 ? 9.801   9.689   -5.574  1.00 79.87  ? 341 ILE A C     1 
ATOM   1000 O  O     . ILE A 1 135 ? 10.617  10.540  -5.956  1.00 79.78  ? 341 ILE A O     1 
ATOM   1001 C  CB    . ILE A 1 135 ? 10.621  7.413   -4.815  1.00 77.08  ? 341 ILE A CB    1 
ATOM   1002 C  CG1   . ILE A 1 135 ? 11.298  6.692   -3.646  1.00 78.35  ? 341 ILE A CG1   1 
ATOM   1003 C  CG2   . ILE A 1 135 ? 11.575  7.541   -5.994  1.00 77.76  ? 341 ILE A CG2   1 
ATOM   1004 C  CD1   . ILE A 1 135 ? 12.388  7.500   -2.979  1.00 80.34  ? 341 ILE A CD1   1 
ATOM   1005 N  N     . GLU A 1 136 ? 8.620   9.522   -6.176  1.00 79.47  ? 342 GLU A N     1 
ATOM   1006 C  CA    . GLU A 1 136 ? 8.287   10.283  -7.375  1.00 83.90  ? 342 GLU A CA    1 
ATOM   1007 C  C     . GLU A 1 136 ? 8.132   11.772  -7.117  1.00 81.48  ? 342 GLU A C     1 
ATOM   1008 O  O     . GLU A 1 136 ? 8.288   12.563  -8.047  1.00 87.52  ? 342 GLU A O     1 
ATOM   1009 C  CB    . GLU A 1 136 ? 7.017   9.742   -8.004  1.00 83.55  ? 342 GLU A CB    1 
ATOM   1010 C  CG    . GLU A 1 136 ? 7.213   8.399   -8.638  1.00 88.35  ? 342 GLU A CG    1 
ATOM   1011 C  CD    . GLU A 1 136 ? 5.930   7.820   -9.123  1.00 93.53  ? 342 GLU A CD    1 
ATOM   1012 O  OE1   . GLU A 1 136 ? 4.987   8.596   -9.413  1.00 103.55 ? 342 GLU A OE1   1 
ATOM   1013 O  OE2   . GLU A 1 136 ? 5.843   6.571   -9.230  1.00 91.61  ? 342 GLU A OE2   1 
ATOM   1014 N  N     . GLU A 1 137 ? 7.832   12.183  -5.890  1.00 80.35  ? 343 GLU A N     1 
ATOM   1015 C  CA    . GLU A 1 137 ? 7.871   13.607  -5.585  1.00 83.84  ? 343 GLU A CA    1 
ATOM   1016 C  C     . GLU A 1 137 ? 9.286   14.140  -5.663  1.00 82.78  ? 343 GLU A C     1 
ATOM   1017 O  O     . GLU A 1 137 ? 9.503   15.253  -6.154  1.00 83.92  ? 343 GLU A O     1 
ATOM   1018 C  CB    . GLU A 1 137 ? 7.261   13.887  -4.212  1.00 81.08  ? 343 GLU A CB    1 
ATOM   1019 C  CG    . GLU A 1 137 ? 5.790   13.585  -4.172  1.00 80.78  ? 343 GLU A CG    1 
ATOM   1020 C  CD    . GLU A 1 137 ? 5.004   14.516  -5.082  1.00 85.03  ? 343 GLU A CD    1 
ATOM   1021 O  OE1   . GLU A 1 137 ? 5.342   15.719  -5.152  1.00 91.06  ? 343 GLU A OE1   1 
ATOM   1022 O  OE2   . GLU A 1 137 ? 4.080   14.026  -5.757  1.00 92.15  ? 343 GLU A OE2   1 
ATOM   1023 N  N     . ILE A 1 138 ? 10.261  13.361  -5.200  1.00 80.60  ? 344 ILE A N     1 
ATOM   1024 C  CA    . ILE A 1 138 ? 11.638  13.814  -5.285  1.00 74.40  ? 344 ILE A CA    1 
ATOM   1025 C  C     . ILE A 1 138 ? 12.125  13.735  -6.730  1.00 79.00  ? 344 ILE A C     1 
ATOM   1026 O  O     . ILE A 1 138 ? 12.620  14.718  -7.287  1.00 77.82  ? 344 ILE A O     1 
ATOM   1027 C  CB    . ILE A 1 138 ? 12.529  13.006  -4.327  1.00 79.92  ? 344 ILE A CB    1 
ATOM   1028 C  CG1   . ILE A 1 138 ? 12.031  13.200  -2.891  1.00 84.17  ? 344 ILE A CG1   1 
ATOM   1029 C  CG2   . ILE A 1 138 ? 13.989  13.474  -4.479  1.00 76.24  ? 344 ILE A CG2   1 
ATOM   1030 C  CD1   . ILE A 1 138 ? 12.591  12.211  -1.889  1.00 80.40  ? 344 ILE A CD1   1 
ATOM   1031 N  N     . VAL A 1 139 ? 11.930  12.587  -7.378  1.00 82.85  ? 345 VAL A N     1 
ATOM   1032 C  CA    . VAL A 1 139 ? 12.616  12.274  -8.631  1.00 83.11  ? 345 VAL A CA    1 
ATOM   1033 C  C     . VAL A 1 139 ? 11.769  12.582  -9.865  1.00 83.22  ? 345 VAL A C     1 
ATOM   1034 O  O     . VAL A 1 139 ? 12.293  13.058  -10.878 1.00 84.86  ? 345 VAL A O     1 
ATOM   1035 C  CB    . VAL A 1 139 ? 13.075  10.802  -8.618  1.00 78.46  ? 345 VAL A CB    1 
ATOM   1036 C  CG1   . VAL A 1 139 ? 13.525  10.344  -10.003 1.00 84.43  ? 345 VAL A CG1   1 
ATOM   1037 C  CG2   . VAL A 1 139 ? 14.182  10.611  -7.592  1.00 77.00  ? 345 VAL A CG2   1 
ATOM   1038 N  N     . GLY A 1 140 ? 10.469  12.308  -9.805  1.00 83.73  ? 346 GLY A N     1 
ATOM   1039 C  CA    . GLY A 1 140 ? 9.602   12.603  -10.932 1.00 87.72  ? 346 GLY A CA    1 
ATOM   1040 C  C     . GLY A 1 140 ? 8.440   11.646  -11.097 1.00 97.23  ? 346 GLY A C     1 
ATOM   1041 O  O     . GLY A 1 140 ? 7.386   11.826  -10.481 1.00 100.40 ? 346 GLY A O     1 
ATOM   1042 N  N     . GLU A 1 141 ? 8.614   10.625  -11.935 1.00 94.15  ? 347 GLU A N     1 
ATOM   1043 C  CA    . GLU A 1 141 ? 7.587   9.608   -12.118 1.00 92.21  ? 347 GLU A CA    1 
ATOM   1044 C  C     . GLU A 1 141 ? 8.250   8.345   -12.646 1.00 95.03  ? 347 GLU A C     1 
ATOM   1045 O  O     . GLU A 1 141 ? 9.033   8.408   -13.600 1.00 96.54  ? 347 GLU A O     1 
ATOM   1046 C  CB    . GLU A 1 141 ? 6.491   10.086  -13.075 1.00 86.10  ? 347 GLU A CB    1 
ATOM   1047 N  N     . ILE A 1 142 ? 7.934   7.209   -12.032 1.00 92.15  ? 348 ILE A N     1 
ATOM   1048 C  CA    . ILE A 1 142 ? 8.615   5.960   -12.349 1.00 91.45  ? 348 ILE A CA    1 
ATOM   1049 C  C     . ILE A 1 142 ? 7.624   4.907   -12.838 1.00 88.36  ? 348 ILE A C     1 
ATOM   1050 O  O     . ILE A 1 142 ? 6.776   4.430   -12.081 1.00 92.01  ? 348 ILE A O     1 
ATOM   1051 C  CB    . ILE A 1 142 ? 9.405   5.450   -11.129 1.00 90.87  ? 348 ILE A CB    1 
ATOM   1052 C  CG1   . ILE A 1 142 ? 10.662  6.295   -10.927 1.00 81.03  ? 348 ILE A CG1   1 
ATOM   1053 C  CG2   . ILE A 1 142 ? 9.797   3.994   -11.311 1.00 83.86  ? 348 ILE A CG2   1 
ATOM   1054 C  CD1   . ILE A 1 142 ? 11.210  6.247   -9.518  1.00 74.67  ? 348 ILE A CD1   1 
HETATM 1055 P  PG    . ATP B 2 .   ? 6.617   -3.184  -7.025  1.00 61.71  ? 401 ATP A PG    1 
HETATM 1056 O  O1G   . ATP B 2 .   ? 6.428   -4.517  -7.695  1.00 59.02  ? 401 ATP A O1G   1 
HETATM 1057 O  O2G   . ATP B 2 .   ? 7.058   -2.088  -7.971  1.00 63.29  ? 401 ATP A O2G   1 
HETATM 1058 O  O3G   . ATP B 2 .   ? 7.432   -3.216  -5.763  1.00 64.37  ? 401 ATP A O3G   1 
HETATM 1059 P  PB    . ATP B 2 .   ? 3.951   -2.165  -7.434  1.00 55.34  ? 401 ATP A PB    1 
HETATM 1060 O  O1B   . ATP B 2 .   ? 4.441   -1.713  -8.773  1.00 64.58  ? 401 ATP A O1B   1 
HETATM 1061 O  O2B   . ATP B 2 .   ? 2.795   -3.150  -7.371  1.00 64.01  ? 401 ATP A O2B   1 
HETATM 1062 O  O3B   . ATP B 2 .   ? 5.155   -2.712  -6.505  1.00 74.98  ? 401 ATP A O3B   1 
HETATM 1063 P  PA    . ATP B 2 .   ? 4.416   0.432   -6.425  1.00 66.71  ? 401 ATP A PA    1 
HETATM 1064 O  O1A   . ATP B 2 .   ? 5.480   0.430   -7.503  1.00 71.54  ? 401 ATP A O1A   1 
HETATM 1065 O  O2A   . ATP B 2 .   ? 4.845   0.569   -4.994  1.00 62.30  ? 401 ATP A O2A   1 
HETATM 1066 O  O3A   . ATP B 2 .   ? 3.490   -0.881  -6.578  1.00 63.85  ? 401 ATP A O3A   1 
HETATM 1067 O  "O5'" . ATP B 2 .   ? 3.346   1.583   -6.765  1.00 62.84  ? 401 ATP A "O5'" 1 
HETATM 1068 C  "C5'" . ATP B 2 .   ? 3.079   2.012   -8.091  1.00 62.36  ? 401 ATP A "C5'" 1 
HETATM 1069 C  "C4'" . ATP B 2 .   ? 1.831   2.891   -8.058  1.00 69.72  ? 401 ATP A "C4'" 1 
HETATM 1070 O  "O4'" . ATP B 2 .   ? 0.657   2.082   -7.949  1.00 60.40  ? 401 ATP A "O4'" 1 
HETATM 1071 C  "C3'" . ATP B 2 .   ? 1.855   3.802   -6.844  1.00 70.47  ? 401 ATP A "C3'" 1 
HETATM 1072 O  "O3'" . ATP B 2 .   ? 1.370   5.088   -7.234  1.00 63.59  ? 401 ATP A "O3'" 1 
HETATM 1073 C  "C2'" . ATP B 2 .   ? 0.874   3.185   -5.864  1.00 62.53  ? 401 ATP A "C2'" 1 
HETATM 1074 O  "O2'" . ATP B 2 .   ? 0.182   4.189   -5.118  1.00 66.90  ? 401 ATP A "O2'" 1 
HETATM 1075 C  "C1'" . ATP B 2 .   ? -0.068  2.402   -6.758  1.00 56.67  ? 401 ATP A "C1'" 1 
HETATM 1076 N  N9    . ATP B 2 .   ? -0.494  1.149   -6.092  1.00 60.32  ? 401 ATP A N9    1 
HETATM 1077 C  C8    . ATP B 2 .   ? 0.302   0.301   -5.413  1.00 62.49  ? 401 ATP A C8    1 
HETATM 1078 N  N7    . ATP B 2 .   ? -0.406  -0.746  -4.928  1.00 58.56  ? 401 ATP A N7    1 
HETATM 1079 C  C5    . ATP B 2 .   ? -1.686  -0.571  -5.298  1.00 64.22  ? 401 ATP A C5    1 
HETATM 1080 C  C6    . ATP B 2 .   ? -2.958  -1.305  -5.119  1.00 58.99  ? 401 ATP A C6    1 
HETATM 1081 N  N6    . ATP B 2 .   ? -2.997  -2.466  -4.428  1.00 51.08  ? 401 ATP A N6    1 
HETATM 1082 N  N1    . ATP B 2 .   ? -4.075  -0.776  -5.667  1.00 59.13  ? 401 ATP A N1    1 
HETATM 1083 C  C2    . ATP B 2 .   ? -4.049  0.384   -6.359  1.00 55.01  ? 401 ATP A C2    1 
HETATM 1084 N  N3    . ATP B 2 .   ? -2.927  1.101   -6.561  1.00 62.06  ? 401 ATP A N3    1 
HETATM 1085 C  C4    . ATP B 2 .   ? -1.741  0.685   -6.059  1.00 62.59  ? 401 ATP A C4    1 
HETATM 1086 MG MG    . MG  C 3 .   ? 4.542   5.119   -10.316 1.00 78.84  ? 402 MG  A MG    1 
HETATM 1087 MG MG    . MG  D 3 .   ? 6.597   -0.431  -10.135 1.00 73.84  ? 403 MG  A MG    1 
HETATM 1088 O  O     . HOH E 4 .   ? 7.628   0.583   -8.503  1.00 75.76  ? 501 HOH A O     1 
HETATM 1089 O  O     . HOH E 4 .   ? 1.570   -11.415 1.736   1.00 61.44  ? 502 HOH A O     1 
HETATM 1090 O  O     . HOH E 4 .   ? 6.878   -4.104  -10.059 1.00 71.97  ? 503 HOH A O     1 
HETATM 1091 O  O     . HOH E 4 .   ? 3.727   -23.437 -6.267  1.00 73.16  ? 504 HOH A O     1 
HETATM 1092 O  O     . HOH E 4 .   ? 1.541   -2.785  -5.095  1.00 52.92  ? 505 HOH A O     1 
HETATM 1093 O  O     . HOH E 4 .   ? -11.354 -8.002  -4.838  1.00 59.26  ? 506 HOH A O     1 
HETATM 1094 O  O     . HOH E 4 .   ? 4.591   -9.301  -3.938  1.00 55.14  ? 507 HOH A O     1 
HETATM 1095 O  O     . HOH E 4 .   ? 5.501   -1.567  -11.639 1.00 85.23  ? 508 HOH A O     1 
HETATM 1096 O  O     . HOH E 4 .   ? 2.610   -21.307 -7.337  1.00 74.76  ? 509 HOH A O     1 
# 
